data_4F5C
#
_entry.id   4F5C
#
_cell.length_a   220.859
_cell.length_b   87.938
_cell.length_c   176.912
_cell.angle_alpha   90.00
_cell.angle_beta   90.54
_cell.angle_gamma   90.00
#
_symmetry.space_group_name_H-M   'C 1 2 1'
#
loop_
_entity.id
_entity.type
_entity.pdbx_description
1 polymer 'Aminopeptidase N'
2 polymer 'PRCV spike protein'
3 branched 2-acetamido-2-deoxy-beta-D-glucopyranose-(1-4)-2-acetamido-2-deoxy-beta-D-glucopyranose
4 non-polymer 'ZINC ION'
5 non-polymer 2-acetamido-2-deoxy-beta-D-glucopyranose
6 water water
#
loop_
_entity_poly.entity_id
_entity_poly.type
_entity_poly.pdbx_seq_one_letter_code
_entity_poly.pdbx_strand_id
1 'polypeptide(L)'
;YPYDVPDYAGAQPARSPEKNKNAEHVPQAPTSPTITTTAAITLDQSKPWNRYRLPTTLLPDSYNVTLRPYLTPNADGLYI
FKGKSIVRFICQEPTDVIIIHSKKLNYTTQGHMVVLRGVGDSQVPEIDRTELVELTEYLVVHLKGSLQPGHMYEMESEFQ
GELADDLAGFYRSEYMEGNVKKVLATTQMQSTDARKSFPCFDEPAMKATFNITLIHPNNLTALSNMPPKGSSTPLAEDPN
WSVTEFETTPVMSTYLLAYIVSEFQSVNETAQNGVLIRIWARPNAIAEGHGMYALNVTGPILNFFANHYNTSYPLPKSDQ
IALPDFNAGAMENWGLVTYRENALLFDPQSSSISNKERVVTVIAHELAHQWFGNLVTLAWWNDLWLNEGFASYVEYLGAD
HAEPTWNLKDLIVPGDVYRVMAVDALASSHPLTTPAEEVNTPAQISEMFDSISYSKGASVIRMLSNFLTEDLFKEGLASY
LHAFAYQNTTYLDLWEHLQKAVDAQTSIRLPDTVRAIMDRWTLQMGFPVITVDTKTGNISQKHFLLDSESNVTRSSAFDY
LWIVPISSIKNGVMQDHYWLRDVSQAQNDLFKTASDDWVLLNVNVTGYFQVNYDEDNWRMIQHQLQTNLSVIPVINRAQV
IYDSFNLATAHMVPVTLALDNTLFLNGEKEYMPWQAALSSLSYFSLMFDRSEVYGPMKKYLRKQVEPLFQHFETLTKNWT
ERPENLMDQYSEINAISTACSNGLPQCENLAKTLFDQWMSDPENNPIHPNLRSTIYCNAIAQGGQDQWDFAWGQLQQAQL
VNEADKLRSALACSNEVWLLNRYLGYTLNPDLIRKQDATSTINSIASNVIGQPLAWDFVQSNWKKLFQDYGGGSFSFSNL
IQGVTRRFSSEFELQQLEQFKKNNMDVGFGSGTRALEQALEKTKANIKWVKENKEVVLNWFIEHSLVPRGSDYKDDDDK
;
A,B
2 'polypeptide(L)'
;DKFPTSVVSNCTDQCASYVANVFTTQPGGFIPSDFSFNNWFLLTNSSTLVSGKLVTKQPLLVNCLWPVPSFEEAASTFCF
EGADFDQCNGAVLNNTVDVIRFNLNFTTNVQSGKGATVFSLNTTGGVTLEISCYNDTVSDSSFSSYGEIPFGVTNGPRYC
YVLYNGTALKYLGTLPPSVKEIAISKWGHFYINGYNFFSTFPIDCISFNLTTGDSDVFWTIAYTSYTEALVQVENTAITN
VTYCNSYVNNIKCSQLTANLNNGFYPVSSSEVGSVNKSVVLLPSFLTHTIVNITIGLGMKRSGYGQPIASTLSNITLPMQ
DNNTDVYCVRSDQFSVYVHSTCKSALWDNVFKRNCTDVLDATAVIKTGTCPFSFDKLNNYLTFNKFCLSLSPVGANCKFD
VAARTRTNDQVVRSLYVIYEEGDSIVLVPRGSDYKDDDDK
;
E,F
#
# COMPACT_ATOMS: atom_id res chain seq x y z
N LEU A 43 -26.92 -44.80 4.85
CA LEU A 43 -28.29 -44.40 4.59
C LEU A 43 -29.11 -45.58 4.06
N ASP A 44 -30.42 -45.38 3.96
CA ASP A 44 -31.31 -46.44 3.50
C ASP A 44 -31.83 -46.13 2.09
N GLN A 45 -31.08 -46.57 1.09
CA GLN A 45 -31.43 -46.29 -0.30
C GLN A 45 -32.53 -47.20 -0.85
N SER A 46 -33.59 -46.57 -1.33
CA SER A 46 -34.72 -47.24 -1.95
C SER A 46 -35.52 -46.15 -2.62
N LYS A 47 -35.24 -44.91 -2.20
CA LYS A 47 -35.84 -43.71 -2.77
C LYS A 47 -34.74 -42.92 -3.46
N PRO A 48 -35.04 -42.42 -4.68
CA PRO A 48 -34.02 -41.80 -5.54
C PRO A 48 -33.35 -40.58 -4.95
N TRP A 49 -33.34 -40.45 -3.62
CA TRP A 49 -32.60 -39.36 -2.99
C TRP A 49 -31.73 -39.87 -1.84
N ASN A 50 -31.49 -41.18 -1.82
CA ASN A 50 -30.55 -41.78 -0.90
C ASN A 50 -29.43 -42.48 -1.67
N ARG A 51 -29.49 -42.38 -3.00
CA ARG A 51 -28.43 -42.87 -3.85
C ARG A 51 -27.70 -41.68 -4.47
N TYR A 52 -26.40 -41.81 -4.66
CA TYR A 52 -25.55 -40.66 -5.00
C TYR A 52 -25.68 -40.12 -6.42
N ARG A 53 -26.41 -40.81 -7.29
CA ARG A 53 -26.52 -40.39 -8.68
C ARG A 53 -27.88 -39.83 -9.06
N LEU A 54 -27.88 -38.78 -9.88
CA LEU A 54 -29.11 -38.19 -10.38
C LEU A 54 -29.85 -39.17 -11.27
N PRO A 55 -31.17 -39.29 -11.07
CA PRO A 55 -31.98 -40.19 -11.88
C PRO A 55 -32.08 -39.68 -13.32
N THR A 56 -32.39 -40.57 -14.25
CA THR A 56 -32.43 -40.24 -15.67
C THR A 56 -33.78 -39.67 -16.10
N THR A 57 -34.59 -39.26 -15.14
CA THR A 57 -35.95 -38.83 -15.42
C THR A 57 -36.02 -37.49 -16.16
N LEU A 58 -35.30 -36.49 -15.67
CA LEU A 58 -35.36 -35.16 -16.27
C LEU A 58 -34.00 -34.56 -16.62
N LEU A 59 -33.95 -33.86 -17.75
CA LEU A 59 -32.72 -33.26 -18.26
C LEU A 59 -32.83 -31.74 -18.39
N PRO A 60 -31.77 -31.02 -18.00
CA PRO A 60 -31.73 -29.57 -18.09
C PRO A 60 -31.55 -29.08 -19.52
N ASP A 61 -32.27 -28.03 -19.89
CA ASP A 61 -32.14 -27.42 -21.20
C ASP A 61 -31.24 -26.19 -21.12
N SER A 62 -31.54 -25.30 -20.17
CA SER A 62 -30.82 -24.04 -20.04
C SER A 62 -31.07 -23.39 -18.68
N TYR A 63 -30.10 -22.60 -18.22
CA TYR A 63 -30.23 -21.88 -16.97
C TYR A 63 -30.16 -20.36 -17.17
N ASN A 64 -30.99 -19.64 -16.43
CA ASN A 64 -30.86 -18.20 -16.27
C ASN A 64 -30.34 -17.97 -14.86
N VAL A 65 -29.09 -17.51 -14.74
CA VAL A 65 -28.51 -17.38 -13.39
C VAL A 65 -27.93 -16.01 -13.04
N THR A 66 -28.54 -15.39 -12.04
CA THR A 66 -28.12 -14.08 -11.55
C THR A 66 -27.62 -14.21 -10.11
N LEU A 67 -26.43 -13.69 -9.83
CA LEU A 67 -25.91 -13.73 -8.46
C LEU A 67 -25.02 -12.54 -8.08
N ARG A 68 -25.06 -12.19 -6.79
CA ARG A 68 -24.56 -10.91 -6.30
C ARG A 68 -23.63 -11.06 -5.10
N PRO A 69 -22.33 -10.84 -5.29
CA PRO A 69 -21.31 -11.02 -4.24
C PRO A 69 -21.09 -9.78 -3.37
N TYR A 70 -21.21 -9.95 -2.06
CA TYR A 70 -20.94 -8.88 -1.12
C TYR A 70 -19.52 -9.00 -0.60
N LEU A 71 -18.64 -8.13 -1.10
CA LEU A 71 -17.22 -8.21 -0.83
C LEU A 71 -16.80 -7.54 0.47
N THR A 72 -17.79 -7.05 1.23
CA THR A 72 -17.52 -6.44 2.52
C THR A 72 -18.26 -7.22 3.60
N PRO A 73 -17.57 -7.50 4.72
CA PRO A 73 -18.14 -8.34 5.77
C PRO A 73 -19.53 -7.88 6.17
N ASN A 74 -20.34 -8.82 6.65
CA ASN A 74 -21.73 -8.54 7.00
C ASN A 74 -21.92 -8.50 8.51
N ALA A 75 -23.14 -8.76 8.96
CA ALA A 75 -23.41 -8.94 10.38
C ALA A 75 -22.56 -10.12 10.86
N ASP A 76 -22.00 -9.97 12.07
CA ASP A 76 -21.07 -10.93 12.64
C ASP A 76 -19.77 -11.01 11.84
N GLY A 77 -19.61 -10.14 10.85
CA GLY A 77 -18.45 -10.18 9.98
C GLY A 77 -18.45 -11.39 9.08
N LEU A 78 -19.49 -11.51 8.26
CA LEU A 78 -19.69 -12.66 7.39
C LEU A 78 -19.87 -12.22 5.93
N TYR A 79 -19.14 -12.84 5.02
CA TYR A 79 -19.28 -12.53 3.60
C TYR A 79 -20.40 -13.34 2.97
N ILE A 80 -21.25 -12.67 2.20
CA ILE A 80 -22.40 -13.34 1.56
C ILE A 80 -22.51 -13.05 0.07
N PHE A 81 -23.06 -14.02 -0.65
CA PHE A 81 -23.47 -13.79 -2.02
C PHE A 81 -24.94 -14.17 -2.15
N LYS A 82 -25.68 -13.40 -2.93
CA LYS A 82 -27.07 -13.71 -3.18
C LYS A 82 -27.23 -14.12 -4.64
N GLY A 83 -28.29 -14.85 -4.95
CA GLY A 83 -28.53 -15.30 -6.31
C GLY A 83 -29.96 -15.69 -6.58
N LYS A 84 -30.24 -16.02 -7.84
CA LYS A 84 -31.56 -16.49 -8.23
C LYS A 84 -31.49 -17.20 -9.58
N SER A 85 -31.86 -18.47 -9.60
CA SER A 85 -31.74 -19.29 -10.81
C SER A 85 -33.10 -19.63 -11.39
N ILE A 86 -33.14 -19.70 -12.72
CA ILE A 86 -34.30 -20.22 -13.43
C ILE A 86 -33.85 -21.40 -14.28
N VAL A 87 -33.86 -22.58 -13.69
CA VAL A 87 -33.47 -23.80 -14.40
C VAL A 87 -34.65 -24.32 -15.21
N ARG A 88 -34.37 -24.67 -16.47
CA ARG A 88 -35.41 -25.24 -17.32
C ARG A 88 -35.05 -26.67 -17.72
N PHE A 89 -35.70 -27.64 -17.09
CA PHE A 89 -35.45 -29.04 -17.41
C PHE A 89 -36.46 -29.57 -18.42
N ILE A 90 -36.29 -30.82 -18.79
CA ILE A 90 -37.17 -31.50 -19.73
C ILE A 90 -37.42 -32.90 -19.19
N CYS A 91 -38.65 -33.40 -19.32
CA CYS A 91 -38.96 -34.74 -18.85
C CYS A 91 -38.52 -35.79 -19.88
N GLN A 92 -38.18 -36.97 -19.38
CA GLN A 92 -37.75 -38.08 -20.23
C GLN A 92 -38.47 -39.35 -19.80
N GLU A 93 -39.02 -39.30 -18.59
CA GLU A 93 -39.79 -40.40 -18.03
C GLU A 93 -40.51 -39.90 -16.78
N PRO A 94 -41.83 -40.12 -16.70
CA PRO A 94 -42.68 -39.56 -15.65
C PRO A 94 -42.34 -40.00 -14.23
N THR A 95 -42.32 -39.04 -13.31
CA THR A 95 -42.25 -39.32 -11.87
C THR A 95 -42.78 -38.11 -11.09
N ASP A 96 -43.18 -38.35 -9.85
CA ASP A 96 -43.79 -37.31 -9.02
C ASP A 96 -42.76 -36.57 -8.20
N VAL A 97 -41.49 -36.66 -8.59
CA VAL A 97 -40.40 -36.06 -7.81
C VAL A 97 -39.38 -35.34 -8.70
N ILE A 98 -38.86 -34.23 -8.19
CA ILE A 98 -37.82 -33.48 -8.88
C ILE A 98 -36.55 -33.41 -8.02
N ILE A 99 -35.42 -33.77 -8.60
CA ILE A 99 -34.16 -33.82 -7.86
C ILE A 99 -33.06 -33.02 -8.53
N ILE A 100 -32.67 -31.91 -7.91
CA ILE A 100 -31.53 -31.13 -8.35
C ILE A 100 -30.48 -31.13 -7.25
N HIS A 101 -29.25 -30.77 -7.61
CA HIS A 101 -28.19 -30.67 -6.62
C HIS A 101 -28.22 -29.32 -5.93
N SER A 102 -27.93 -29.32 -4.64
CA SER A 102 -27.87 -28.09 -3.86
C SER A 102 -26.99 -28.30 -2.64
N LYS A 103 -26.04 -27.40 -2.42
CA LYS A 103 -25.05 -27.56 -1.36
C LYS A 103 -24.85 -26.27 -0.57
N LYS A 104 -25.00 -26.36 0.75
CA LYS A 104 -24.79 -25.22 1.63
C LYS A 104 -25.45 -23.94 1.10
N LEU A 105 -26.75 -24.01 0.82
CA LEU A 105 -27.48 -22.84 0.35
C LEU A 105 -28.81 -22.64 1.08
N ASN A 106 -29.01 -21.44 1.62
CA ASN A 106 -30.28 -21.05 2.19
C ASN A 106 -31.19 -20.51 1.09
N TYR A 107 -32.49 -20.67 1.26
CA TYR A 107 -33.47 -20.13 0.32
C TYR A 107 -34.40 -19.15 1.01
N THR A 108 -35.57 -18.94 0.44
CA THR A 108 -36.59 -18.10 1.08
C THR A 108 -37.61 -18.98 1.80
N THR A 109 -37.47 -19.05 3.12
CA THR A 109 -38.27 -19.94 3.96
C THR A 109 -39.70 -20.13 3.45
N HIS A 112 -43.12 -21.16 -0.19
CA HIS A 112 -42.61 -22.49 -0.52
C HIS A 112 -41.09 -22.54 -0.42
N MET A 113 -40.46 -22.98 -1.50
CA MET A 113 -39.00 -23.07 -1.58
C MET A 113 -38.53 -22.94 -3.03
N VAL A 114 -39.39 -23.37 -3.95
CA VAL A 114 -39.15 -23.21 -5.38
C VAL A 114 -40.46 -23.05 -6.13
N VAL A 115 -40.46 -22.20 -7.13
CA VAL A 115 -41.64 -21.99 -7.96
C VAL A 115 -41.52 -22.78 -9.27
N LEU A 116 -42.62 -23.40 -9.69
CA LEU A 116 -42.63 -24.21 -10.89
C LEU A 116 -43.64 -23.69 -11.91
N ARG A 117 -43.15 -23.34 -13.08
CA ARG A 117 -44.00 -22.83 -14.15
C ARG A 117 -43.84 -23.65 -15.43
N GLY A 118 -44.95 -23.93 -16.08
CA GLY A 118 -44.91 -24.65 -17.34
C GLY A 118 -44.78 -23.69 -18.50
N VAL A 119 -43.71 -23.82 -19.26
CA VAL A 119 -43.55 -23.04 -20.49
C VAL A 119 -44.86 -23.06 -21.27
N GLY A 120 -45.60 -21.96 -21.20
CA GLY A 120 -46.91 -21.84 -21.84
C GLY A 120 -47.67 -23.15 -21.90
N ASP A 121 -47.50 -23.87 -23.01
CA ASP A 121 -48.15 -25.16 -23.25
C ASP A 121 -48.39 -25.99 -22.00
N SER A 122 -47.32 -26.22 -21.25
CA SER A 122 -47.31 -27.15 -20.13
C SER A 122 -48.46 -27.00 -19.15
N GLN A 123 -48.85 -28.15 -18.59
CA GLN A 123 -49.71 -28.22 -17.42
C GLN A 123 -48.81 -28.40 -16.20
N VAL A 124 -48.95 -27.52 -15.21
CA VAL A 124 -48.09 -27.57 -14.05
C VAL A 124 -48.77 -28.23 -12.87
N PRO A 125 -48.27 -29.40 -12.44
CA PRO A 125 -48.77 -29.97 -11.19
C PRO A 125 -48.36 -29.08 -10.03
N GLU A 126 -48.87 -29.36 -8.84
CA GLU A 126 -48.56 -28.53 -7.68
C GLU A 126 -47.51 -29.16 -6.77
N ILE A 127 -46.98 -28.35 -5.86
CA ILE A 127 -45.88 -28.78 -5.01
C ILE A 127 -46.34 -29.12 -3.59
N ASP A 128 -46.17 -30.39 -3.21
CA ASP A 128 -46.49 -30.81 -1.85
C ASP A 128 -45.51 -30.18 -0.87
N ARG A 129 -44.51 -30.95 -0.46
CA ARG A 129 -43.43 -30.41 0.37
C ARG A 129 -42.24 -30.04 -0.51
N THR A 130 -41.08 -29.90 0.12
CA THR A 130 -39.87 -29.48 -0.59
C THR A 130 -38.65 -29.66 0.29
N GLU A 131 -38.17 -30.90 0.39
CA GLU A 131 -37.11 -31.25 1.33
C GLU A 131 -35.71 -30.89 0.87
N LEU A 132 -34.75 -31.03 1.78
CA LEU A 132 -33.33 -30.78 1.51
C LEU A 132 -32.47 -31.87 2.13
N VAL A 133 -31.84 -32.68 1.29
CA VAL A 133 -30.94 -33.73 1.77
C VAL A 133 -29.50 -33.22 1.77
N GLU A 134 -28.93 -33.06 2.96
CA GLU A 134 -27.60 -32.48 3.11
C GLU A 134 -26.47 -33.49 2.93
N LEU A 135 -26.82 -34.75 2.73
CA LEU A 135 -25.82 -35.78 2.46
C LEU A 135 -25.58 -35.90 0.96
N THR A 136 -26.47 -36.61 0.28
CA THR A 136 -26.48 -36.61 -1.17
C THR A 136 -27.00 -35.26 -1.61
N GLU A 137 -26.11 -34.26 -1.57
CA GLU A 137 -26.47 -32.85 -1.75
C GLU A 137 -27.55 -32.61 -2.81
N TYR A 138 -28.79 -32.92 -2.45
CA TYR A 138 -29.93 -32.70 -3.32
C TYR A 138 -30.88 -31.66 -2.74
N LEU A 139 -31.56 -30.92 -3.62
CA LEU A 139 -32.76 -30.19 -3.26
C LEU A 139 -33.94 -30.99 -3.78
N VAL A 140 -34.65 -31.66 -2.89
CA VAL A 140 -35.73 -32.55 -3.30
C VAL A 140 -37.08 -31.84 -3.40
N VAL A 141 -37.73 -31.98 -4.54
CA VAL A 141 -39.05 -31.40 -4.74
C VAL A 141 -40.11 -32.50 -4.81
N HIS A 142 -40.99 -32.53 -3.82
CA HIS A 142 -42.09 -33.49 -3.81
C HIS A 142 -43.35 -32.87 -4.43
N LEU A 143 -44.03 -33.64 -5.26
CA LEU A 143 -45.16 -33.12 -6.03
C LEU A 143 -46.47 -33.83 -5.72
N LYS A 144 -47.54 -33.05 -5.65
CA LYS A 144 -48.89 -33.59 -5.71
C LYS A 144 -49.24 -33.67 -7.20
N GLY A 145 -49.34 -34.89 -7.71
CA GLY A 145 -49.55 -35.11 -9.13
C GLY A 145 -48.30 -35.65 -9.79
N SER A 146 -48.22 -35.53 -11.11
CA SER A 146 -47.08 -36.03 -11.86
C SER A 146 -46.81 -35.18 -13.09
N LEU A 147 -45.74 -35.50 -13.81
CA LEU A 147 -45.40 -34.79 -15.04
C LEU A 147 -44.90 -35.74 -16.12
N GLN A 148 -45.20 -35.43 -17.38
CA GLN A 148 -44.94 -36.35 -18.49
C GLN A 148 -43.98 -35.78 -19.54
N PRO A 149 -43.38 -36.69 -20.34
CA PRO A 149 -42.37 -36.38 -21.37
C PRO A 149 -42.79 -35.29 -22.33
N GLY A 150 -41.82 -34.74 -23.06
CA GLY A 150 -42.07 -33.75 -24.09
C GLY A 150 -42.23 -32.34 -23.53
N HIS A 151 -43.06 -32.21 -22.50
CA HIS A 151 -43.32 -30.92 -21.89
C HIS A 151 -42.14 -30.49 -21.03
N MET A 152 -41.61 -29.30 -21.30
CA MET A 152 -40.54 -28.75 -20.50
C MET A 152 -41.15 -27.95 -19.34
N TYR A 153 -40.44 -27.90 -18.22
CA TYR A 153 -40.91 -27.12 -17.08
C TYR A 153 -39.81 -26.21 -16.57
N GLU A 154 -40.20 -25.07 -16.01
CA GLU A 154 -39.24 -24.10 -15.50
C GLU A 154 -39.31 -23.99 -13.98
N MET A 155 -38.16 -24.01 -13.34
CA MET A 155 -38.08 -23.91 -11.89
C MET A 155 -37.34 -22.66 -11.46
N GLU A 156 -38.06 -21.77 -10.78
CA GLU A 156 -37.48 -20.52 -10.28
C GLU A 156 -37.13 -20.65 -8.81
N SER A 157 -35.99 -20.07 -8.43
CA SER A 157 -35.52 -20.14 -7.06
C SER A 157 -34.54 -19.02 -6.76
N GLU A 158 -34.75 -18.33 -5.66
CA GLU A 158 -33.78 -17.34 -5.19
C GLU A 158 -33.23 -17.74 -3.82
N PHE A 159 -31.97 -17.38 -3.59
CA PHE A 159 -31.20 -17.97 -2.51
C PHE A 159 -30.02 -17.09 -2.12
N GLN A 160 -29.18 -17.63 -1.25
CA GLN A 160 -27.93 -17.00 -0.87
C GLN A 160 -27.11 -17.98 -0.06
N GLY A 161 -25.79 -17.86 -0.13
CA GLY A 161 -24.89 -18.75 0.57
C GLY A 161 -23.65 -18.06 1.05
N GLU A 162 -22.85 -18.76 1.84
CA GLU A 162 -21.63 -18.19 2.40
C GLU A 162 -20.54 -18.08 1.34
N LEU A 163 -20.06 -16.86 1.14
CA LEU A 163 -19.00 -16.58 0.19
C LEU A 163 -17.66 -16.79 0.88
N ALA A 164 -17.51 -17.97 1.50
CA ALA A 164 -16.34 -18.28 2.31
C ALA A 164 -15.05 -18.29 1.50
N ASP A 165 -13.93 -18.52 2.18
CA ASP A 165 -12.66 -18.73 1.50
C ASP A 165 -12.21 -20.17 1.63
N ASP A 166 -12.94 -21.07 0.99
CA ASP A 166 -12.60 -22.48 0.97
C ASP A 166 -12.09 -22.87 -0.41
N LEU A 167 -11.89 -21.88 -1.26
CA LEU A 167 -11.43 -22.12 -2.63
C LEU A 167 -12.26 -23.20 -3.27
N ALA A 168 -13.57 -23.10 -3.14
CA ALA A 168 -14.50 -24.10 -3.66
C ALA A 168 -15.87 -23.49 -3.91
N GLY A 169 -16.45 -23.77 -5.07
CA GLY A 169 -17.73 -23.22 -5.45
C GLY A 169 -17.64 -21.73 -5.73
N PHE A 170 -18.64 -20.97 -5.30
CA PHE A 170 -18.54 -19.52 -5.34
C PHE A 170 -17.89 -19.07 -4.05
N TYR A 171 -16.69 -18.50 -4.14
CA TYR A 171 -15.89 -18.20 -2.95
C TYR A 171 -15.12 -16.89 -3.07
N ARG A 172 -14.56 -16.43 -1.96
CA ARG A 172 -13.74 -15.23 -1.94
C ARG A 172 -12.27 -15.57 -1.71
N SER A 173 -11.38 -14.78 -2.30
CA SER A 173 -9.95 -14.93 -2.08
C SER A 173 -9.39 -13.60 -1.61
N GLU A 174 -8.87 -13.58 -0.39
CA GLU A 174 -8.26 -12.38 0.17
C GLU A 174 -6.79 -12.36 -0.17
N TYR A 175 -6.31 -11.23 -0.70
CA TYR A 175 -4.90 -11.10 -1.02
C TYR A 175 -4.31 -9.77 -0.53
N MET A 176 -3.08 -9.83 -0.05
CA MET A 176 -2.40 -8.66 0.47
C MET A 176 -1.63 -7.96 -0.65
N GLU A 177 -1.98 -6.71 -0.93
CA GLU A 177 -1.26 -5.90 -1.90
C GLU A 177 -0.97 -4.55 -1.26
N GLY A 178 0.27 -4.10 -1.37
CA GLY A 178 0.74 -2.98 -0.56
C GLY A 178 0.79 -3.48 0.87
N ASN A 179 -0.12 -3.01 1.70
CA ASN A 179 -0.39 -3.66 2.98
C ASN A 179 -1.87 -3.63 3.26
N VAL A 180 -2.66 -3.69 2.19
CA VAL A 180 -4.11 -3.68 2.28
C VAL A 180 -4.62 -5.09 2.04
N LYS A 181 -5.70 -5.45 2.72
CA LYS A 181 -6.39 -6.69 2.41
C LYS A 181 -7.42 -6.42 1.32
N LYS A 182 -7.12 -6.88 0.11
CA LYS A 182 -8.07 -6.84 -0.99
C LYS A 182 -8.86 -8.15 -0.98
N VAL A 183 -10.05 -8.13 -1.56
CA VAL A 183 -10.87 -9.33 -1.61
C VAL A 183 -11.69 -9.39 -2.91
N LEU A 184 -11.58 -10.51 -3.61
CA LEU A 184 -12.29 -10.70 -4.87
C LEU A 184 -13.17 -11.95 -4.83
N ALA A 185 -14.09 -12.06 -5.78
CA ALA A 185 -14.97 -13.23 -5.85
C ALA A 185 -14.63 -14.09 -7.06
N THR A 186 -14.36 -15.36 -6.82
CA THR A 186 -14.01 -16.29 -7.89
C THR A 186 -14.74 -17.61 -7.72
N THR A 187 -14.67 -18.45 -8.75
CA THR A 187 -15.32 -19.75 -8.73
C THR A 187 -14.30 -20.89 -8.78
N GLN A 188 -14.73 -22.06 -8.33
CA GLN A 188 -13.95 -23.28 -8.48
C GLN A 188 -14.86 -24.47 -8.31
N MET A 189 -15.85 -24.57 -9.19
CA MET A 189 -16.69 -25.74 -9.25
C MET A 189 -15.95 -26.84 -10.01
N GLN A 190 -15.07 -27.55 -9.32
CA GLN A 190 -14.33 -28.67 -9.92
C GLN A 190 -14.68 -29.97 -9.20
N SER A 191 -14.79 -31.04 -9.98
CA SER A 191 -15.76 -32.10 -9.68
C SER A 191 -17.05 -31.36 -9.30
N THR A 192 -17.58 -31.58 -8.10
CA THR A 192 -18.80 -30.87 -7.72
C THR A 192 -18.56 -29.39 -7.38
N ASP A 193 -19.42 -28.84 -6.53
CA ASP A 193 -19.29 -27.46 -6.02
C ASP A 193 -19.91 -26.40 -6.93
N ALA A 194 -20.88 -26.79 -7.75
CA ALA A 194 -21.67 -25.82 -8.49
C ALA A 194 -22.92 -25.59 -7.68
N ARG A 195 -23.38 -26.67 -7.06
CA ARG A 195 -24.47 -26.67 -6.09
C ARG A 195 -24.16 -25.66 -4.99
N LYS A 196 -22.88 -25.52 -4.66
CA LYS A 196 -22.44 -24.58 -3.64
C LYS A 196 -22.52 -23.15 -4.16
N SER A 197 -23.19 -22.98 -5.29
CA SER A 197 -23.32 -21.67 -5.92
C SER A 197 -24.74 -21.40 -6.41
N PHE A 198 -25.44 -22.46 -6.78
CA PHE A 198 -26.84 -22.36 -7.23
C PHE A 198 -27.38 -23.75 -7.55
N PRO A 199 -28.69 -23.95 -7.34
CA PRO A 199 -29.33 -25.25 -7.58
C PRO A 199 -29.27 -25.65 -9.05
N CYS A 200 -28.69 -26.81 -9.33
CA CYS A 200 -28.52 -27.26 -10.71
C CYS A 200 -28.26 -28.77 -10.79
N PHE A 201 -28.28 -29.30 -12.01
CA PHE A 201 -27.97 -30.71 -12.23
C PHE A 201 -26.46 -30.87 -12.39
N ASP A 202 -25.76 -31.07 -11.27
CA ASP A 202 -24.31 -31.02 -11.26
C ASP A 202 -23.63 -32.35 -11.57
N GLU A 203 -23.86 -32.87 -12.78
CA GLU A 203 -23.11 -33.99 -13.31
C GLU A 203 -22.55 -33.61 -14.68
N PRO A 204 -21.32 -34.05 -14.98
CA PRO A 204 -20.61 -33.59 -16.19
C PRO A 204 -21.34 -33.97 -17.47
N ALA A 205 -22.24 -34.95 -17.39
CA ALA A 205 -22.98 -35.41 -18.55
C ALA A 205 -24.07 -34.42 -18.95
N MET A 206 -24.94 -34.10 -18.00
CA MET A 206 -26.08 -33.24 -18.26
C MET A 206 -25.68 -31.83 -18.66
N LYS A 207 -25.07 -31.71 -19.83
CA LYS A 207 -24.70 -30.41 -20.39
C LYS A 207 -25.93 -29.52 -20.60
N ALA A 208 -25.72 -28.21 -20.54
CA ALA A 208 -26.79 -27.25 -20.75
C ALA A 208 -26.24 -25.89 -21.18
N THR A 209 -27.15 -24.95 -21.44
CA THR A 209 -26.76 -23.60 -21.82
C THR A 209 -27.00 -22.66 -20.64
N PHE A 210 -26.18 -21.60 -20.53
CA PHE A 210 -26.22 -20.74 -19.36
C PHE A 210 -26.26 -19.25 -19.66
N ASN A 211 -27.31 -18.58 -19.19
CA ASN A 211 -27.40 -17.13 -19.21
C ASN A 211 -26.92 -16.58 -17.85
N ILE A 212 -25.78 -15.91 -17.84
CA ILE A 212 -25.15 -15.48 -16.57
C ILE A 212 -25.12 -13.96 -16.36
N THR A 213 -25.46 -13.52 -15.16
CA THR A 213 -25.36 -12.10 -14.78
C THR A 213 -24.74 -11.90 -13.41
N LEU A 214 -23.92 -10.86 -13.28
CA LEU A 214 -23.27 -10.53 -12.03
C LEU A 214 -23.60 -9.10 -11.60
N ILE A 215 -24.27 -8.97 -10.46
CA ILE A 215 -24.50 -7.66 -9.87
C ILE A 215 -23.37 -7.37 -8.90
N HIS A 216 -22.56 -6.36 -9.23
CA HIS A 216 -21.29 -6.16 -8.53
C HIS A 216 -21.02 -4.69 -8.23
N PRO A 217 -20.11 -4.43 -7.29
CA PRO A 217 -19.65 -3.07 -7.00
C PRO A 217 -19.32 -2.29 -8.27
N ASN A 218 -19.84 -1.07 -8.35
CA ASN A 218 -19.78 -0.22 -9.54
C ASN A 218 -18.49 -0.23 -10.36
N ASN A 219 -17.34 -0.23 -9.69
CA ASN A 219 -16.06 -0.05 -10.39
C ASN A 219 -15.19 -1.30 -10.53
N LEU A 220 -15.67 -2.42 -10.05
CA LEU A 220 -14.96 -3.69 -10.22
C LEU A 220 -15.31 -4.30 -11.58
N THR A 221 -14.54 -5.30 -12.01
CA THR A 221 -14.73 -5.88 -13.35
C THR A 221 -15.28 -7.30 -13.35
N ALA A 222 -16.45 -7.49 -13.95
CA ALA A 222 -17.11 -8.79 -13.98
C ALA A 222 -16.64 -9.66 -15.14
N LEU A 223 -16.30 -10.91 -14.84
CA LEU A 223 -15.79 -11.84 -15.83
C LEU A 223 -16.55 -13.17 -15.79
N SER A 224 -16.69 -13.82 -16.95
CA SER A 224 -17.30 -15.14 -17.00
C SER A 224 -16.87 -15.91 -18.24
N ASN A 225 -17.55 -17.03 -18.49
CA ASN A 225 -17.21 -17.89 -19.63
C ASN A 225 -17.33 -17.16 -20.96
N MET A 226 -18.44 -16.42 -21.12
CA MET A 226 -18.71 -15.71 -22.36
C MET A 226 -18.51 -14.20 -22.18
N PRO A 227 -18.29 -13.49 -23.29
CA PRO A 227 -18.16 -12.03 -23.25
C PRO A 227 -19.40 -11.38 -22.65
N PRO A 228 -19.26 -10.15 -22.15
CA PRO A 228 -20.41 -9.41 -21.60
C PRO A 228 -21.37 -9.09 -22.72
N LYS A 229 -22.67 -9.23 -22.44
CA LYS A 229 -23.68 -8.98 -23.46
C LYS A 229 -23.52 -7.57 -24.01
N GLY A 230 -23.75 -6.58 -23.17
CA GLY A 230 -23.51 -5.19 -23.54
C GLY A 230 -22.51 -4.58 -22.59
N SER A 231 -22.71 -3.31 -22.26
CA SER A 231 -21.91 -2.65 -21.23
C SER A 231 -22.61 -2.83 -19.90
N SER A 232 -21.89 -2.63 -18.80
CA SER A 232 -22.48 -2.79 -17.48
C SER A 232 -23.44 -1.65 -17.16
N THR A 233 -24.64 -2.00 -16.69
CA THR A 233 -25.68 -1.02 -16.43
C THR A 233 -25.94 -0.83 -14.94
N PRO A 234 -26.10 0.42 -14.50
CA PRO A 234 -26.44 0.78 -13.13
C PRO A 234 -27.65 0.00 -12.62
N LEU A 235 -27.52 -0.56 -11.42
CA LEU A 235 -28.61 -1.29 -10.79
C LEU A 235 -29.72 -0.33 -10.39
N ALA A 236 -30.97 -0.79 -10.49
CA ALA A 236 -32.13 0.02 -10.15
C ALA A 236 -31.92 0.77 -8.83
N GLU A 237 -31.77 0.01 -7.75
CA GLU A 237 -31.50 0.58 -6.44
C GLU A 237 -30.00 0.53 -6.17
N ASP A 238 -29.54 1.31 -5.19
CA ASP A 238 -28.13 1.28 -4.82
C ASP A 238 -27.22 1.51 -6.02
N PRO A 239 -27.46 2.61 -6.76
CA PRO A 239 -26.71 2.91 -7.99
C PRO A 239 -25.20 2.88 -7.81
N ASN A 240 -24.72 2.37 -6.67
CA ASN A 240 -23.30 2.15 -6.47
C ASN A 240 -22.96 0.74 -6.93
N TRP A 241 -23.97 0.07 -7.48
CA TRP A 241 -23.80 -1.27 -8.04
C TRP A 241 -24.08 -1.22 -9.54
N SER A 242 -23.30 -2.00 -10.29
CA SER A 242 -23.55 -2.15 -11.72
C SER A 242 -24.04 -3.57 -12.02
N VAL A 243 -24.61 -3.76 -13.20
CA VAL A 243 -25.06 -5.08 -13.63
C VAL A 243 -24.38 -5.46 -14.94
N THR A 244 -23.64 -6.55 -14.92
CA THR A 244 -22.96 -7.04 -16.13
C THR A 244 -23.57 -8.36 -16.61
N GLU A 245 -24.22 -8.31 -17.77
CA GLU A 245 -24.90 -9.46 -18.34
C GLU A 245 -24.03 -10.12 -19.40
N PHE A 246 -23.94 -11.45 -19.37
CA PHE A 246 -23.07 -12.17 -20.29
C PHE A 246 -23.83 -12.88 -21.41
N GLU A 247 -23.18 -13.01 -22.57
CA GLU A 247 -23.76 -13.73 -23.69
C GLU A 247 -23.94 -15.20 -23.33
N THR A 248 -24.94 -15.84 -23.96
CA THR A 248 -25.26 -17.21 -23.65
C THR A 248 -24.15 -18.17 -24.04
N THR A 249 -23.75 -19.03 -23.12
CA THR A 249 -22.68 -20.00 -23.36
C THR A 249 -23.11 -21.07 -24.34
N PRO A 250 -22.13 -21.81 -24.89
CA PRO A 250 -22.45 -23.05 -25.59
C PRO A 250 -23.01 -24.04 -24.60
N VAL A 251 -23.14 -25.30 -25.01
CA VAL A 251 -23.68 -26.32 -24.13
C VAL A 251 -22.56 -26.95 -23.32
N MET A 252 -22.36 -26.45 -22.10
CA MET A 252 -21.32 -26.96 -21.21
C MET A 252 -21.93 -27.77 -20.07
N SER A 253 -21.09 -28.17 -19.13
CA SER A 253 -21.52 -29.13 -18.12
C SER A 253 -21.27 -28.65 -16.69
N THR A 254 -21.79 -27.47 -16.35
CA THR A 254 -21.47 -26.84 -15.08
C THR A 254 -19.96 -26.93 -14.93
N TYR A 255 -19.50 -27.20 -13.73
CA TYR A 255 -18.09 -27.50 -13.43
C TYR A 255 -17.03 -26.86 -14.36
N LEU A 256 -17.45 -26.40 -15.54
CA LEU A 256 -16.59 -25.58 -16.38
C LEU A 256 -17.01 -24.12 -16.26
N LEU A 257 -17.99 -23.87 -15.39
CA LEU A 257 -18.50 -22.52 -15.18
C LEU A 257 -17.53 -21.67 -14.37
N ALA A 258 -17.49 -20.38 -14.67
CA ALA A 258 -16.61 -19.45 -13.99
C ALA A 258 -17.18 -18.04 -14.00
N TYR A 259 -17.18 -17.41 -12.84
CA TYR A 259 -17.51 -15.99 -12.74
C TYR A 259 -16.59 -15.33 -11.73
N ILE A 260 -16.11 -14.13 -12.05
CA ILE A 260 -15.14 -13.45 -11.19
C ILE A 260 -15.37 -11.94 -11.09
N VAL A 261 -15.61 -11.47 -9.87
CA VAL A 261 -15.68 -10.04 -9.61
C VAL A 261 -14.41 -9.61 -8.90
N SER A 262 -13.61 -8.77 -9.55
CA SER A 262 -12.31 -8.42 -9.02
C SER A 262 -11.87 -7.01 -9.39
N GLU A 263 -10.72 -6.62 -8.86
CA GLU A 263 -10.15 -5.29 -9.09
C GLU A 263 -9.07 -5.40 -10.16
N PHE A 264 -9.13 -6.47 -10.95
CA PHE A 264 -8.06 -6.83 -11.87
C PHE A 264 -8.04 -6.04 -13.17
N GLN A 265 -6.92 -6.14 -13.89
CA GLN A 265 -6.77 -5.54 -15.22
C GLN A 265 -6.17 -6.59 -16.15
N SER A 266 -5.94 -6.21 -17.42
CA SER A 266 -5.50 -7.19 -18.40
C SER A 266 -4.57 -6.66 -19.49
N VAL A 267 -3.84 -7.58 -20.12
CA VAL A 267 -3.08 -7.29 -21.33
C VAL A 267 -3.69 -8.16 -22.41
N ASN A 268 -3.82 -7.64 -23.62
CA ASN A 268 -4.54 -8.36 -24.66
C ASN A 268 -4.01 -8.21 -26.08
N GLU A 269 -4.18 -9.28 -26.86
CA GLU A 269 -3.90 -9.26 -28.29
C GLU A 269 -5.08 -9.86 -29.01
N THR A 270 -5.15 -9.64 -30.32
CA THR A 270 -6.21 -10.19 -31.14
C THR A 270 -5.62 -11.01 -32.29
N ALA A 271 -5.84 -12.31 -32.27
CA ALA A 271 -5.25 -13.20 -33.26
C ALA A 271 -5.92 -13.05 -34.63
N GLN A 272 -5.12 -13.17 -35.68
CA GLN A 272 -5.62 -13.02 -37.04
C GLN A 272 -6.72 -14.04 -37.37
N ASN A 273 -7.84 -13.92 -36.64
CA ASN A 273 -9.02 -14.73 -36.93
C ASN A 273 -10.22 -14.26 -36.11
N GLY A 274 -10.04 -13.15 -35.38
CA GLY A 274 -11.14 -12.52 -34.68
C GLY A 274 -11.25 -12.83 -33.21
N VAL A 275 -10.58 -13.89 -32.77
CA VAL A 275 -10.64 -14.30 -31.36
C VAL A 275 -9.82 -13.39 -30.45
N LEU A 276 -10.42 -13.00 -29.34
CA LEU A 276 -9.78 -12.07 -28.41
C LEU A 276 -9.09 -12.80 -27.26
N ILE A 277 -7.83 -12.47 -27.03
CA ILE A 277 -7.03 -13.11 -26.00
C ILE A 277 -6.65 -12.10 -24.94
N ARG A 278 -6.92 -12.43 -23.68
CA ARG A 278 -6.69 -11.50 -22.57
C ARG A 278 -6.07 -12.16 -21.34
N ILE A 279 -4.97 -11.60 -20.87
CA ILE A 279 -4.31 -12.10 -19.66
C ILE A 279 -4.64 -11.21 -18.46
N TRP A 280 -5.43 -11.73 -17.53
CA TRP A 280 -5.85 -10.97 -16.36
C TRP A 280 -4.98 -11.25 -15.13
N ALA A 281 -4.43 -10.19 -14.56
CA ALA A 281 -3.67 -10.27 -13.32
C ALA A 281 -3.92 -9.03 -12.47
N ARG A 282 -3.40 -9.01 -11.26
CA ARG A 282 -3.53 -7.84 -10.40
C ARG A 282 -2.95 -6.63 -11.13
N PRO A 283 -3.55 -5.44 -10.93
CA PRO A 283 -3.18 -4.21 -11.63
C PRO A 283 -1.67 -3.97 -11.68
N ASN A 284 -1.00 -4.17 -10.56
CA ASN A 284 0.45 -4.01 -10.51
C ASN A 284 1.16 -5.01 -11.40
N ALA A 285 0.81 -6.28 -11.24
CA ALA A 285 1.40 -7.36 -12.02
C ALA A 285 1.30 -7.07 -13.51
N ILE A 286 0.23 -6.38 -13.90
CA ILE A 286 0.03 -6.01 -15.30
C ILE A 286 0.96 -4.87 -15.71
N ALA A 287 1.21 -3.95 -14.78
CA ALA A 287 2.07 -2.80 -15.02
C ALA A 287 3.41 -3.22 -15.65
N GLU A 288 4.18 -4.01 -14.92
CA GLU A 288 5.38 -4.61 -15.50
C GLU A 288 4.93 -5.84 -16.30
N GLY A 289 5.54 -6.05 -17.45
CA GLY A 289 5.16 -7.16 -18.31
C GLY A 289 5.23 -8.51 -17.64
N HIS A 290 4.61 -8.64 -16.47
CA HIS A 290 4.61 -9.89 -15.73
C HIS A 290 3.78 -10.93 -16.45
N GLY A 291 2.71 -10.48 -17.10
CA GLY A 291 1.83 -11.37 -17.83
C GLY A 291 2.13 -11.38 -19.30
N MET A 292 3.22 -10.73 -19.70
CA MET A 292 3.58 -10.62 -21.10
C MET A 292 3.90 -11.99 -21.72
N TYR A 293 4.78 -12.75 -21.09
CA TYR A 293 5.12 -14.07 -21.59
C TYR A 293 3.88 -14.94 -21.75
N ALA A 294 3.02 -14.93 -20.74
CA ALA A 294 1.81 -15.74 -20.76
C ALA A 294 0.80 -15.22 -21.78
N LEU A 295 1.22 -14.22 -22.56
CA LEU A 295 0.41 -13.72 -23.65
C LEU A 295 1.15 -14.00 -24.94
N ASN A 296 2.44 -13.74 -24.91
CA ASN A 296 3.34 -14.09 -26.00
C ASN A 296 3.02 -15.46 -26.61
N VAL A 297 2.81 -16.45 -25.75
CA VAL A 297 2.69 -17.83 -26.17
C VAL A 297 1.26 -18.37 -26.24
N THR A 298 0.33 -17.66 -25.61
CA THR A 298 -1.07 -18.10 -25.60
C THR A 298 -1.66 -18.18 -27.01
N GLY A 299 -1.31 -17.21 -27.85
CA GLY A 299 -1.77 -17.18 -29.23
C GLY A 299 -1.33 -18.40 -30.01
N PRO A 300 -0.01 -18.54 -30.21
CA PRO A 300 0.60 -19.68 -30.90
C PRO A 300 0.04 -21.03 -30.44
N ILE A 301 -0.06 -21.23 -29.13
CA ILE A 301 -0.60 -22.46 -28.58
C ILE A 301 -2.05 -22.64 -29.03
N LEU A 302 -2.82 -21.56 -28.95
CA LEU A 302 -4.23 -21.60 -29.33
C LEU A 302 -4.39 -21.99 -30.79
N ASN A 303 -3.47 -21.54 -31.65
CA ASN A 303 -3.46 -21.94 -33.05
C ASN A 303 -3.15 -23.43 -33.20
N PHE A 304 -2.00 -23.83 -32.67
CA PHE A 304 -1.56 -25.22 -32.72
C PHE A 304 -2.70 -26.19 -32.45
N PHE A 305 -3.39 -25.99 -31.33
CA PHE A 305 -4.48 -26.88 -30.94
C PHE A 305 -5.67 -26.82 -31.91
N ALA A 306 -5.91 -25.65 -32.49
CA ALA A 306 -6.95 -25.54 -33.51
C ALA A 306 -6.63 -26.48 -34.66
N ASN A 307 -5.38 -26.44 -35.12
CA ASN A 307 -4.92 -27.31 -36.20
C ASN A 307 -4.85 -28.78 -35.78
N HIS A 308 -4.22 -29.03 -34.63
CA HIS A 308 -4.03 -30.39 -34.14
C HIS A 308 -5.36 -31.08 -33.85
N TYR A 309 -6.45 -30.31 -33.82
CA TYR A 309 -7.76 -30.86 -33.56
C TYR A 309 -8.63 -30.83 -34.81
N ASN A 310 -8.08 -30.29 -35.89
CA ASN A 310 -8.89 -29.92 -37.05
C ASN A 310 -10.23 -29.34 -36.63
N THR A 311 -10.21 -28.53 -35.59
CA THR A 311 -11.41 -27.88 -35.07
C THR A 311 -11.07 -26.45 -34.69
N SER A 312 -11.94 -25.51 -35.03
CA SER A 312 -11.71 -24.12 -34.66
C SER A 312 -12.04 -23.90 -33.20
N TYR A 313 -11.33 -22.96 -32.57
CA TYR A 313 -11.56 -22.61 -31.18
C TYR A 313 -13.02 -22.20 -31.00
N PRO A 314 -13.76 -22.95 -30.15
CA PRO A 314 -15.22 -22.87 -30.01
C PRO A 314 -15.78 -21.66 -29.24
N LEU A 315 -14.95 -20.67 -28.89
CA LEU A 315 -15.46 -19.51 -28.17
C LEU A 315 -14.93 -18.16 -28.69
N PRO A 316 -15.66 -17.07 -28.41
CA PRO A 316 -15.35 -15.73 -28.93
C PRO A 316 -14.03 -15.20 -28.40
N LYS A 317 -13.77 -15.44 -27.11
CA LYS A 317 -12.55 -14.96 -26.47
C LYS A 317 -11.94 -16.00 -25.56
N SER A 318 -10.72 -15.72 -25.09
CA SER A 318 -10.03 -16.60 -24.15
C SER A 318 -9.34 -15.81 -23.07
N ASP A 319 -9.98 -15.72 -21.91
CA ASP A 319 -9.39 -15.06 -20.75
C ASP A 319 -8.66 -16.08 -19.89
N GLN A 320 -7.43 -15.75 -19.52
CA GLN A 320 -6.71 -16.51 -18.50
C GLN A 320 -6.34 -15.56 -17.35
N ILE A 321 -6.85 -15.85 -16.16
CA ILE A 321 -6.64 -14.97 -15.01
C ILE A 321 -5.62 -15.55 -14.02
N ALA A 322 -4.85 -14.65 -13.40
CA ALA A 322 -3.84 -15.05 -12.42
C ALA A 322 -4.28 -14.72 -11.00
N LEU A 323 -4.70 -15.74 -10.26
CA LEU A 323 -5.08 -15.57 -8.86
C LEU A 323 -3.87 -15.81 -7.98
N PRO A 324 -3.77 -15.04 -6.87
CA PRO A 324 -2.57 -15.03 -6.02
C PRO A 324 -2.35 -16.28 -5.16
N ASP A 325 -3.44 -16.90 -4.69
CA ASP A 325 -3.33 -18.04 -3.80
C ASP A 325 -3.72 -19.37 -4.47
N PHE A 326 -4.88 -19.35 -5.14
CA PHE A 326 -5.40 -20.51 -5.88
C PHE A 326 -4.58 -21.79 -5.77
N ASN A 327 -5.08 -22.74 -4.99
CA ASN A 327 -4.37 -24.00 -4.74
C ASN A 327 -4.13 -24.82 -5.99
N ALA A 328 -5.10 -25.66 -6.35
CA ALA A 328 -4.99 -26.52 -7.52
C ALA A 328 -4.42 -25.76 -8.71
N GLY A 329 -3.13 -25.96 -8.97
CA GLY A 329 -2.42 -25.27 -10.05
C GLY A 329 -3.27 -24.40 -10.94
N ALA A 330 -4.13 -25.04 -11.72
CA ALA A 330 -4.99 -24.30 -12.62
C ALA A 330 -6.34 -24.98 -12.81
N MET A 331 -7.21 -24.29 -13.55
CA MET A 331 -8.56 -24.77 -13.82
C MET A 331 -8.97 -24.35 -15.23
N GLU A 332 -9.43 -25.33 -16.02
CA GLU A 332 -9.70 -25.10 -17.43
C GLU A 332 -11.09 -24.58 -17.75
N ASN A 333 -11.66 -23.77 -16.86
CA ASN A 333 -12.95 -23.17 -17.11
C ASN A 333 -13.03 -22.66 -18.55
N TRP A 334 -14.07 -23.08 -19.25
CA TRP A 334 -14.23 -22.77 -20.67
C TRP A 334 -14.31 -21.27 -20.93
N GLY A 335 -13.28 -20.72 -21.59
CA GLY A 335 -13.24 -19.31 -21.91
C GLY A 335 -12.56 -18.44 -20.87
N LEU A 336 -12.58 -18.90 -19.62
CA LEU A 336 -12.01 -18.16 -18.51
C LEU A 336 -11.23 -19.11 -17.59
N VAL A 337 -9.98 -19.36 -17.95
CA VAL A 337 -9.17 -20.37 -17.27
C VAL A 337 -8.33 -19.77 -16.14
N THR A 338 -8.49 -20.32 -14.93
CA THR A 338 -7.80 -19.79 -13.75
C THR A 338 -6.45 -20.46 -13.52
N TYR A 339 -5.45 -19.64 -13.20
CA TYR A 339 -4.11 -20.12 -12.88
C TYR A 339 -3.64 -19.54 -11.55
N ARG A 340 -2.80 -20.26 -10.83
CA ARG A 340 -2.07 -19.66 -9.71
C ARG A 340 -1.04 -18.72 -10.32
N GLU A 341 -0.73 -17.63 -9.65
CA GLU A 341 0.16 -16.62 -10.22
C GLU A 341 1.54 -17.16 -10.63
N ASN A 342 2.17 -17.95 -9.77
CA ASN A 342 3.50 -18.50 -10.08
C ASN A 342 3.48 -19.30 -11.37
N ALA A 343 2.29 -19.74 -11.76
CA ALA A 343 2.11 -20.61 -12.91
C ALA A 343 1.89 -19.84 -14.20
N LEU A 344 1.28 -18.65 -14.10
CA LEU A 344 0.93 -17.89 -15.29
C LEU A 344 1.84 -16.68 -15.53
N LEU A 345 2.24 -16.00 -14.46
CA LEU A 345 3.05 -14.79 -14.59
C LEU A 345 4.54 -15.09 -14.56
N PHE A 346 5.32 -14.26 -15.24
CA PHE A 346 6.76 -14.44 -15.33
C PHE A 346 7.52 -13.11 -15.26
N ASP A 347 8.43 -13.00 -14.30
CA ASP A 347 9.25 -11.81 -14.16
C ASP A 347 10.66 -12.08 -14.63
N PRO A 348 11.04 -11.50 -15.79
CA PRO A 348 12.37 -11.70 -16.38
C PRO A 348 13.47 -11.13 -15.49
N GLN A 349 13.08 -10.41 -14.45
CA GLN A 349 14.04 -9.75 -13.57
C GLN A 349 14.03 -10.36 -12.18
N SER A 350 13.56 -11.61 -12.07
CA SER A 350 13.52 -12.29 -10.78
C SER A 350 13.03 -13.73 -10.88
N SER A 351 13.01 -14.28 -12.08
CA SER A 351 12.55 -15.65 -12.28
C SER A 351 13.58 -16.45 -13.06
N SER A 352 13.64 -17.75 -12.79
CA SER A 352 14.56 -18.65 -13.48
C SER A 352 13.94 -19.20 -14.75
N ILE A 353 14.77 -19.79 -15.61
CA ILE A 353 14.28 -20.42 -16.83
C ILE A 353 13.29 -21.51 -16.44
N SER A 354 13.58 -22.18 -15.34
CA SER A 354 12.69 -23.18 -14.77
C SER A 354 11.27 -22.63 -14.71
N ASN A 355 11.14 -21.37 -14.34
CA ASN A 355 9.83 -20.72 -14.24
C ASN A 355 9.14 -20.54 -15.58
N LYS A 356 9.93 -20.36 -16.64
CA LYS A 356 9.38 -20.20 -17.97
C LYS A 356 8.69 -21.48 -18.46
N GLU A 357 9.37 -22.61 -18.29
CA GLU A 357 8.80 -23.89 -18.71
C GLU A 357 7.47 -24.14 -18.02
N ARG A 358 7.41 -23.84 -16.74
CA ARG A 358 6.21 -24.06 -15.95
C ARG A 358 5.02 -23.30 -16.53
N VAL A 359 5.27 -22.10 -17.04
CA VAL A 359 4.20 -21.27 -17.60
C VAL A 359 3.70 -21.81 -18.94
N VAL A 360 4.63 -22.09 -19.85
CA VAL A 360 4.26 -22.57 -21.17
C VAL A 360 3.53 -23.91 -21.11
N THR A 361 3.99 -24.82 -20.27
CA THR A 361 3.45 -26.17 -20.24
C THR A 361 2.15 -26.28 -19.45
N VAL A 362 1.78 -25.22 -18.75
CA VAL A 362 0.53 -25.26 -18.00
C VAL A 362 -0.58 -24.52 -18.74
N ILE A 363 -0.19 -23.50 -19.50
CA ILE A 363 -1.11 -22.85 -20.42
C ILE A 363 -1.48 -23.86 -21.49
N ALA A 364 -0.47 -24.61 -21.94
CA ALA A 364 -0.68 -25.66 -22.93
C ALA A 364 -1.68 -26.69 -22.42
N HIS A 365 -1.40 -27.27 -21.26
CA HIS A 365 -2.30 -28.28 -20.70
C HIS A 365 -3.72 -27.76 -20.59
N GLU A 366 -3.86 -26.52 -20.14
CA GLU A 366 -5.19 -25.99 -19.85
C GLU A 366 -5.94 -25.55 -21.10
N LEU A 367 -5.23 -24.95 -22.04
CA LEU A 367 -5.84 -24.61 -23.33
C LEU A 367 -6.20 -25.88 -24.10
N ALA A 368 -5.43 -26.94 -23.88
CA ALA A 368 -5.72 -28.23 -24.50
C ALA A 368 -7.12 -28.71 -24.13
N HIS A 369 -7.48 -28.56 -22.86
CA HIS A 369 -8.79 -28.95 -22.37
C HIS A 369 -9.93 -28.21 -23.05
N GLN A 370 -9.61 -27.07 -23.68
CA GLN A 370 -10.63 -26.21 -24.28
C GLN A 370 -11.38 -26.91 -25.42
N TRP A 371 -10.76 -27.94 -25.99
CA TRP A 371 -11.42 -28.81 -26.94
C TRP A 371 -11.71 -30.14 -26.28
N PHE A 372 -10.64 -30.88 -26.01
CA PHE A 372 -10.75 -32.22 -25.43
C PHE A 372 -11.00 -32.14 -23.92
N GLY A 373 -12.28 -32.18 -23.55
CA GLY A 373 -12.68 -32.15 -22.17
C GLY A 373 -13.91 -31.28 -21.98
N ASN A 374 -13.94 -30.15 -22.68
CA ASN A 374 -15.03 -29.19 -22.54
C ASN A 374 -15.95 -29.19 -23.76
N LEU A 375 -15.36 -29.30 -24.95
CA LEU A 375 -16.14 -29.40 -26.18
C LEU A 375 -16.70 -30.82 -26.30
N VAL A 376 -15.89 -31.79 -25.91
CA VAL A 376 -16.32 -33.18 -25.84
C VAL A 376 -15.97 -33.72 -24.46
N THR A 377 -16.96 -33.76 -23.58
CA THR A 377 -16.75 -34.10 -22.19
C THR A 377 -16.96 -35.58 -21.90
N LEU A 378 -16.06 -36.17 -21.13
CA LEU A 378 -16.20 -37.56 -20.73
C LEU A 378 -17.43 -37.75 -19.84
N ALA A 379 -18.05 -38.92 -19.91
CA ALA A 379 -19.35 -39.14 -19.30
C ALA A 379 -19.34 -39.04 -17.78
N TRP A 380 -18.40 -39.74 -17.15
CA TRP A 380 -18.32 -39.75 -15.68
C TRP A 380 -16.87 -39.63 -15.24
N TRP A 381 -16.68 -39.44 -13.93
CA TRP A 381 -15.34 -39.19 -13.39
C TRP A 381 -14.45 -40.44 -13.41
N ASN A 382 -15.04 -41.60 -13.67
CA ASN A 382 -14.28 -42.84 -13.74
C ASN A 382 -13.33 -42.83 -14.93
N ASP A 383 -13.68 -42.06 -15.96
CA ASP A 383 -12.85 -41.97 -17.16
C ASP A 383 -12.01 -40.71 -17.16
N LEU A 384 -11.87 -40.08 -15.99
CA LEU A 384 -11.07 -38.87 -15.86
C LEU A 384 -9.67 -39.09 -16.44
N TRP A 385 -9.15 -40.31 -16.25
CA TRP A 385 -7.80 -40.61 -16.70
C TRP A 385 -7.57 -40.19 -18.15
N LEU A 386 -8.55 -40.43 -19.01
CA LEU A 386 -8.42 -40.07 -20.42
C LEU A 386 -8.28 -38.55 -20.56
N ASN A 387 -9.23 -37.82 -20.00
CA ASN A 387 -9.25 -36.36 -20.07
C ASN A 387 -7.92 -35.74 -19.62
N GLU A 388 -7.57 -35.93 -18.35
CA GLU A 388 -6.35 -35.35 -17.82
C GLU A 388 -5.11 -35.97 -18.44
N GLY A 389 -5.12 -37.30 -18.57
CA GLY A 389 -4.02 -38.02 -19.20
C GLY A 389 -3.71 -37.50 -20.60
N PHE A 390 -4.75 -37.25 -21.38
CA PHE A 390 -4.57 -36.72 -22.72
C PHE A 390 -3.91 -35.36 -22.68
N ALA A 391 -4.51 -34.43 -21.94
CA ALA A 391 -3.98 -33.08 -21.82
C ALA A 391 -2.57 -33.11 -21.22
N SER A 392 -2.30 -34.10 -20.38
CA SER A 392 -0.98 -34.26 -19.78
C SER A 392 0.06 -34.66 -20.82
N TYR A 393 -0.41 -35.17 -21.95
CA TYR A 393 0.49 -35.53 -23.04
C TYR A 393 0.65 -34.37 -24.02
N VAL A 394 -0.47 -33.79 -24.46
CA VAL A 394 -0.42 -32.69 -25.42
C VAL A 394 0.18 -31.41 -24.83
N GLU A 395 0.31 -31.35 -23.52
CA GLU A 395 1.03 -30.25 -22.86
C GLU A 395 2.27 -29.92 -23.68
N TYR A 396 3.12 -30.94 -23.84
CA TYR A 396 4.39 -30.78 -24.50
C TYR A 396 4.19 -30.41 -25.97
N LEU A 397 3.21 -31.04 -26.61
CA LEU A 397 2.94 -30.78 -28.01
C LEU A 397 2.68 -29.29 -28.26
N GLY A 398 1.69 -28.74 -27.56
CA GLY A 398 1.40 -27.32 -27.65
C GLY A 398 2.60 -26.49 -27.24
N ALA A 399 3.12 -26.78 -26.05
CA ALA A 399 4.30 -26.11 -25.53
C ALA A 399 5.41 -26.05 -26.57
N ASP A 400 5.73 -27.21 -27.16
CA ASP A 400 6.81 -27.32 -28.13
C ASP A 400 6.62 -26.38 -29.30
N HIS A 401 5.37 -26.16 -29.70
CA HIS A 401 5.09 -25.27 -30.82
C HIS A 401 5.40 -23.83 -30.47
N ALA A 402 5.20 -23.48 -29.20
CA ALA A 402 5.47 -22.12 -28.73
C ALA A 402 6.99 -21.88 -28.64
N GLU A 403 7.70 -22.85 -28.08
CA GLU A 403 9.16 -22.77 -27.97
C GLU A 403 9.81 -23.91 -28.75
N PRO A 404 9.80 -23.81 -30.09
CA PRO A 404 10.31 -24.84 -31.00
C PRO A 404 11.73 -25.28 -30.67
N THR A 405 12.52 -24.36 -30.12
CA THR A 405 13.94 -24.58 -29.93
C THR A 405 14.30 -25.32 -28.65
N TRP A 406 13.32 -25.53 -27.78
CA TRP A 406 13.59 -26.11 -26.46
C TRP A 406 13.60 -27.64 -26.41
N ASN A 407 12.92 -28.27 -27.34
CA ASN A 407 12.79 -29.72 -27.36
C ASN A 407 12.06 -30.25 -26.13
N LEU A 408 10.86 -29.74 -25.88
CA LEU A 408 10.08 -30.19 -24.73
C LEU A 408 9.75 -31.66 -24.87
N LYS A 409 8.82 -31.95 -25.78
CA LYS A 409 8.48 -33.31 -26.18
C LYS A 409 9.20 -34.41 -25.40
N ASP A 410 10.53 -34.30 -25.32
CA ASP A 410 11.35 -35.28 -24.60
C ASP A 410 11.01 -35.35 -23.12
N LEU A 411 10.85 -34.18 -22.51
CA LEU A 411 10.67 -34.07 -21.06
C LEU A 411 9.58 -34.97 -20.50
N ILE A 412 8.65 -35.37 -21.35
CA ILE A 412 7.58 -36.27 -20.92
C ILE A 412 8.16 -37.53 -20.28
N VAL A 413 9.29 -37.99 -20.81
CA VAL A 413 9.90 -39.22 -20.35
C VAL A 413 10.26 -39.21 -18.87
N PRO A 414 11.16 -38.29 -18.45
CA PRO A 414 11.56 -38.27 -17.04
C PRO A 414 10.52 -37.57 -16.16
N GLY A 415 9.86 -36.56 -16.70
CA GLY A 415 8.88 -35.81 -15.94
C GLY A 415 7.53 -36.51 -15.79
N ASP A 416 7.29 -37.55 -16.57
CA ASP A 416 5.98 -38.19 -16.58
C ASP A 416 6.03 -39.72 -16.61
N VAL A 417 6.78 -40.27 -17.57
CA VAL A 417 6.83 -41.72 -17.74
C VAL A 417 7.51 -42.42 -16.57
N TYR A 418 8.80 -42.17 -16.41
CA TYR A 418 9.56 -42.78 -15.33
C TYR A 418 9.03 -42.36 -13.97
N ARG A 419 8.49 -41.16 -13.90
CA ARG A 419 7.88 -40.66 -12.67
C ARG A 419 6.77 -41.60 -12.21
N VAL A 420 5.78 -41.82 -13.06
CA VAL A 420 4.64 -42.67 -12.72
C VAL A 420 5.04 -44.14 -12.60
N MET A 421 6.07 -44.56 -13.34
CA MET A 421 6.55 -45.94 -13.28
C MET A 421 6.99 -46.33 -11.87
N ALA A 422 7.45 -45.35 -11.10
CA ALA A 422 7.92 -45.61 -9.74
C ALA A 422 6.78 -46.06 -8.82
N VAL A 423 5.58 -45.57 -9.09
CA VAL A 423 4.41 -45.90 -8.27
C VAL A 423 3.55 -46.99 -8.89
N ASP A 424 3.73 -47.24 -10.19
CA ASP A 424 2.95 -48.26 -10.88
C ASP A 424 3.66 -49.60 -10.78
N ALA A 425 4.81 -49.61 -10.11
CA ALA A 425 5.62 -50.80 -10.03
C ALA A 425 5.56 -51.46 -8.64
N LEU A 426 4.49 -51.18 -7.91
CA LEU A 426 4.23 -51.83 -6.63
C LEU A 426 2.84 -52.44 -6.62
N ALA A 427 2.65 -53.48 -5.81
CA ALA A 427 1.37 -54.17 -5.72
C ALA A 427 0.25 -53.22 -5.28
N SER A 428 0.64 -52.10 -4.68
CA SER A 428 -0.31 -51.12 -4.17
C SER A 428 -1.06 -50.42 -5.30
N SER A 429 -0.51 -50.49 -6.51
CA SER A 429 -1.04 -49.72 -7.63
C SER A 429 -2.41 -50.18 -8.13
N HIS A 430 -2.96 -49.42 -9.08
CA HIS A 430 -4.25 -49.73 -9.66
C HIS A 430 -4.31 -49.42 -11.16
N PRO A 431 -5.32 -49.97 -11.87
CA PRO A 431 -5.46 -49.70 -13.30
C PRO A 431 -6.27 -48.44 -13.58
N LEU A 432 -6.05 -47.83 -14.74
CA LEU A 432 -6.69 -46.57 -15.09
C LEU A 432 -8.21 -46.70 -15.17
N THR A 433 -8.68 -47.67 -15.93
CA THR A 433 -10.11 -47.90 -16.08
C THR A 433 -10.71 -48.51 -14.83
N THR A 434 -11.50 -47.71 -14.12
CA THR A 434 -12.29 -48.22 -13.01
C THR A 434 -13.77 -48.11 -13.36
N PRO A 435 -14.54 -49.18 -13.11
CA PRO A 435 -15.95 -49.24 -13.47
C PRO A 435 -16.77 -48.10 -12.87
N ALA A 436 -17.69 -47.56 -13.64
CA ALA A 436 -18.49 -46.41 -13.22
C ALA A 436 -19.27 -46.66 -11.92
N GLU A 437 -19.84 -47.85 -11.78
CA GLU A 437 -20.65 -48.17 -10.62
C GLU A 437 -19.86 -47.99 -9.33
N GLU A 438 -18.54 -47.88 -9.44
CA GLU A 438 -17.68 -47.78 -8.27
C GLU A 438 -17.24 -46.35 -7.97
N VAL A 439 -17.88 -45.37 -8.59
CA VAL A 439 -17.57 -43.97 -8.35
C VAL A 439 -18.85 -43.17 -8.10
N ASN A 440 -19.04 -42.74 -6.87
CA ASN A 440 -20.28 -42.06 -6.49
C ASN A 440 -20.07 -40.87 -5.55
N THR A 441 -19.59 -41.15 -4.35
CA THR A 441 -19.36 -40.10 -3.36
C THR A 441 -18.35 -39.08 -3.88
N PRO A 442 -18.59 -37.79 -3.62
CA PRO A 442 -17.68 -36.72 -4.04
C PRO A 442 -16.25 -37.03 -3.64
N ALA A 443 -16.08 -37.87 -2.62
CA ALA A 443 -14.77 -38.32 -2.19
C ALA A 443 -14.18 -39.29 -3.20
N GLN A 444 -14.96 -40.29 -3.61
CA GLN A 444 -14.52 -41.25 -4.60
C GLN A 444 -14.15 -40.58 -5.90
N ILE A 445 -14.89 -39.52 -6.24
CA ILE A 445 -14.62 -38.75 -7.45
C ILE A 445 -13.24 -38.09 -7.35
N SER A 446 -12.93 -37.53 -6.18
CA SER A 446 -11.67 -36.84 -6.00
C SER A 446 -10.49 -37.80 -6.09
N GLU A 447 -10.63 -39.00 -5.55
CA GLU A 447 -9.54 -39.98 -5.61
C GLU A 447 -9.31 -40.46 -7.04
N MET A 448 -10.05 -39.91 -7.99
CA MET A 448 -9.84 -40.22 -9.40
C MET A 448 -8.70 -39.37 -9.96
N PHE A 449 -8.09 -38.56 -9.10
CA PHE A 449 -7.01 -37.69 -9.52
C PHE A 449 -5.65 -38.18 -9.01
N ASP A 450 -5.29 -39.40 -9.36
CA ASP A 450 -3.99 -39.95 -8.99
C ASP A 450 -2.92 -39.39 -9.90
N SER A 451 -1.69 -39.82 -9.68
CA SER A 451 -0.60 -39.47 -10.58
C SER A 451 -0.63 -40.44 -11.76
N ILE A 452 -1.36 -41.55 -11.57
CA ILE A 452 -1.53 -42.55 -12.61
C ILE A 452 -2.48 -42.04 -13.69
N SER A 453 -3.69 -41.68 -13.28
CA SER A 453 -4.68 -41.17 -14.22
C SER A 453 -4.23 -39.85 -14.82
N TYR A 454 -2.93 -39.58 -14.74
CA TYR A 454 -2.35 -38.33 -15.21
C TYR A 454 -1.10 -38.64 -16.01
N SER A 455 -0.12 -39.26 -15.34
CA SER A 455 1.15 -39.58 -15.96
C SER A 455 1.08 -40.88 -16.76
N LYS A 456 0.56 -41.93 -16.13
CA LYS A 456 0.28 -43.16 -16.85
C LYS A 456 -0.61 -42.81 -18.03
N GLY A 457 -1.74 -42.18 -17.73
CA GLY A 457 -2.65 -41.71 -18.76
C GLY A 457 -1.92 -41.09 -19.93
N ALA A 458 -1.00 -40.18 -19.64
CA ALA A 458 -0.22 -39.52 -20.68
C ALA A 458 0.71 -40.49 -21.41
N SER A 459 1.42 -41.31 -20.65
CA SER A 459 2.36 -42.27 -21.22
C SER A 459 1.62 -43.20 -22.16
N VAL A 460 0.64 -43.89 -21.62
CA VAL A 460 -0.25 -44.76 -22.38
C VAL A 460 -0.69 -44.09 -23.69
N ILE A 461 -1.34 -42.94 -23.58
CA ILE A 461 -1.86 -42.24 -24.74
C ILE A 461 -0.75 -41.75 -25.68
N ARG A 462 0.41 -41.43 -25.14
CA ARG A 462 1.54 -41.04 -25.96
C ARG A 462 1.99 -42.21 -26.82
N MET A 463 2.05 -43.39 -26.21
CA MET A 463 2.48 -44.59 -26.91
C MET A 463 1.49 -44.96 -28.00
N LEU A 464 0.21 -44.73 -27.71
CA LEU A 464 -0.87 -44.99 -28.67
C LEU A 464 -0.69 -44.12 -29.91
N SER A 465 -0.60 -42.81 -29.70
CA SER A 465 -0.40 -41.86 -30.78
C SER A 465 0.87 -42.19 -31.57
N ASN A 466 1.73 -43.01 -30.97
CA ASN A 466 3.03 -43.30 -31.56
C ASN A 466 3.03 -44.54 -32.47
N PHE A 467 2.28 -45.57 -32.08
CA PHE A 467 2.21 -46.78 -32.90
C PHE A 467 1.10 -46.74 -33.95
N LEU A 468 0.36 -45.63 -33.97
CA LEU A 468 -0.63 -45.39 -35.03
C LEU A 468 -0.12 -44.30 -35.95
N THR A 469 1.17 -43.99 -35.87
CA THR A 469 1.75 -42.89 -36.62
C THR A 469 0.91 -41.63 -36.53
N GLU A 470 1.32 -40.72 -35.64
CA GLU A 470 0.66 -39.43 -35.42
C GLU A 470 -0.51 -39.14 -36.35
N ASP A 471 -0.19 -38.61 -37.54
CA ASP A 471 -1.18 -38.28 -38.56
C ASP A 471 -2.49 -39.08 -38.45
N LEU A 472 -2.37 -40.40 -38.36
CA LEU A 472 -3.53 -41.26 -38.23
C LEU A 472 -4.28 -41.01 -36.92
N PHE A 473 -3.54 -40.86 -35.84
CA PHE A 473 -4.10 -40.57 -34.52
C PHE A 473 -4.94 -39.30 -34.55
N LYS A 474 -4.41 -38.26 -35.19
CA LYS A 474 -5.10 -36.98 -35.30
C LYS A 474 -6.40 -37.12 -36.09
N GLU A 475 -6.39 -38.01 -37.09
CA GLU A 475 -7.59 -38.23 -37.90
C GLU A 475 -8.72 -38.80 -37.06
N GLY A 476 -8.43 -39.84 -36.30
CA GLY A 476 -9.40 -40.39 -35.38
C GLY A 476 -9.74 -39.38 -34.32
N LEU A 477 -8.73 -38.67 -33.85
CA LEU A 477 -8.89 -37.62 -32.84
C LEU A 477 -9.94 -36.64 -33.31
N ALA A 478 -9.82 -36.20 -34.56
CA ALA A 478 -10.71 -35.21 -35.13
C ALA A 478 -12.12 -35.74 -35.37
N SER A 479 -12.23 -36.91 -35.99
CA SER A 479 -13.53 -37.52 -36.23
C SER A 479 -14.26 -37.71 -34.90
N TYR A 480 -13.50 -37.95 -33.85
CA TYR A 480 -14.04 -38.09 -32.50
C TYR A 480 -14.66 -36.79 -32.02
N LEU A 481 -13.94 -35.68 -32.21
CA LEU A 481 -14.40 -34.37 -31.77
C LEU A 481 -15.67 -33.95 -32.50
N HIS A 482 -15.60 -33.88 -33.82
CA HIS A 482 -16.75 -33.47 -34.61
C HIS A 482 -17.96 -34.34 -34.29
N ALA A 483 -17.72 -35.63 -34.09
CA ALA A 483 -18.80 -36.57 -33.81
C ALA A 483 -19.54 -36.26 -32.51
N PHE A 484 -18.79 -35.93 -31.46
CA PHE A 484 -19.38 -35.78 -30.15
C PHE A 484 -19.36 -34.37 -29.59
N ALA A 485 -19.07 -33.40 -30.46
CA ALA A 485 -19.11 -32.00 -30.06
C ALA A 485 -20.38 -31.69 -29.28
N TYR A 486 -20.23 -31.15 -28.08
CA TYR A 486 -21.35 -30.70 -27.26
C TYR A 486 -22.19 -31.83 -26.65
N GLN A 487 -21.53 -32.96 -26.36
CA GLN A 487 -22.19 -34.11 -25.78
C GLN A 487 -21.22 -35.04 -25.05
N ASN A 488 -21.75 -35.94 -24.23
CA ASN A 488 -20.92 -36.84 -23.42
C ASN A 488 -20.35 -38.02 -24.21
N THR A 489 -19.27 -38.59 -23.70
CA THR A 489 -18.65 -39.77 -24.31
C THR A 489 -17.96 -40.65 -23.27
N THR A 490 -17.76 -41.91 -23.62
CA THR A 490 -16.91 -42.80 -22.85
C THR A 490 -15.58 -42.92 -23.59
N TYR A 491 -14.60 -43.56 -22.98
CA TYR A 491 -13.28 -43.67 -23.59
C TYR A 491 -13.29 -44.66 -24.75
N LEU A 492 -14.28 -45.54 -24.77
CA LEU A 492 -14.44 -46.51 -25.85
C LEU A 492 -14.75 -45.79 -27.16
N ASP A 493 -15.40 -44.65 -27.05
CA ASP A 493 -15.80 -43.87 -28.22
C ASP A 493 -14.60 -43.32 -28.98
N LEU A 494 -13.52 -43.04 -28.26
CA LEU A 494 -12.29 -42.60 -28.89
C LEU A 494 -11.55 -43.77 -29.50
N TRP A 495 -11.55 -44.90 -28.78
CA TRP A 495 -10.94 -46.13 -29.30
C TRP A 495 -11.60 -46.49 -30.63
N GLU A 496 -12.91 -46.36 -30.69
CA GLU A 496 -13.64 -46.65 -31.91
C GLU A 496 -13.14 -45.77 -33.05
N HIS A 497 -13.29 -44.46 -32.89
CA HIS A 497 -12.92 -43.51 -33.94
C HIS A 497 -11.47 -43.63 -34.42
N LEU A 498 -10.62 -44.24 -33.60
CA LEU A 498 -9.24 -44.47 -34.00
C LEU A 498 -9.18 -45.71 -34.88
N GLN A 499 -10.05 -46.66 -34.59
CA GLN A 499 -10.21 -47.82 -35.46
C GLN A 499 -10.79 -47.36 -36.80
N LYS A 500 -11.97 -46.74 -36.74
CA LYS A 500 -12.59 -46.17 -37.94
C LYS A 500 -11.55 -45.56 -38.87
N ALA A 501 -10.41 -45.16 -38.32
CA ALA A 501 -9.38 -44.48 -39.09
C ALA A 501 -8.29 -45.43 -39.56
N VAL A 502 -7.94 -46.41 -38.72
CA VAL A 502 -6.97 -47.41 -39.11
C VAL A 502 -7.61 -48.38 -40.10
N ASP A 503 -8.89 -48.64 -39.91
CA ASP A 503 -9.65 -49.49 -40.82
C ASP A 503 -9.71 -48.88 -42.22
N ALA A 504 -9.80 -47.56 -42.28
CA ALA A 504 -9.90 -46.85 -43.55
C ALA A 504 -8.54 -46.65 -44.23
N GLN A 505 -7.54 -47.38 -43.76
CA GLN A 505 -6.17 -47.19 -44.24
C GLN A 505 -5.42 -48.52 -44.31
N THR A 506 -4.51 -48.64 -45.26
CA THR A 506 -3.82 -49.89 -45.53
C THR A 506 -2.32 -49.82 -45.23
N SER A 507 -1.84 -48.61 -44.92
CA SER A 507 -0.40 -48.37 -44.78
C SER A 507 0.21 -48.98 -43.53
N ILE A 508 -0.22 -48.54 -42.36
CA ILE A 508 0.30 -49.07 -41.10
C ILE A 508 -0.66 -50.12 -40.55
N ARG A 509 -0.18 -50.94 -39.63
CA ARG A 509 -0.97 -52.07 -39.18
C ARG A 509 -0.61 -52.46 -37.74
N LEU A 510 -1.59 -52.96 -37.01
CA LEU A 510 -1.38 -53.44 -35.65
C LEU A 510 -1.69 -54.91 -35.61
N PRO A 511 -1.31 -55.59 -34.52
CA PRO A 511 -1.71 -57.00 -34.35
C PRO A 511 -3.22 -57.14 -34.20
N ASP A 512 -3.74 -56.80 -33.04
CA ASP A 512 -5.16 -56.89 -32.76
C ASP A 512 -5.86 -55.56 -32.99
N THR A 513 -7.10 -55.45 -32.53
CA THR A 513 -7.86 -54.22 -32.67
C THR A 513 -7.28 -53.16 -31.75
N VAL A 514 -7.61 -51.90 -31.98
CA VAL A 514 -7.14 -50.82 -31.13
C VAL A 514 -7.57 -51.04 -29.68
N ARG A 515 -8.86 -51.28 -29.47
CA ARG A 515 -9.36 -51.53 -28.13
C ARG A 515 -8.73 -52.76 -27.47
N ALA A 516 -8.43 -53.76 -28.28
CA ALA A 516 -7.80 -54.97 -27.76
C ALA A 516 -6.40 -54.66 -27.23
N ILE A 517 -5.65 -53.88 -27.98
CA ILE A 517 -4.29 -53.52 -27.60
C ILE A 517 -4.32 -52.62 -26.37
N MET A 518 -5.21 -51.64 -26.37
CA MET A 518 -5.30 -50.68 -25.28
C MET A 518 -5.70 -51.33 -23.96
N ASP A 519 -6.63 -52.28 -24.02
CA ASP A 519 -7.12 -52.93 -22.81
C ASP A 519 -6.02 -53.57 -21.97
N ARG A 520 -4.98 -54.08 -22.63
CA ARG A 520 -3.84 -54.64 -21.93
C ARG A 520 -3.24 -53.60 -21.00
N TRP A 521 -3.33 -52.34 -21.41
CA TRP A 521 -2.68 -51.23 -20.71
C TRP A 521 -3.63 -50.44 -19.81
N THR A 522 -4.91 -50.45 -20.13
CA THR A 522 -5.88 -49.65 -19.39
C THR A 522 -6.65 -50.45 -18.34
N LEU A 523 -6.70 -51.77 -18.50
CA LEU A 523 -7.55 -52.60 -17.66
C LEU A 523 -6.83 -53.31 -16.52
N GLN A 524 -5.51 -53.31 -16.57
CA GLN A 524 -4.72 -53.94 -15.51
C GLN A 524 -3.57 -53.05 -15.09
N MET A 525 -3.23 -53.09 -13.81
CA MET A 525 -2.18 -52.25 -13.26
C MET A 525 -0.80 -52.68 -13.75
N GLY A 526 0.18 -51.83 -13.48
CA GLY A 526 1.58 -52.17 -13.73
C GLY A 526 2.00 -52.16 -15.19
N PHE A 527 3.22 -52.62 -15.43
CA PHE A 527 3.79 -52.68 -16.76
C PHE A 527 4.83 -53.79 -16.78
N PRO A 528 5.27 -54.19 -17.98
CA PRO A 528 6.20 -55.33 -18.07
C PRO A 528 7.65 -54.91 -18.10
N VAL A 529 8.54 -55.83 -17.77
CA VAL A 529 9.96 -55.66 -18.03
C VAL A 529 10.35 -56.60 -19.16
N ILE A 530 10.68 -56.02 -20.32
CA ILE A 530 11.04 -56.79 -21.49
C ILE A 530 12.50 -57.22 -21.42
N THR A 531 12.72 -58.54 -21.39
CA THR A 531 14.08 -59.07 -21.26
C THR A 531 14.56 -59.68 -22.58
N VAL A 532 15.83 -59.47 -22.90
CA VAL A 532 16.36 -59.89 -24.19
C VAL A 532 17.69 -60.62 -24.09
N ASP A 533 17.71 -61.87 -24.54
CA ASP A 533 18.95 -62.64 -24.61
C ASP A 533 19.52 -62.52 -26.02
N THR A 534 20.31 -61.49 -26.25
CA THR A 534 20.78 -61.17 -27.60
C THR A 534 21.59 -62.29 -28.26
N LYS A 535 22.03 -63.27 -27.48
CA LYS A 535 22.78 -64.39 -28.04
C LYS A 535 21.85 -65.30 -28.85
N THR A 536 20.68 -65.59 -28.29
CA THR A 536 19.72 -66.44 -28.96
C THR A 536 18.75 -65.62 -29.80
N GLY A 537 18.20 -64.57 -29.19
CA GLY A 537 17.17 -63.77 -29.84
C GLY A 537 15.86 -63.92 -29.10
N ASN A 538 15.87 -64.76 -28.06
CA ASN A 538 14.69 -64.97 -27.23
C ASN A 538 14.20 -63.68 -26.59
N ILE A 539 12.95 -63.69 -26.13
CA ILE A 539 12.37 -62.51 -25.51
C ILE A 539 11.40 -62.86 -24.38
N SER A 540 11.51 -62.16 -23.26
CA SER A 540 10.64 -62.40 -22.13
C SER A 540 9.79 -61.16 -21.85
N GLN A 541 8.68 -61.37 -21.15
CA GLN A 541 7.86 -60.26 -20.67
C GLN A 541 7.29 -60.65 -19.31
N LYS A 542 7.42 -59.74 -18.34
CA LYS A 542 7.03 -60.04 -16.97
C LYS A 542 6.57 -58.81 -16.21
N HIS A 543 5.57 -58.99 -15.35
CA HIS A 543 5.09 -57.92 -14.49
C HIS A 543 6.24 -57.40 -13.65
N PHE A 544 6.52 -56.11 -13.74
CA PHE A 544 7.68 -55.55 -13.05
C PHE A 544 7.37 -54.83 -11.74
N LEU A 545 7.62 -55.52 -10.64
CA LEU A 545 7.67 -54.89 -9.32
C LEU A 545 9.15 -54.74 -8.94
N LEU A 546 9.49 -53.72 -8.14
CA LEU A 546 10.89 -53.56 -7.72
C LEU A 546 11.17 -54.24 -6.38
N ASP A 547 10.12 -54.70 -5.71
CA ASP A 547 10.28 -55.43 -4.46
C ASP A 547 10.26 -56.94 -4.71
N SER A 548 11.34 -57.45 -5.31
CA SER A 548 11.44 -58.86 -5.71
C SER A 548 10.44 -59.79 -5.04
N GLU A 549 10.28 -59.62 -3.74
CA GLU A 549 9.36 -60.45 -2.97
C GLU A 549 8.10 -59.69 -2.62
N SER A 550 7.02 -59.95 -3.36
CA SER A 550 5.78 -59.19 -3.20
C SER A 550 4.52 -60.05 -3.31
N ASN A 551 3.53 -59.71 -2.51
CA ASN A 551 2.25 -60.40 -2.52
C ASN A 551 1.29 -59.72 -3.50
N VAL A 552 1.64 -59.72 -4.78
CA VAL A 552 0.72 -59.17 -5.78
C VAL A 552 -0.58 -59.97 -5.70
N THR A 553 -1.68 -59.28 -5.40
CA THR A 553 -2.95 -59.95 -5.15
C THR A 553 -4.06 -59.49 -6.07
N ARG A 554 -3.95 -58.27 -6.57
CA ARG A 554 -4.94 -57.75 -7.50
C ARG A 554 -5.03 -58.68 -8.70
N SER A 555 -6.04 -59.54 -8.68
CA SER A 555 -6.24 -60.50 -9.75
C SER A 555 -6.46 -59.77 -11.06
N SER A 556 -5.91 -60.32 -12.14
CA SER A 556 -5.93 -59.65 -13.43
C SER A 556 -6.40 -60.56 -14.55
N ALA A 557 -7.43 -60.13 -15.26
CA ALA A 557 -7.73 -60.74 -16.54
C ALA A 557 -6.52 -60.42 -17.41
N PHE A 558 -6.05 -61.39 -18.17
CA PHE A 558 -4.86 -61.25 -19.02
C PHE A 558 -3.59 -61.85 -18.39
N ASP A 559 -3.65 -62.15 -17.10
CA ASP A 559 -2.50 -62.73 -16.39
C ASP A 559 -1.25 -61.86 -16.47
N TYR A 560 -1.44 -60.54 -16.33
CA TYR A 560 -0.34 -59.58 -16.44
C TYR A 560 0.55 -59.83 -17.64
N LEU A 561 -0.06 -59.86 -18.82
CA LEU A 561 0.67 -59.90 -20.07
C LEU A 561 0.20 -58.73 -20.92
N TRP A 562 1.10 -58.23 -21.77
CA TRP A 562 0.78 -57.05 -22.58
C TRP A 562 1.07 -57.26 -24.05
N ILE A 563 0.33 -56.54 -24.88
CA ILE A 563 0.66 -56.44 -26.30
C ILE A 563 1.58 -55.24 -26.44
N VAL A 564 2.88 -55.51 -26.60
CA VAL A 564 3.90 -54.47 -26.49
C VAL A 564 4.48 -54.05 -27.84
N PRO A 565 4.30 -52.78 -28.21
CA PRO A 565 4.94 -52.19 -29.39
C PRO A 565 6.41 -51.95 -29.12
N ILE A 566 7.28 -52.65 -29.85
CA ILE A 566 8.70 -52.58 -29.57
C ILE A 566 9.55 -52.09 -30.73
N SER A 567 9.84 -50.79 -30.75
CA SER A 567 10.83 -50.24 -31.65
C SER A 567 12.19 -50.72 -31.18
N SER A 568 13.20 -50.59 -32.03
CA SER A 568 14.53 -50.98 -31.63
C SER A 568 15.60 -50.39 -32.54
N ILE A 569 16.84 -50.46 -32.08
CA ILE A 569 17.96 -49.93 -32.83
C ILE A 569 19.13 -50.89 -32.75
N LYS A 570 19.78 -51.13 -33.89
CA LYS A 570 20.95 -51.98 -33.93
C LYS A 570 22.12 -51.20 -34.52
N ASN A 571 23.10 -50.90 -33.69
CA ASN A 571 24.26 -50.12 -34.11
C ASN A 571 23.86 -48.75 -34.68
N GLY A 572 22.89 -48.11 -34.05
CA GLY A 572 22.47 -46.78 -34.47
C GLY A 572 21.46 -46.80 -35.60
N VAL A 573 21.47 -47.87 -36.38
CA VAL A 573 20.50 -48.03 -37.45
C VAL A 573 19.18 -48.48 -36.85
N MET A 574 18.08 -47.84 -37.24
CA MET A 574 16.78 -48.25 -36.74
C MET A 574 16.33 -49.55 -37.39
N GLN A 575 16.02 -50.54 -36.56
CA GLN A 575 15.52 -51.81 -37.04
C GLN A 575 14.11 -51.64 -37.60
N ASP A 576 13.41 -52.75 -37.82
CA ASP A 576 12.11 -52.69 -38.47
C ASP A 576 11.00 -52.33 -37.49
N HIS A 577 10.65 -53.28 -36.63
CA HIS A 577 9.60 -53.11 -35.63
C HIS A 577 9.04 -54.47 -35.28
N TYR A 578 8.55 -54.62 -34.06
CA TYR A 578 8.02 -55.89 -33.60
C TYR A 578 6.87 -55.65 -32.63
N TRP A 579 6.07 -56.69 -32.41
CA TRP A 579 5.01 -56.64 -31.42
C TRP A 579 5.07 -57.88 -30.53
N LEU A 580 5.22 -57.67 -29.23
CA LEU A 580 5.11 -58.76 -28.28
C LEU A 580 3.63 -59.07 -28.13
N ARG A 581 3.23 -60.29 -28.40
CA ARG A 581 1.84 -60.67 -28.23
C ARG A 581 1.58 -60.97 -26.75
N ASP A 582 0.32 -60.97 -26.35
CA ASP A 582 -0.03 -61.27 -24.96
C ASP A 582 0.43 -62.68 -24.58
N VAL A 583 1.72 -62.94 -24.78
CA VAL A 583 2.31 -64.23 -24.47
C VAL A 583 3.61 -64.03 -23.70
N SER A 584 3.95 -64.98 -22.84
CA SER A 584 5.11 -64.86 -21.96
C SER A 584 6.44 -64.83 -22.71
N GLN A 585 6.65 -65.79 -23.61
CA GLN A 585 7.92 -65.88 -24.33
C GLN A 585 7.76 -65.75 -25.84
N ALA A 586 8.86 -65.44 -26.51
CA ALA A 586 8.87 -65.29 -27.96
C ALA A 586 10.30 -65.20 -28.48
N GLN A 587 10.44 -64.89 -29.76
CA GLN A 587 11.75 -64.81 -30.40
C GLN A 587 11.67 -64.07 -31.74
N ASN A 588 12.78 -63.45 -32.12
CA ASN A 588 12.93 -62.85 -33.44
C ASN A 588 14.38 -62.47 -33.69
N ASP A 589 14.81 -62.57 -34.94
CA ASP A 589 16.21 -62.29 -35.29
C ASP A 589 16.52 -60.79 -35.31
N LEU A 590 15.52 -59.99 -34.92
CA LEU A 590 15.75 -58.56 -34.71
C LEU A 590 16.60 -58.39 -33.47
N PHE A 591 16.40 -59.29 -32.51
CA PHE A 591 17.03 -59.20 -31.21
C PHE A 591 18.16 -60.22 -31.08
N LYS A 592 18.88 -60.44 -32.18
CA LYS A 592 20.05 -61.30 -32.17
C LYS A 592 21.26 -60.50 -32.63
N THR A 593 22.42 -60.79 -32.06
CA THR A 593 23.63 -60.02 -32.34
C THR A 593 24.82 -60.89 -32.70
N ALA A 594 25.84 -60.26 -33.27
CA ALA A 594 27.10 -60.94 -33.56
C ALA A 594 28.04 -60.78 -32.37
N SER A 595 29.33 -60.98 -32.62
CA SER A 595 30.33 -60.78 -31.58
C SER A 595 30.30 -59.31 -31.15
N ASP A 596 30.68 -58.43 -32.07
CA ASP A 596 30.61 -57.00 -31.83
C ASP A 596 29.36 -56.42 -32.48
N ASP A 597 28.30 -56.31 -31.69
CA ASP A 597 27.04 -55.74 -32.14
C ASP A 597 26.08 -55.59 -30.96
N TRP A 598 25.42 -54.45 -30.87
CA TRP A 598 24.48 -54.20 -29.79
C TRP A 598 23.09 -53.87 -30.30
N VAL A 599 22.06 -54.39 -29.62
CA VAL A 599 20.69 -53.96 -29.86
C VAL A 599 20.28 -53.09 -28.70
N LEU A 600 19.15 -52.42 -28.86
CA LEU A 600 18.63 -51.55 -27.82
C LEU A 600 17.19 -51.25 -28.14
N LEU A 601 16.29 -51.62 -27.21
CA LEU A 601 14.87 -51.49 -27.45
C LEU A 601 14.27 -50.18 -26.93
N ASN A 602 12.98 -50.00 -27.20
CA ASN A 602 12.23 -48.83 -26.77
C ASN A 602 12.93 -47.50 -27.04
N VAL A 603 13.09 -47.15 -28.31
CA VAL A 603 13.69 -45.88 -28.68
C VAL A 603 12.81 -44.71 -28.21
N ASN A 604 13.44 -43.68 -27.68
CA ASN A 604 12.74 -42.52 -27.14
C ASN A 604 11.70 -42.91 -26.08
N VAL A 605 11.87 -44.11 -25.52
CA VAL A 605 10.97 -44.64 -24.50
C VAL A 605 9.51 -44.30 -24.79
N THR A 606 9.09 -44.53 -26.03
CA THR A 606 7.70 -44.30 -26.40
C THR A 606 6.85 -45.50 -25.98
N GLY A 607 7.48 -46.43 -25.29
CA GLY A 607 6.81 -47.65 -24.85
C GLY A 607 6.77 -47.77 -23.34
N TYR A 608 5.57 -47.77 -22.78
CA TYR A 608 5.41 -47.87 -21.34
C TYR A 608 5.91 -49.21 -20.83
N PHE A 609 7.22 -49.40 -20.89
CA PHE A 609 7.84 -50.61 -20.38
C PHE A 609 9.35 -50.40 -20.22
N GLN A 610 9.97 -51.25 -19.43
CA GLN A 610 11.41 -51.17 -19.21
C GLN A 610 12.12 -52.36 -19.85
N VAL A 611 13.25 -52.08 -20.48
CA VAL A 611 14.02 -53.13 -21.14
C VAL A 611 15.23 -53.57 -20.32
N ASN A 612 15.41 -54.88 -20.21
CA ASN A 612 16.61 -55.46 -19.64
C ASN A 612 17.29 -56.35 -20.68
N TYR A 613 18.62 -56.33 -20.71
CA TYR A 613 19.36 -57.15 -21.66
C TYR A 613 20.22 -58.18 -20.94
N ASP A 614 20.85 -59.05 -21.71
CA ASP A 614 21.82 -59.99 -21.16
C ASP A 614 23.10 -59.24 -20.82
N GLU A 615 23.89 -59.82 -19.92
CA GLU A 615 25.02 -59.12 -19.34
C GLU A 615 26.11 -58.79 -20.34
N ASP A 616 25.90 -59.15 -21.60
CA ASP A 616 26.88 -58.87 -22.64
C ASP A 616 26.48 -57.69 -23.50
N ASN A 617 25.19 -57.60 -23.82
CA ASN A 617 24.70 -56.49 -24.61
C ASN A 617 24.86 -55.19 -23.85
N TRP A 618 24.48 -55.20 -22.58
CA TRP A 618 24.73 -54.05 -21.70
C TRP A 618 26.15 -53.59 -21.96
N ARG A 619 27.10 -54.49 -21.69
CA ARG A 619 28.51 -54.17 -21.80
C ARG A 619 28.86 -53.64 -23.18
N MET A 620 28.13 -54.07 -24.19
CA MET A 620 28.36 -53.58 -25.55
C MET A 620 27.80 -52.17 -25.70
N ILE A 621 26.63 -51.94 -25.12
CA ILE A 621 26.02 -50.61 -25.11
C ILE A 621 26.88 -49.63 -24.31
N GLN A 622 27.47 -50.14 -23.23
CA GLN A 622 28.37 -49.34 -22.41
C GLN A 622 29.55 -48.87 -23.23
N HIS A 623 30.18 -49.80 -23.96
CA HIS A 623 31.34 -49.47 -24.77
C HIS A 623 30.98 -48.48 -25.86
N GLN A 624 29.78 -48.62 -26.42
CA GLN A 624 29.30 -47.68 -27.44
C GLN A 624 29.19 -46.30 -26.81
N LEU A 625 28.54 -46.25 -25.64
CA LEU A 625 28.38 -45.01 -24.89
C LEU A 625 29.72 -44.36 -24.56
N GLN A 626 30.74 -45.19 -24.34
CA GLN A 626 32.08 -44.70 -24.00
C GLN A 626 32.70 -43.95 -25.17
N THR A 627 32.74 -44.58 -26.33
CA THR A 627 33.32 -43.96 -27.51
C THR A 627 32.38 -42.91 -28.08
N ASN A 628 31.85 -43.17 -29.27
CA ASN A 628 30.92 -42.26 -29.91
C ASN A 628 29.52 -42.45 -29.34
N LEU A 629 29.18 -41.67 -28.33
CA LEU A 629 27.87 -41.79 -27.66
C LEU A 629 26.77 -41.07 -28.42
N SER A 630 27.14 -40.32 -29.46
CA SER A 630 26.17 -39.61 -30.28
C SER A 630 25.25 -40.59 -31.01
N VAL A 631 25.70 -41.83 -31.11
CA VAL A 631 24.97 -42.88 -31.82
C VAL A 631 23.60 -43.17 -31.18
N ILE A 632 23.59 -43.32 -29.86
CA ILE A 632 22.35 -43.58 -29.15
C ILE A 632 21.62 -42.28 -28.84
N PRO A 633 20.32 -42.19 -29.19
CA PRO A 633 19.53 -40.98 -28.96
C PRO A 633 19.51 -40.59 -27.49
N VAL A 634 19.43 -39.29 -27.22
CA VAL A 634 19.65 -38.77 -25.88
C VAL A 634 18.64 -39.29 -24.84
N ILE A 635 17.43 -39.58 -25.29
CA ILE A 635 16.40 -40.07 -24.38
C ILE A 635 16.68 -41.51 -23.96
N ASN A 636 17.44 -42.21 -24.79
CA ASN A 636 17.80 -43.59 -24.48
C ASN A 636 19.03 -43.64 -23.59
N ARG A 637 19.95 -42.70 -23.81
CA ARG A 637 21.09 -42.52 -22.92
C ARG A 637 20.56 -42.33 -21.50
N ALA A 638 19.42 -41.66 -21.40
CA ALA A 638 18.74 -41.52 -20.12
C ALA A 638 18.18 -42.87 -19.70
N GLN A 639 17.41 -43.48 -20.61
CA GLN A 639 16.75 -44.76 -20.36
C GLN A 639 17.68 -45.83 -19.79
N VAL A 640 18.83 -46.00 -20.42
CA VAL A 640 19.77 -47.03 -20.00
C VAL A 640 20.16 -46.87 -18.52
N ILE A 641 20.25 -45.62 -18.08
CA ILE A 641 20.56 -45.32 -16.68
C ILE A 641 19.35 -45.53 -15.77
N TYR A 642 18.22 -44.95 -16.14
CA TYR A 642 16.98 -45.13 -15.38
C TYR A 642 16.65 -46.61 -15.19
N ASP A 643 16.71 -47.38 -16.27
CA ASP A 643 16.28 -48.77 -16.26
C ASP A 643 17.18 -49.67 -15.44
N SER A 644 18.49 -49.58 -15.69
CA SER A 644 19.44 -50.45 -15.00
C SER A 644 19.38 -50.31 -13.48
N PHE A 645 19.12 -49.10 -13.01
CA PHE A 645 18.99 -48.86 -11.57
C PHE A 645 17.72 -49.47 -11.01
N ASN A 646 16.60 -49.27 -11.70
CA ASN A 646 15.34 -49.89 -11.30
C ASN A 646 15.48 -51.40 -11.34
N LEU A 647 16.24 -51.89 -12.30
CA LEU A 647 16.49 -53.33 -12.41
C LEU A 647 17.33 -53.78 -11.23
N ALA A 648 18.39 -53.03 -10.95
CA ALA A 648 19.26 -53.30 -9.81
C ALA A 648 18.46 -53.35 -8.51
N THR A 649 17.46 -52.48 -8.41
CA THR A 649 16.59 -52.46 -7.24
C THR A 649 15.80 -53.76 -7.15
N ALA A 650 15.37 -54.26 -8.30
CA ALA A 650 14.54 -55.47 -8.35
C ALA A 650 15.38 -56.75 -8.34
N HIS A 651 16.69 -56.60 -8.27
CA HIS A 651 17.61 -57.74 -8.22
C HIS A 651 17.72 -58.47 -9.55
N MET A 652 17.31 -57.82 -10.63
CA MET A 652 17.40 -58.42 -11.95
C MET A 652 18.78 -58.21 -12.57
N VAL A 653 19.51 -57.23 -12.05
CA VAL A 653 20.90 -57.00 -12.42
C VAL A 653 21.68 -56.63 -11.17
N PRO A 654 23.00 -56.86 -11.18
CA PRO A 654 23.82 -56.50 -10.02
C PRO A 654 23.88 -54.99 -9.84
N VAL A 655 23.90 -54.53 -8.60
CA VAL A 655 23.93 -53.10 -8.31
C VAL A 655 25.09 -52.44 -9.02
N THR A 656 26.18 -53.20 -9.16
CA THR A 656 27.38 -52.71 -9.81
C THR A 656 27.13 -52.40 -11.29
N LEU A 657 26.24 -53.17 -11.91
CA LEU A 657 25.93 -52.96 -13.33
C LEU A 657 25.35 -51.58 -13.61
N ALA A 658 24.29 -51.23 -12.89
CA ALA A 658 23.69 -49.90 -13.04
C ALA A 658 24.75 -48.83 -12.88
N LEU A 659 25.75 -49.11 -12.05
CA LEU A 659 26.85 -48.19 -11.82
C LEU A 659 27.71 -47.97 -13.06
N ASP A 660 28.06 -49.06 -13.76
CA ASP A 660 28.87 -48.95 -14.96
C ASP A 660 28.16 -48.15 -16.06
N ASN A 661 26.85 -48.05 -15.93
CA ASN A 661 26.04 -47.30 -16.89
C ASN A 661 26.12 -45.80 -16.68
N THR A 662 27.03 -45.38 -15.80
CA THR A 662 27.22 -43.96 -15.51
C THR A 662 28.63 -43.54 -15.90
N LEU A 663 29.47 -44.51 -16.24
CA LEU A 663 30.86 -44.24 -16.56
C LEU A 663 31.00 -43.44 -17.84
N PHE A 664 29.94 -43.43 -18.65
CA PHE A 664 29.99 -42.74 -19.94
C PHE A 664 29.72 -41.24 -19.81
N LEU A 665 29.40 -40.81 -18.59
CA LEU A 665 28.98 -39.42 -18.33
C LEU A 665 30.10 -38.38 -18.43
N ASN A 666 31.36 -38.83 -18.39
CA ASN A 666 32.47 -37.90 -18.47
C ASN A 666 32.51 -37.18 -19.82
N GLY A 667 31.78 -37.72 -20.79
CA GLY A 667 31.70 -37.13 -22.11
C GLY A 667 30.31 -36.62 -22.43
N GLU A 668 29.41 -36.74 -21.44
CA GLU A 668 28.03 -36.30 -21.61
C GLU A 668 27.88 -34.82 -21.31
N LYS A 669 27.08 -34.12 -22.13
CA LYS A 669 26.88 -32.69 -21.95
C LYS A 669 25.40 -32.32 -21.88
N GLU A 670 24.52 -33.32 -21.93
CA GLU A 670 23.10 -33.06 -22.04
C GLU A 670 22.32 -33.39 -20.76
N TYR A 671 21.33 -32.55 -20.47
CA TYR A 671 20.57 -32.61 -19.21
C TYR A 671 20.05 -34.00 -18.84
N MET A 672 19.40 -34.67 -19.78
CA MET A 672 18.59 -35.85 -19.45
C MET A 672 19.35 -37.07 -18.93
N PRO A 673 20.47 -37.44 -19.59
CA PRO A 673 21.22 -38.59 -19.05
C PRO A 673 21.75 -38.29 -17.67
N TRP A 674 22.33 -37.10 -17.47
CA TRP A 674 22.84 -36.69 -16.17
C TRP A 674 21.73 -36.69 -15.12
N GLN A 675 20.60 -36.06 -15.46
CA GLN A 675 19.47 -36.01 -14.53
C GLN A 675 19.06 -37.42 -14.10
N ALA A 676 19.19 -38.36 -15.03
CA ALA A 676 18.86 -39.76 -14.74
C ALA A 676 19.81 -40.32 -13.69
N ALA A 677 21.10 -40.08 -13.88
CA ALA A 677 22.12 -40.58 -12.97
C ALA A 677 21.92 -40.02 -11.57
N LEU A 678 21.71 -38.72 -11.47
CA LEU A 678 21.51 -38.06 -10.19
C LEU A 678 20.32 -38.63 -9.44
N SER A 679 19.14 -38.56 -10.05
CA SER A 679 17.93 -39.11 -9.45
C SER A 679 18.16 -40.47 -8.83
N SER A 680 18.60 -41.42 -9.66
CA SER A 680 18.80 -42.78 -9.20
C SER A 680 19.96 -42.92 -8.22
N LEU A 681 20.89 -41.96 -8.27
CA LEU A 681 22.09 -42.02 -7.44
C LEU A 681 21.89 -41.42 -6.04
N SER A 682 20.92 -40.52 -5.92
CA SER A 682 20.76 -39.77 -4.67
C SER A 682 20.26 -40.58 -3.49
N TYR A 683 19.77 -41.78 -3.75
CA TYR A 683 19.44 -42.69 -2.65
C TYR A 683 20.72 -43.27 -2.07
N PHE A 684 21.71 -43.46 -2.93
CA PHE A 684 23.04 -43.88 -2.50
C PHE A 684 23.65 -42.75 -1.67
N SER A 685 23.55 -41.54 -2.19
CA SER A 685 24.12 -40.36 -1.56
C SER A 685 23.31 -39.94 -0.36
N LEU A 686 22.81 -40.93 0.38
CA LEU A 686 21.87 -40.68 1.47
C LEU A 686 21.92 -41.87 2.40
N MET A 687 22.30 -43.02 1.86
CA MET A 687 22.52 -44.19 2.68
C MET A 687 23.97 -44.19 3.12
N PHE A 688 24.84 -43.77 2.22
CA PHE A 688 26.27 -43.85 2.43
C PHE A 688 26.93 -42.50 2.73
N ASP A 689 26.14 -41.44 2.85
CA ASP A 689 26.73 -40.11 2.96
C ASP A 689 27.27 -39.77 4.36
N ARG A 690 27.05 -40.67 5.31
CA ARG A 690 27.67 -40.55 6.62
C ARG A 690 28.61 -41.75 6.81
N SER A 691 29.02 -42.35 5.70
CA SER A 691 29.70 -43.63 5.75
C SER A 691 31.07 -43.65 5.07
N GLU A 692 31.70 -44.81 5.14
CA GLU A 692 33.02 -45.06 4.59
C GLU A 692 33.05 -44.93 3.07
N VAL A 693 31.88 -44.99 2.44
CA VAL A 693 31.82 -44.98 0.98
C VAL A 693 31.63 -43.59 0.40
N TYR A 694 31.16 -42.65 1.22
CA TYR A 694 30.94 -41.30 0.71
C TYR A 694 32.26 -40.70 0.21
N GLY A 695 33.36 -41.18 0.77
CA GLY A 695 34.67 -40.73 0.35
C GLY A 695 34.90 -40.86 -1.15
N PRO A 696 35.06 -42.11 -1.62
CA PRO A 696 35.28 -42.41 -3.03
C PRO A 696 34.12 -41.96 -3.92
N MET A 697 32.89 -42.19 -3.46
CA MET A 697 31.72 -41.78 -4.22
C MET A 697 31.80 -40.30 -4.56
N LYS A 698 32.08 -39.48 -3.55
CA LYS A 698 32.21 -38.04 -3.73
C LYS A 698 33.34 -37.74 -4.71
N LYS A 699 34.38 -38.57 -4.66
CA LYS A 699 35.53 -38.41 -5.53
C LYS A 699 35.14 -38.77 -6.96
N TYR A 700 34.46 -39.91 -7.11
CA TYR A 700 34.01 -40.37 -8.42
C TYR A 700 33.18 -39.33 -9.14
N LEU A 701 32.19 -38.76 -8.44
CA LEU A 701 31.30 -37.79 -9.04
C LEU A 701 32.03 -36.50 -9.44
N ARG A 702 33.07 -36.16 -8.69
CA ARG A 702 33.87 -35.00 -9.06
C ARG A 702 34.55 -35.28 -10.40
N LYS A 703 35.01 -36.52 -10.55
CA LYS A 703 35.72 -36.97 -11.74
C LYS A 703 34.84 -36.90 -12.97
N GLN A 704 33.59 -37.31 -12.82
CA GLN A 704 32.65 -37.36 -13.93
C GLN A 704 32.19 -35.97 -14.36
N VAL A 705 32.14 -35.04 -13.41
CA VAL A 705 31.56 -33.73 -13.66
C VAL A 705 32.55 -32.71 -14.21
N GLU A 706 33.77 -32.73 -13.70
CA GLU A 706 34.76 -31.72 -14.05
C GLU A 706 34.73 -31.31 -15.54
N PRO A 707 34.74 -32.29 -16.45
CA PRO A 707 34.80 -31.97 -17.88
C PRO A 707 33.55 -31.24 -18.32
N LEU A 708 32.41 -31.59 -17.69
CA LEU A 708 31.16 -30.90 -17.96
C LEU A 708 31.20 -29.48 -17.41
N PHE A 709 31.71 -29.35 -16.19
CA PHE A 709 31.88 -28.04 -15.57
C PHE A 709 32.79 -27.19 -16.45
N GLN A 710 33.86 -27.83 -16.94
CA GLN A 710 34.82 -27.15 -17.81
C GLN A 710 34.14 -26.67 -19.07
N HIS A 711 33.35 -27.55 -19.68
CA HIS A 711 32.64 -27.23 -20.91
C HIS A 711 31.78 -26.00 -20.74
N PHE A 712 30.97 -25.99 -19.70
CA PHE A 712 30.09 -24.87 -19.41
C PHE A 712 30.84 -23.61 -19.03
N GLU A 713 31.85 -23.73 -18.17
CA GLU A 713 32.72 -22.62 -17.85
C GLU A 713 33.11 -21.88 -19.14
N THR A 714 33.54 -22.64 -20.15
CA THR A 714 33.98 -22.06 -21.41
C THR A 714 32.82 -21.59 -22.26
N LEU A 715 31.87 -22.49 -22.51
CA LEU A 715 30.70 -22.21 -23.34
C LEU A 715 29.95 -20.99 -22.82
N THR A 716 30.04 -20.77 -21.52
CA THR A 716 29.25 -19.71 -20.88
C THR A 716 30.10 -18.47 -20.59
N LYS A 717 31.34 -18.48 -21.06
CA LYS A 717 32.27 -17.36 -20.88
C LYS A 717 32.49 -16.99 -19.42
N ASN A 718 33.00 -17.93 -18.66
CA ASN A 718 33.26 -17.72 -17.23
C ASN A 718 32.00 -17.35 -16.45
N TRP A 719 30.87 -17.94 -16.84
CA TRP A 719 29.61 -17.81 -16.14
C TRP A 719 29.02 -16.41 -16.24
N THR A 720 29.03 -15.87 -17.45
CA THR A 720 28.55 -14.51 -17.68
C THR A 720 27.36 -14.45 -18.62
N GLU A 721 27.15 -15.54 -19.36
CA GLU A 721 26.03 -15.64 -20.29
C GLU A 721 25.49 -17.05 -20.35
N ARG A 722 24.31 -17.25 -19.78
CA ARG A 722 23.68 -18.55 -19.73
C ARG A 722 23.37 -19.09 -21.14
N PRO A 723 23.48 -20.41 -21.32
CA PRO A 723 23.14 -21.01 -22.61
C PRO A 723 21.72 -20.65 -23.02
N GLU A 724 21.35 -20.93 -24.27
CA GLU A 724 20.06 -20.49 -24.81
C GLU A 724 19.04 -21.61 -24.69
N ASN A 725 19.41 -22.78 -25.19
CA ASN A 725 18.53 -23.94 -25.16
C ASN A 725 18.12 -24.31 -23.73
N LEU A 726 16.81 -24.31 -23.48
CA LEU A 726 16.29 -24.62 -22.16
C LEU A 726 17.00 -25.82 -21.53
N MET A 727 17.07 -26.93 -22.26
CA MET A 727 17.66 -28.14 -21.74
C MET A 727 19.16 -27.97 -21.47
N ASP A 728 19.81 -27.10 -22.23
CA ASP A 728 21.22 -26.80 -21.99
C ASP A 728 21.36 -25.99 -20.71
N GLN A 729 20.45 -25.04 -20.50
CA GLN A 729 20.41 -24.28 -19.26
C GLN A 729 20.20 -25.24 -18.09
N TYR A 730 19.20 -26.10 -18.22
CA TYR A 730 18.94 -27.14 -17.22
C TYR A 730 20.20 -27.95 -16.90
N SER A 731 21.05 -28.13 -17.91
CA SER A 731 22.26 -28.91 -17.72
C SER A 731 23.30 -28.13 -16.91
N GLU A 732 23.49 -26.86 -17.26
CA GLU A 732 24.41 -26.00 -16.52
C GLU A 732 24.02 -25.97 -15.05
N ILE A 733 22.72 -25.85 -14.79
CA ILE A 733 22.22 -25.89 -13.42
C ILE A 733 22.75 -27.11 -12.67
N ASN A 734 22.49 -28.29 -13.22
CA ASN A 734 22.92 -29.54 -12.59
C ASN A 734 24.43 -29.71 -12.63
N ALA A 735 25.03 -29.20 -13.70
CA ALA A 735 26.50 -29.22 -13.83
C ALA A 735 27.12 -28.61 -12.58
N ILE A 736 26.80 -27.34 -12.35
CA ILE A 736 27.29 -26.62 -11.17
C ILE A 736 26.89 -27.29 -9.86
N SER A 737 25.58 -27.37 -9.62
CA SER A 737 25.06 -28.01 -8.42
C SER A 737 25.85 -29.25 -8.01
N THR A 738 26.11 -30.13 -8.98
CA THR A 738 26.85 -31.36 -8.72
C THR A 738 28.31 -31.08 -8.44
N ALA A 739 28.93 -30.22 -9.25
CA ALA A 739 30.32 -29.86 -9.06
C ALA A 739 30.58 -29.30 -7.67
N CYS A 740 29.67 -28.45 -7.19
CA CYS A 740 29.83 -27.85 -5.87
C CYS A 740 29.60 -28.85 -4.74
N SER A 741 28.44 -29.50 -4.76
CA SER A 741 28.09 -30.44 -3.70
C SER A 741 29.04 -31.62 -3.61
N ASN A 742 29.95 -31.73 -4.58
CA ASN A 742 30.94 -32.80 -4.55
C ASN A 742 32.37 -32.29 -4.37
N GLY A 743 32.50 -31.00 -4.12
CA GLY A 743 33.78 -30.43 -3.72
C GLY A 743 34.73 -30.12 -4.85
N LEU A 744 34.20 -29.61 -5.96
CA LEU A 744 35.05 -29.18 -7.06
C LEU A 744 35.50 -27.74 -6.83
N PRO A 745 36.81 -27.54 -6.63
CA PRO A 745 37.42 -26.26 -6.30
C PRO A 745 36.83 -25.05 -7.05
N GLN A 746 37.02 -24.98 -8.37
CA GLN A 746 36.58 -23.84 -9.15
C GLN A 746 35.10 -23.53 -8.93
N CYS A 747 34.31 -24.57 -8.67
CA CYS A 747 32.89 -24.37 -8.42
C CYS A 747 32.70 -23.64 -7.09
N GLU A 748 33.28 -24.21 -6.03
CA GLU A 748 33.28 -23.56 -4.72
C GLU A 748 33.81 -22.15 -4.86
N ASN A 749 34.88 -22.01 -5.63
CA ASN A 749 35.41 -20.70 -5.98
C ASN A 749 34.32 -19.80 -6.53
N LEU A 750 33.77 -20.19 -7.68
CA LEU A 750 32.68 -19.44 -8.32
C LEU A 750 31.61 -19.00 -7.32
N ALA A 751 31.11 -19.95 -6.55
CA ALA A 751 30.04 -19.68 -5.60
C ALA A 751 30.44 -18.62 -4.59
N LYS A 752 31.64 -18.77 -4.03
CA LYS A 752 32.14 -17.79 -3.05
C LYS A 752 32.29 -16.43 -3.70
N THR A 753 33.12 -16.36 -4.74
CA THR A 753 33.38 -15.11 -5.44
C THR A 753 32.10 -14.35 -5.75
N LEU A 754 31.08 -15.07 -6.23
CA LEU A 754 29.80 -14.47 -6.57
C LEU A 754 29.10 -13.91 -5.34
N PHE A 755 29.02 -14.71 -4.29
CA PHE A 755 28.35 -14.30 -3.06
C PHE A 755 29.04 -13.08 -2.44
N ASP A 756 30.37 -13.15 -2.36
CA ASP A 756 31.17 -12.02 -1.93
C ASP A 756 30.75 -10.77 -2.68
N GLN A 757 30.75 -10.87 -4.01
CA GLN A 757 30.34 -9.76 -4.86
C GLN A 757 28.98 -9.23 -4.44
N TRP A 758 28.09 -10.13 -4.03
CA TRP A 758 26.74 -9.74 -3.65
C TRP A 758 26.70 -8.93 -2.35
N MET A 759 27.38 -9.41 -1.32
CA MET A 759 27.42 -8.68 -0.06
C MET A 759 28.24 -7.39 -0.23
N SER A 760 29.19 -7.41 -1.15
CA SER A 760 29.98 -6.23 -1.45
C SER A 760 29.08 -5.12 -1.96
N ASP A 761 27.89 -5.49 -2.41
CA ASP A 761 26.91 -4.53 -2.89
C ASP A 761 25.54 -5.20 -3.01
N PRO A 762 24.83 -5.31 -1.87
CA PRO A 762 23.48 -5.91 -1.86
C PRO A 762 22.54 -5.11 -2.75
N GLU A 763 21.24 -5.31 -2.60
CA GLU A 763 20.24 -4.60 -3.39
C GLU A 763 20.56 -4.59 -4.90
N ASN A 764 21.72 -5.13 -5.25
CA ASN A 764 22.09 -5.34 -6.64
C ASN A 764 22.69 -6.74 -6.79
N ASN A 765 21.81 -7.73 -6.94
CA ASN A 765 22.23 -9.13 -6.97
C ASN A 765 22.86 -9.50 -8.30
N PRO A 766 24.10 -10.00 -8.27
CA PRO A 766 24.86 -10.32 -9.47
C PRO A 766 24.63 -11.76 -9.94
N ILE A 767 23.95 -12.55 -9.13
CA ILE A 767 23.77 -13.97 -9.40
C ILE A 767 22.50 -14.24 -10.21
N HIS A 768 22.67 -14.90 -11.35
CA HIS A 768 21.55 -15.24 -12.22
C HIS A 768 20.61 -16.21 -11.51
N PRO A 769 19.30 -15.92 -11.52
CA PRO A 769 18.28 -16.72 -10.83
C PRO A 769 18.46 -18.23 -11.07
N ASN A 770 18.93 -18.60 -12.26
CA ASN A 770 19.23 -19.99 -12.55
C ASN A 770 20.18 -20.61 -11.54
N LEU A 771 21.16 -19.83 -11.10
CA LEU A 771 22.25 -20.35 -10.29
C LEU A 771 22.08 -20.09 -8.79
N ARG A 772 21.16 -19.21 -8.44
CA ARG A 772 21.01 -18.77 -7.06
C ARG A 772 20.92 -19.92 -6.06
N SER A 773 20.07 -20.89 -6.34
CA SER A 773 19.89 -22.00 -5.43
C SER A 773 21.23 -22.63 -5.03
N THR A 774 22.04 -22.97 -6.03
CA THR A 774 23.33 -23.63 -5.79
C THR A 774 24.38 -22.70 -5.19
N ILE A 775 24.49 -21.48 -5.72
CA ILE A 775 25.47 -20.52 -5.23
C ILE A 775 25.26 -20.22 -3.74
N TYR A 776 24.04 -19.86 -3.38
CA TYR A 776 23.68 -19.65 -1.98
C TYR A 776 24.06 -20.85 -1.13
N CYS A 777 23.46 -21.99 -1.45
CA CYS A 777 23.61 -23.22 -0.66
C CYS A 777 25.03 -23.76 -0.68
N ASN A 778 25.99 -22.91 -0.99
CA ASN A 778 27.39 -23.30 -1.02
C ASN A 778 28.23 -22.23 -0.37
N ALA A 779 28.03 -20.99 -0.81
CA ALA A 779 28.68 -19.84 -0.21
C ALA A 779 28.49 -19.86 1.30
N ILE A 780 27.25 -20.12 1.71
CA ILE A 780 26.91 -20.20 3.12
C ILE A 780 27.62 -21.38 3.80
N ALA A 781 27.65 -22.51 3.11
CA ALA A 781 28.33 -23.69 3.64
C ALA A 781 29.83 -23.45 3.71
N GLN A 782 30.32 -22.61 2.81
CA GLN A 782 31.74 -22.39 2.65
C GLN A 782 32.23 -21.24 3.55
N GLY A 783 31.31 -20.64 4.29
CA GLY A 783 31.63 -19.48 5.11
C GLY A 783 31.08 -19.55 6.53
N GLY A 784 31.09 -18.42 7.21
CA GLY A 784 30.66 -18.35 8.60
C GLY A 784 29.37 -17.59 8.80
N GLN A 785 29.30 -16.83 9.89
CA GLN A 785 28.07 -16.10 10.22
C GLN A 785 27.93 -14.83 9.39
N ASP A 786 29.05 -14.28 8.93
CA ASP A 786 29.01 -13.10 8.08
C ASP A 786 28.00 -13.30 6.96
N GLN A 787 28.15 -14.42 6.25
CA GLN A 787 27.28 -14.75 5.12
C GLN A 787 25.90 -15.20 5.57
N TRP A 788 25.85 -16.11 6.54
CA TRP A 788 24.58 -16.59 7.08
C TRP A 788 23.70 -15.42 7.54
N ASP A 789 24.23 -14.60 8.44
CA ASP A 789 23.51 -13.44 8.95
C ASP A 789 23.06 -12.53 7.81
N PHE A 790 23.89 -12.43 6.77
CA PHE A 790 23.54 -11.64 5.59
C PHE A 790 22.33 -12.26 4.90
N ALA A 791 22.46 -13.53 4.54
CA ALA A 791 21.38 -14.25 3.87
C ALA A 791 20.10 -14.13 4.68
N TRP A 792 20.22 -14.27 6.00
CA TRP A 792 19.07 -14.15 6.88
C TRP A 792 18.45 -12.77 6.79
N GLY A 793 19.29 -11.76 6.56
CA GLY A 793 18.81 -10.40 6.38
C GLY A 793 18.04 -10.29 5.08
N GLN A 794 18.66 -10.76 4.00
CA GLN A 794 18.02 -10.75 2.68
C GLN A 794 16.71 -11.51 2.71
N LEU A 795 16.68 -12.60 3.47
CA LEU A 795 15.49 -13.42 3.59
C LEU A 795 14.32 -12.61 4.13
N GLN A 796 14.52 -11.98 5.27
CA GLN A 796 13.46 -11.22 5.93
C GLN A 796 13.04 -10.01 5.09
N GLN A 797 13.96 -9.50 4.28
CA GLN A 797 13.67 -8.36 3.40
C GLN A 797 12.91 -8.82 2.16
N ALA A 798 13.18 -10.06 1.73
CA ALA A 798 12.59 -10.61 0.52
C ALA A 798 11.06 -10.64 0.56
N GLN A 799 10.43 -10.24 -0.54
CA GLN A 799 8.97 -10.22 -0.61
C GLN A 799 8.46 -11.10 -1.75
N LEU A 800 9.37 -11.67 -2.52
CA LEU A 800 9.01 -12.59 -3.58
C LEU A 800 9.26 -14.02 -3.11
N VAL A 801 8.25 -14.88 -3.26
CA VAL A 801 8.30 -16.22 -2.67
C VAL A 801 9.42 -17.10 -3.23
N ASN A 802 9.76 -16.90 -4.50
CA ASN A 802 10.84 -17.68 -5.10
C ASN A 802 12.12 -17.53 -4.28
N GLU A 803 12.66 -16.31 -4.26
CA GLU A 803 13.87 -16.02 -3.53
C GLU A 803 13.80 -16.56 -2.11
N ALA A 804 12.85 -16.04 -1.33
CA ALA A 804 12.60 -16.50 0.02
C ALA A 804 12.86 -18.00 0.16
N ASP A 805 12.30 -18.78 -0.75
CA ASP A 805 12.43 -20.23 -0.72
C ASP A 805 13.86 -20.70 -0.97
N LYS A 806 14.56 -20.00 -1.86
CA LYS A 806 15.95 -20.34 -2.16
C LYS A 806 16.86 -20.05 -0.97
N LEU A 807 16.71 -18.86 -0.40
CA LEU A 807 17.46 -18.46 0.79
C LEU A 807 17.18 -19.42 1.93
N ARG A 808 15.91 -19.51 2.31
CA ARG A 808 15.50 -20.36 3.42
C ARG A 808 16.16 -21.74 3.40
N SER A 809 16.30 -22.31 2.21
CA SER A 809 16.94 -23.62 2.06
C SER A 809 18.46 -23.49 2.17
N ALA A 810 19.02 -22.46 1.55
CA ALA A 810 20.45 -22.21 1.59
C ALA A 810 20.95 -22.07 3.02
N LEU A 811 20.17 -21.37 3.83
CA LEU A 811 20.51 -21.13 5.22
C LEU A 811 20.78 -22.43 5.97
N ALA A 812 20.18 -23.52 5.50
CA ALA A 812 20.30 -24.81 6.16
C ALA A 812 21.58 -25.55 5.76
N CYS A 813 22.42 -24.91 4.96
CA CYS A 813 23.61 -25.58 4.43
C CYS A 813 24.88 -25.26 5.20
N SER A 814 24.80 -24.33 6.14
CA SER A 814 25.97 -23.97 6.93
C SER A 814 26.51 -25.20 7.63
N ASN A 815 27.83 -25.35 7.65
CA ASN A 815 28.47 -26.48 8.32
C ASN A 815 28.79 -26.14 9.78
N GLU A 816 28.32 -24.99 10.22
CA GLU A 816 28.49 -24.57 11.60
C GLU A 816 27.35 -25.10 12.46
N VAL A 817 27.66 -26.03 13.35
CA VAL A 817 26.66 -26.68 14.19
C VAL A 817 25.78 -25.66 14.90
N TRP A 818 26.42 -24.69 15.55
CA TRP A 818 25.69 -23.70 16.35
C TRP A 818 24.72 -22.87 15.51
N LEU A 819 25.10 -22.56 14.27
CA LEU A 819 24.23 -21.83 13.37
C LEU A 819 22.99 -22.63 12.99
N LEU A 820 23.15 -23.94 12.83
CA LEU A 820 22.03 -24.81 12.52
C LEU A 820 21.05 -24.87 13.69
N ASN A 821 21.56 -25.21 14.87
CA ASN A 821 20.74 -25.24 16.08
C ASN A 821 20.00 -23.93 16.34
N ARG A 822 20.64 -22.82 16.01
CA ARG A 822 20.05 -21.51 16.15
C ARG A 822 18.90 -21.40 15.15
N TYR A 823 19.16 -21.87 13.93
CA TYR A 823 18.16 -21.87 12.86
C TYR A 823 16.99 -22.74 13.24
N LEU A 824 17.27 -23.88 13.87
CA LEU A 824 16.23 -24.78 14.35
C LEU A 824 15.32 -24.07 15.34
N GLY A 825 15.91 -23.19 16.14
CA GLY A 825 15.15 -22.42 17.10
C GLY A 825 14.19 -21.49 16.40
N TYR A 826 14.73 -20.67 15.51
CA TYR A 826 13.91 -19.74 14.72
C TYR A 826 12.72 -20.45 14.08
N THR A 827 12.91 -21.73 13.77
CA THR A 827 11.91 -22.53 13.05
C THR A 827 10.53 -22.54 13.71
N LEU A 828 10.49 -22.43 15.03
CA LEU A 828 9.21 -22.50 15.75
C LEU A 828 8.64 -21.12 16.08
N ASN A 829 9.23 -20.07 15.51
CA ASN A 829 8.80 -18.71 15.79
C ASN A 829 8.12 -18.08 14.58
N PRO A 830 6.78 -18.14 14.55
CA PRO A 830 5.97 -17.64 13.44
C PRO A 830 6.25 -16.18 13.11
N ASP A 831 6.89 -15.48 14.04
CA ASP A 831 7.31 -14.10 13.79
C ASP A 831 8.41 -14.06 12.74
N LEU A 832 9.25 -15.09 12.70
CA LEU A 832 10.37 -15.10 11.76
C LEU A 832 10.17 -16.10 10.63
N ILE A 833 9.78 -17.33 10.95
CA ILE A 833 9.43 -18.27 9.88
C ILE A 833 7.98 -18.72 9.90
N ARG A 834 7.40 -18.78 8.72
CA ARG A 834 5.98 -19.11 8.56
C ARG A 834 5.69 -20.56 8.93
N LYS A 835 4.67 -20.79 9.76
CA LYS A 835 4.41 -22.16 10.22
C LYS A 835 4.25 -23.13 9.07
N GLN A 836 3.73 -22.65 7.94
CA GLN A 836 3.57 -23.47 6.75
C GLN A 836 4.93 -23.94 6.24
N ASP A 837 5.93 -23.07 6.35
CA ASP A 837 7.25 -23.35 5.80
C ASP A 837 8.17 -23.89 6.88
N ALA A 838 7.63 -24.10 8.06
CA ALA A 838 8.41 -24.56 9.21
C ALA A 838 8.91 -25.98 9.00
N THR A 839 7.98 -26.90 8.77
CA THR A 839 8.33 -28.30 8.54
C THR A 839 9.29 -28.43 7.37
N SER A 840 9.07 -27.64 6.33
CA SER A 840 9.95 -27.60 5.18
C SER A 840 11.37 -27.25 5.61
N THR A 841 11.48 -26.18 6.39
CA THR A 841 12.77 -25.71 6.86
C THR A 841 13.48 -26.74 7.73
N ILE A 842 12.77 -27.29 8.70
CA ILE A 842 13.36 -28.25 9.64
C ILE A 842 14.09 -29.39 8.96
N ASN A 843 13.39 -30.18 8.15
CA ASN A 843 14.03 -31.32 7.51
C ASN A 843 14.88 -30.91 6.31
N SER A 844 14.81 -29.63 5.96
CA SER A 844 15.75 -29.07 5.00
C SER A 844 17.08 -28.91 5.73
N ILE A 845 16.99 -28.79 7.06
CA ILE A 845 18.17 -28.77 7.91
C ILE A 845 18.67 -30.19 8.13
N ALA A 846 17.75 -31.14 8.18
CA ALA A 846 18.10 -32.54 8.34
C ALA A 846 18.80 -33.09 7.10
N SER A 847 18.55 -32.46 5.95
CA SER A 847 19.24 -32.84 4.72
C SER A 847 20.73 -32.65 4.91
N ASN A 848 21.11 -31.60 5.61
CA ASN A 848 22.50 -31.36 5.96
C ASN A 848 23.01 -32.47 6.85
N VAL A 849 24.09 -33.13 6.42
CA VAL A 849 24.63 -34.26 7.15
C VAL A 849 25.06 -33.88 8.57
N ILE A 850 25.50 -32.64 8.75
CA ILE A 850 25.84 -32.12 10.07
C ILE A 850 24.59 -31.81 10.87
N GLY A 851 23.55 -31.33 10.18
CA GLY A 851 22.29 -31.00 10.83
C GLY A 851 21.39 -32.18 11.11
N GLN A 852 21.74 -33.35 10.56
CA GLN A 852 20.92 -34.55 10.74
C GLN A 852 20.55 -34.83 12.19
N PRO A 853 21.57 -34.99 13.06
CA PRO A 853 21.24 -35.35 14.45
C PRO A 853 20.61 -34.17 15.16
N LEU A 854 21.04 -32.98 14.79
CA LEU A 854 20.44 -31.76 15.31
C LEU A 854 18.93 -31.79 15.13
N ALA A 855 18.49 -31.87 13.88
CA ALA A 855 17.07 -31.88 13.58
C ALA A 855 16.34 -33.05 14.23
N TRP A 856 16.97 -34.21 14.25
CA TRP A 856 16.36 -35.40 14.84
C TRP A 856 16.09 -35.17 16.33
N ASP A 857 17.10 -34.73 17.05
CA ASP A 857 16.94 -34.43 18.46
C ASP A 857 15.89 -33.33 18.67
N PHE A 858 16.04 -32.24 17.92
CA PHE A 858 15.08 -31.14 17.97
C PHE A 858 13.65 -31.66 17.82
N VAL A 859 13.37 -32.27 16.67
CA VAL A 859 12.06 -32.83 16.39
C VAL A 859 11.51 -33.67 17.54
N GLN A 860 12.31 -34.61 18.03
CA GLN A 860 11.81 -35.53 19.06
C GLN A 860 11.89 -34.95 20.47
N SER A 861 12.48 -33.77 20.58
CA SER A 861 12.50 -33.05 21.84
C SER A 861 11.29 -32.12 21.93
N ASN A 862 11.01 -31.43 20.84
CA ASN A 862 9.93 -30.45 20.79
C ASN A 862 8.58 -31.02 20.35
N TRP A 863 8.49 -32.35 20.33
CA TRP A 863 7.29 -33.03 19.84
C TRP A 863 6.02 -32.61 20.59
N LYS A 864 6.08 -32.67 21.91
CA LYS A 864 4.97 -32.23 22.76
C LYS A 864 4.48 -30.84 22.32
N LYS A 865 5.20 -29.82 22.76
CA LYS A 865 4.93 -28.44 22.38
C LYS A 865 4.24 -28.35 21.01
N LEU A 866 4.81 -29.05 20.03
CA LEU A 866 4.30 -29.09 18.68
C LEU A 866 2.82 -29.46 18.63
N PHE A 867 2.54 -30.75 18.60
CA PHE A 867 1.18 -31.26 18.67
C PHE A 867 0.32 -30.36 19.58
N GLN A 868 0.69 -30.34 20.85
CA GLN A 868 -0.04 -29.63 21.90
C GLN A 868 -0.43 -28.19 21.53
N ASP A 869 0.27 -27.63 20.56
CA ASP A 869 -0.04 -26.30 20.04
C ASP A 869 -0.30 -26.39 18.55
N TYR A 870 0.77 -26.38 17.76
CA TYR A 870 0.67 -26.41 16.30
C TYR A 870 -0.01 -27.65 15.73
N GLY A 871 -0.65 -28.42 16.60
CA GLY A 871 -1.28 -29.67 16.21
C GLY A 871 -2.69 -29.51 15.64
N SER A 874 -3.84 -27.82 10.06
CA SER A 874 -2.94 -28.40 9.07
C SER A 874 -1.49 -28.03 9.35
N PHE A 875 -0.68 -29.03 9.69
CA PHE A 875 0.73 -28.80 10.01
C PHE A 875 1.64 -29.70 9.18
N SER A 876 1.07 -30.76 8.60
CA SER A 876 1.86 -31.69 7.83
C SER A 876 2.80 -32.50 8.72
N PHE A 877 2.34 -32.79 9.94
CA PHE A 877 3.10 -33.56 10.92
C PHE A 877 3.80 -34.79 10.34
N SER A 878 3.41 -35.18 9.14
CA SER A 878 3.91 -36.41 8.53
C SER A 878 5.03 -36.15 7.52
N ASN A 879 4.93 -35.05 6.78
CA ASN A 879 5.98 -34.68 5.85
C ASN A 879 7.27 -34.39 6.61
N LEU A 880 7.12 -34.14 7.90
CA LEU A 880 8.27 -33.89 8.77
C LEU A 880 8.97 -35.19 9.15
N ILE A 881 8.29 -35.99 9.95
CA ILE A 881 8.84 -37.25 10.43
C ILE A 881 9.43 -38.13 9.33
N GLN A 882 8.84 -38.08 8.15
CA GLN A 882 9.40 -38.82 7.01
C GLN A 882 10.77 -38.24 6.64
N GLY A 883 10.80 -36.95 6.36
CA GLY A 883 12.00 -36.28 5.90
C GLY A 883 13.14 -36.22 6.92
N VAL A 884 12.82 -36.45 8.18
CA VAL A 884 13.83 -36.47 9.23
C VAL A 884 14.45 -37.86 9.37
N THR A 885 13.59 -38.87 9.51
CA THR A 885 14.02 -40.26 9.62
C THR A 885 14.40 -40.84 8.26
N ARG A 886 14.43 -39.99 7.24
CA ARG A 886 14.67 -40.40 5.86
C ARG A 886 15.98 -41.17 5.69
N ARG A 887 16.90 -40.96 6.62
CA ARG A 887 18.24 -41.53 6.50
C ARG A 887 18.43 -42.81 7.31
N PHE A 888 17.58 -43.02 8.31
CA PHE A 888 17.72 -44.17 9.20
C PHE A 888 17.94 -45.47 8.43
N SER A 889 19.09 -46.09 8.66
CA SER A 889 19.47 -47.30 7.94
C SER A 889 20.41 -48.18 8.76
N SER A 890 20.29 -48.08 10.08
CA SER A 890 21.08 -48.91 10.98
C SER A 890 20.18 -49.47 12.07
N GLU A 891 20.49 -50.67 12.54
CA GLU A 891 19.70 -51.29 13.59
C GLU A 891 19.51 -50.33 14.75
N PHE A 892 20.55 -49.54 15.04
CA PHE A 892 20.51 -48.60 16.15
C PHE A 892 19.52 -47.47 15.90
N GLU A 893 19.60 -46.86 14.72
CA GLU A 893 18.69 -45.79 14.36
C GLU A 893 17.23 -46.26 14.43
N LEU A 894 17.03 -47.56 14.21
CA LEU A 894 15.70 -48.12 14.31
C LEU A 894 15.26 -48.14 15.77
N GLN A 895 16.16 -48.53 16.66
CA GLN A 895 15.88 -48.51 18.09
C GLN A 895 15.43 -47.13 18.54
N GLN A 896 16.15 -46.10 18.08
CA GLN A 896 15.77 -44.72 18.41
C GLN A 896 14.36 -44.42 17.89
N LEU A 897 14.12 -44.73 16.62
CA LEU A 897 12.81 -44.50 16.02
C LEU A 897 11.73 -45.28 16.77
N GLU A 898 12.01 -46.54 17.06
CA GLU A 898 11.08 -47.36 17.82
C GLU A 898 10.75 -46.70 19.15
N GLN A 899 11.76 -46.06 19.74
CA GLN A 899 11.58 -45.39 21.02
C GLN A 899 10.66 -44.18 20.90
N PHE A 900 11.08 -43.22 20.09
CA PHE A 900 10.29 -42.02 19.83
C PHE A 900 8.81 -42.35 19.73
N LYS A 901 8.50 -43.47 19.09
CA LYS A 901 7.12 -43.96 19.03
C LYS A 901 6.61 -44.22 20.44
N LYS A 902 7.32 -45.06 21.18
CA LYS A 902 6.90 -45.46 22.51
C LYS A 902 6.81 -44.27 23.46
N ASN A 903 7.82 -43.41 23.42
CA ASN A 903 7.85 -42.23 24.28
C ASN A 903 6.65 -41.34 24.08
N ASN A 904 6.47 -40.86 22.85
CA ASN A 904 5.33 -40.02 22.52
C ASN A 904 4.15 -40.85 22.02
N MET A 905 3.74 -41.82 22.83
CA MET A 905 2.66 -42.72 22.48
C MET A 905 1.35 -42.27 23.12
N ASP A 906 1.40 -42.02 24.43
CA ASP A 906 0.23 -41.57 25.18
C ASP A 906 -0.38 -40.32 24.56
N VAL A 907 0.42 -39.59 23.79
CA VAL A 907 -0.07 -38.50 22.97
C VAL A 907 0.20 -38.84 21.52
N GLY A 908 -0.70 -39.61 20.91
CA GLY A 908 -0.51 -40.14 19.57
C GLY A 908 -0.03 -39.13 18.55
N PHE A 909 -0.05 -39.52 17.28
CA PHE A 909 0.47 -38.66 16.23
C PHE A 909 -0.62 -38.23 15.24
N GLY A 910 -1.54 -39.13 14.94
CA GLY A 910 -2.57 -38.86 13.94
C GLY A 910 -1.97 -38.14 12.75
N SER A 911 -2.82 -37.49 11.96
CA SER A 911 -2.37 -36.70 10.82
C SER A 911 -1.20 -37.32 10.04
N GLY A 912 -0.58 -38.34 10.63
CA GLY A 912 0.53 -39.03 10.01
C GLY A 912 0.62 -40.49 10.45
N THR A 913 0.65 -40.72 11.75
CA THR A 913 0.84 -42.05 12.35
C THR A 913 1.29 -43.13 11.36
N ARG A 914 0.51 -43.35 10.31
CA ARG A 914 0.93 -44.28 9.26
C ARG A 914 2.18 -43.72 8.59
N ALA A 915 2.51 -42.49 8.92
CA ALA A 915 3.75 -41.86 8.42
C ALA A 915 4.91 -42.25 9.32
N LEU A 916 4.61 -42.45 10.60
CA LEU A 916 5.61 -42.93 11.55
C LEU A 916 5.82 -44.42 11.38
N GLU A 917 4.73 -45.17 11.36
CA GLU A 917 4.78 -46.61 11.15
C GLU A 917 5.44 -46.94 9.82
N GLN A 918 5.16 -46.13 8.81
CA GLN A 918 5.70 -46.34 7.48
C GLN A 918 7.16 -45.87 7.39
N ALA A 919 7.52 -44.93 8.26
CA ALA A 919 8.91 -44.52 8.38
C ALA A 919 9.71 -45.67 8.99
N LEU A 920 9.09 -46.33 9.97
CA LEU A 920 9.66 -47.53 10.57
C LEU A 920 9.85 -48.63 9.53
N GLU A 921 8.97 -48.63 8.53
CA GLU A 921 9.07 -49.59 7.44
C GLU A 921 10.31 -49.30 6.59
N LYS A 922 10.36 -48.10 6.03
CA LYS A 922 11.43 -47.71 5.11
C LYS A 922 12.81 -47.94 5.71
N THR A 923 12.89 -48.05 7.02
CA THR A 923 14.14 -48.28 7.71
C THR A 923 14.60 -49.72 7.56
N LYS A 924 13.71 -50.66 7.90
CA LYS A 924 13.95 -52.09 7.67
C LYS A 924 14.55 -52.27 6.28
N ALA A 925 13.82 -51.80 5.28
CA ALA A 925 14.26 -51.83 3.90
C ALA A 925 15.69 -51.32 3.77
N ASN A 926 15.93 -50.15 4.34
CA ASN A 926 17.23 -49.52 4.30
C ASN A 926 18.32 -50.37 4.98
N ILE A 927 18.04 -50.80 6.20
CA ILE A 927 18.97 -51.66 6.94
C ILE A 927 19.39 -52.84 6.08
N LYS A 928 18.43 -53.51 5.48
CA LYS A 928 18.69 -54.68 4.62
C LYS A 928 19.50 -54.31 3.39
N TRP A 929 19.05 -53.28 2.67
CA TRP A 929 19.70 -52.84 1.44
C TRP A 929 21.16 -52.47 1.67
N VAL A 930 21.45 -51.95 2.85
CA VAL A 930 22.81 -51.51 3.15
C VAL A 930 23.72 -52.69 3.46
N LYS A 931 23.25 -53.59 4.33
CA LYS A 931 24.05 -54.75 4.71
C LYS A 931 24.43 -55.56 3.47
N GLU A 932 23.58 -55.53 2.45
CA GLU A 932 23.83 -56.26 1.22
C GLU A 932 24.71 -55.47 0.26
N ASN A 933 24.35 -54.21 0.02
CA ASN A 933 24.96 -53.41 -1.03
C ASN A 933 26.27 -52.70 -0.68
N LYS A 934 26.59 -52.62 0.61
CA LYS A 934 27.70 -51.81 1.07
C LYS A 934 29.05 -52.19 0.46
N GLU A 935 29.46 -53.44 0.69
CA GLU A 935 30.78 -53.90 0.25
C GLU A 935 30.99 -53.72 -1.25
N VAL A 936 29.98 -54.08 -2.03
CA VAL A 936 30.07 -54.00 -3.48
C VAL A 936 30.16 -52.56 -3.96
N VAL A 937 29.25 -51.73 -3.46
CA VAL A 937 29.21 -50.32 -3.80
C VAL A 937 30.51 -49.61 -3.45
N LEU A 938 31.01 -49.91 -2.25
CA LEU A 938 32.26 -49.34 -1.77
C LEU A 938 33.39 -49.62 -2.75
N ASN A 939 33.61 -50.91 -3.02
CA ASN A 939 34.67 -51.33 -3.93
C ASN A 939 34.53 -50.73 -5.33
N TRP A 940 33.30 -50.61 -5.82
CA TRP A 940 33.08 -50.05 -7.15
C TRP A 940 33.51 -48.58 -7.19
N PHE A 941 33.01 -47.80 -6.24
CA PHE A 941 33.35 -46.37 -6.17
C PHE A 941 34.84 -46.17 -5.92
N ILE A 942 35.42 -47.04 -5.10
CA ILE A 942 36.85 -46.98 -4.84
C ILE A 942 37.62 -47.15 -6.14
N GLU A 943 37.26 -48.17 -6.91
CA GLU A 943 37.98 -48.52 -8.12
C GLU A 943 37.88 -47.47 -9.22
N HIS A 944 36.67 -46.98 -9.47
CA HIS A 944 36.45 -46.07 -10.59
C HIS A 944 36.72 -44.61 -10.27
N SER A 945 37.46 -44.37 -9.18
CA SER A 945 37.83 -43.01 -8.80
C SER A 945 39.31 -42.73 -9.09
N LEU A 946 40.14 -43.76 -9.06
CA LEU A 946 41.55 -43.59 -9.37
C LEU A 946 41.77 -42.84 -10.68
N VAL A 947 42.96 -42.25 -10.84
CA VAL A 947 43.33 -41.56 -12.07
C VAL A 947 44.76 -41.89 -12.49
N THR B 42 -24.84 -3.62 39.30
CA THR B 42 -23.67 -2.76 39.44
C THR B 42 -22.83 -3.16 40.65
N LEU B 43 -21.70 -2.47 40.84
CA LEU B 43 -20.79 -2.77 41.94
C LEU B 43 -20.96 -1.74 43.06
N ASP B 44 -20.26 -1.99 44.17
CA ASP B 44 -20.14 -1.01 45.25
C ASP B 44 -18.87 -1.27 46.03
N GLN B 45 -18.40 -0.27 46.75
CA GLN B 45 -17.04 -0.30 47.28
C GLN B 45 -16.91 -0.14 48.80
N SER B 46 -16.66 -1.25 49.48
CA SER B 46 -16.09 -1.20 50.82
C SER B 46 -14.61 -1.48 50.64
N LYS B 47 -14.25 -1.82 49.41
CA LYS B 47 -12.89 -2.19 49.05
C LYS B 47 -12.22 -1.12 48.21
N PRO B 48 -10.99 -0.74 48.57
CA PRO B 48 -10.22 0.30 47.87
C PRO B 48 -9.86 -0.07 46.43
N TRP B 49 -10.60 -0.98 45.81
CA TRP B 49 -10.42 -1.24 44.39
C TRP B 49 -11.74 -1.16 43.63
N ASN B 50 -12.78 -0.70 44.32
CA ASN B 50 -14.04 -0.40 43.68
C ASN B 50 -14.28 1.12 43.65
N ARG B 51 -13.30 1.87 44.12
CA ARG B 51 -13.31 3.32 43.98
C ARG B 51 -12.30 3.75 42.92
N TYR B 52 -12.59 4.86 42.23
CA TYR B 52 -11.85 5.23 41.03
C TYR B 52 -10.47 5.86 41.25
N ARG B 53 -10.14 6.17 42.51
CA ARG B 53 -8.87 6.82 42.81
C ARG B 53 -7.86 5.90 43.50
N LEU B 54 -6.60 6.04 43.12
CA LEU B 54 -5.52 5.30 43.77
C LEU B 54 -5.39 5.70 45.24
N PRO B 55 -5.20 4.71 46.12
CA PRO B 55 -4.99 4.99 47.55
C PRO B 55 -3.63 5.64 47.80
N THR B 56 -3.52 6.39 48.90
CA THR B 56 -2.30 7.14 49.20
C THR B 56 -1.24 6.29 49.89
N THR B 57 -1.41 4.98 49.84
CA THR B 57 -0.55 4.07 50.58
C THR B 57 0.87 3.99 50.03
N LEU B 58 0.99 3.85 48.71
CA LEU B 58 2.30 3.70 48.08
C LEU B 58 2.54 4.63 46.89
N LEU B 59 3.78 5.12 46.76
CA LEU B 59 4.16 6.04 45.69
C LEU B 59 5.32 5.49 44.86
N PRO B 60 5.25 5.67 43.53
CA PRO B 60 6.29 5.23 42.59
C PRO B 60 7.55 6.08 42.64
N ASP B 61 8.71 5.42 42.66
CA ASP B 61 10.00 6.11 42.63
C ASP B 61 10.49 6.21 41.20
N SER B 62 10.57 5.07 40.53
CA SER B 62 11.09 5.01 39.17
C SER B 62 10.63 3.76 38.43
N TYR B 63 10.53 3.87 37.12
CA TYR B 63 10.19 2.72 36.28
C TYR B 63 11.31 2.37 35.31
N ASN B 64 11.51 1.07 35.13
CA ASN B 64 12.34 0.54 34.06
C ASN B 64 11.37 -0.08 33.05
N VAL B 65 11.27 0.47 31.85
CA VAL B 65 10.29 -0.06 30.91
C VAL B 65 10.81 -0.38 29.52
N THR B 66 10.76 -1.67 29.18
CA THR B 66 11.20 -2.16 27.89
C THR B 66 9.96 -2.64 27.15
N LEU B 67 9.79 -2.22 25.90
CA LEU B 67 8.67 -2.71 25.10
C LEU B 67 8.97 -2.80 23.60
N ARG B 68 8.26 -3.69 22.93
CA ARG B 68 8.62 -4.17 21.60
C ARG B 68 7.42 -4.24 20.68
N PRO B 69 7.33 -3.31 19.72
CA PRO B 69 6.18 -3.24 18.80
C PRO B 69 6.38 -4.14 17.59
N TYR B 70 5.35 -4.89 17.23
CA TYR B 70 5.39 -5.70 16.03
C TYR B 70 4.55 -5.01 14.95
N LEU B 71 5.25 -4.49 13.94
CA LEU B 71 4.60 -3.66 12.93
C LEU B 71 4.01 -4.45 11.75
N THR B 72 4.11 -5.78 11.83
CA THR B 72 3.42 -6.64 10.87
C THR B 72 2.42 -7.53 11.60
N PRO B 73 1.22 -7.69 11.04
CA PRO B 73 0.13 -8.42 11.69
C PRO B 73 0.42 -9.90 11.91
N ASN B 74 0.19 -10.36 13.14
CA ASN B 74 0.27 -11.78 13.45
C ASN B 74 -0.65 -12.58 12.53
N ALA B 75 -0.27 -13.82 12.25
CA ALA B 75 -0.98 -14.68 11.30
C ALA B 75 -2.46 -14.35 11.10
N ASP B 76 -3.17 -14.06 12.17
CA ASP B 76 -4.60 -13.79 12.10
C ASP B 76 -4.91 -12.35 11.71
N GLY B 77 -3.87 -11.56 11.46
CA GLY B 77 -4.05 -10.17 11.11
C GLY B 77 -4.10 -9.24 12.32
N LEU B 78 -3.41 -9.64 13.38
CA LEU B 78 -3.41 -8.86 14.62
C LEU B 78 -2.03 -8.26 14.89
N TYR B 79 -2.02 -6.97 15.23
CA TYR B 79 -0.79 -6.28 15.61
C TYR B 79 -0.58 -6.39 17.11
N ILE B 80 0.67 -6.58 17.52
CA ILE B 80 0.99 -6.74 18.93
C ILE B 80 2.26 -5.99 19.32
N PHE B 81 2.31 -5.57 20.57
CA PHE B 81 3.53 -5.07 21.17
C PHE B 81 3.77 -5.87 22.45
N LYS B 82 5.04 -6.16 22.73
CA LYS B 82 5.40 -6.83 23.97
C LYS B 82 6.17 -5.87 24.86
N GLY B 83 6.19 -6.13 26.16
CA GLY B 83 6.88 -5.27 27.09
C GLY B 83 7.21 -5.93 28.41
N LYS B 84 7.93 -5.20 29.26
CA LYS B 84 8.27 -5.67 30.59
C LYS B 84 8.70 -4.51 31.48
N SER B 85 7.96 -4.28 32.56
CA SER B 85 8.21 -3.14 33.43
C SER B 85 8.76 -3.58 34.78
N ILE B 86 9.64 -2.74 35.33
CA ILE B 86 10.11 -2.89 36.70
C ILE B 86 9.78 -1.62 37.44
N VAL B 87 8.58 -1.56 38.02
CA VAL B 87 8.15 -0.40 38.78
C VAL B 87 8.69 -0.49 40.20
N ARG B 88 9.23 0.61 40.69
CA ARG B 88 9.73 0.66 42.06
C ARG B 88 8.95 1.68 42.88
N PHE B 89 8.05 1.19 43.72
CA PHE B 89 7.27 2.07 44.58
C PHE B 89 7.89 2.21 45.97
N ILE B 90 7.26 3.04 46.79
CA ILE B 90 7.69 3.27 48.15
C ILE B 90 6.44 3.27 49.03
N CYS B 91 6.56 2.70 50.23
CA CYS B 91 5.42 2.69 51.14
C CYS B 91 5.29 4.02 51.88
N GLN B 92 4.07 4.37 52.25
CA GLN B 92 3.79 5.61 52.96
C GLN B 92 2.85 5.31 54.12
N GLU B 93 2.20 4.14 54.03
CA GLU B 93 1.29 3.67 55.06
C GLU B 93 0.96 2.20 54.78
N PRO B 94 1.13 1.35 55.79
CA PRO B 94 1.03 -0.10 55.64
C PRO B 94 -0.35 -0.61 55.19
N THR B 95 -0.34 -1.54 54.23
CA THR B 95 -1.53 -2.30 53.86
C THR B 95 -1.12 -3.59 53.16
N ASP B 96 -2.01 -4.57 53.15
CA ASP B 96 -1.72 -5.88 52.59
C ASP B 96 -2.08 -5.98 51.11
N VAL B 97 -2.24 -4.83 50.46
CA VAL B 97 -2.65 -4.80 49.07
C VAL B 97 -1.85 -3.81 48.22
N ILE B 98 -1.61 -4.19 46.96
CA ILE B 98 -0.93 -3.31 46.01
C ILE B 98 -1.83 -3.03 44.82
N ILE B 99 -1.97 -1.74 44.49
CA ILE B 99 -2.87 -1.34 43.41
C ILE B 99 -2.19 -0.45 42.38
N ILE B 100 -1.97 -1.00 41.18
CA ILE B 100 -1.47 -0.21 40.06
C ILE B 100 -2.51 -0.19 38.97
N HIS B 101 -2.37 0.74 38.03
CA HIS B 101 -3.29 0.80 36.89
C HIS B 101 -2.84 -0.16 35.80
N SER B 102 -3.81 -0.78 35.15
CA SER B 102 -3.54 -1.68 34.03
C SER B 102 -4.77 -1.77 33.15
N LYS B 103 -4.58 -1.60 31.84
CA LYS B 103 -5.70 -1.53 30.90
C LYS B 103 -5.44 -2.37 29.65
N LYS B 104 -6.37 -3.26 29.34
CA LYS B 104 -6.26 -4.10 28.16
C LYS B 104 -4.86 -4.69 27.97
N LEU B 105 -4.35 -5.37 28.99
CA LEU B 105 -3.03 -6.00 28.90
C LEU B 105 -3.03 -7.44 29.40
N ASN B 106 -2.55 -8.35 28.56
CA ASN B 106 -2.32 -9.73 28.99
C ASN B 106 -0.95 -9.85 29.63
N TYR B 107 -0.80 -10.80 30.55
CA TYR B 107 0.48 -11.06 31.19
C TYR B 107 0.91 -12.49 30.95
N THR B 108 1.78 -13.01 31.82
CA THR B 108 2.18 -14.40 31.73
C THR B 108 1.41 -15.26 32.74
N MET B 113 1.77 -13.63 38.40
CA MET B 113 1.35 -12.55 37.51
C MET B 113 2.31 -11.36 37.63
N VAL B 114 2.89 -11.20 38.81
CA VAL B 114 3.92 -10.20 39.05
C VAL B 114 4.91 -10.68 40.10
N VAL B 115 6.17 -10.35 39.91
CA VAL B 115 7.22 -10.71 40.87
C VAL B 115 7.55 -9.52 41.76
N LEU B 116 7.72 -9.77 43.04
CA LEU B 116 8.01 -8.71 44.01
C LEU B 116 9.35 -8.94 44.71
N ARG B 117 10.26 -7.98 44.56
CA ARG B 117 11.57 -8.08 45.20
C ARG B 117 11.85 -6.87 46.06
N GLY B 118 12.43 -7.10 47.23
CA GLY B 118 12.80 -6.02 48.11
C GLY B 118 14.20 -5.56 47.81
N VAL B 119 14.34 -4.29 47.44
CA VAL B 119 15.67 -3.71 47.26
C VAL B 119 16.55 -4.08 48.44
N GLY B 120 17.42 -5.06 48.22
CA GLY B 120 18.31 -5.58 49.24
C GLY B 120 17.70 -5.57 50.63
N ASP B 121 17.95 -4.49 51.36
CA ASP B 121 17.44 -4.31 52.73
C ASP B 121 16.08 -4.96 52.98
N SER B 122 15.11 -4.60 52.15
CA SER B 122 13.72 -4.98 52.35
C SER B 122 13.55 -6.46 52.72
N GLN B 123 12.78 -6.73 53.76
CA GLN B 123 12.20 -8.06 53.91
C GLN B 123 10.86 -7.98 53.20
N VAL B 124 10.56 -8.94 52.36
CA VAL B 124 9.37 -8.86 51.53
C VAL B 124 8.39 -9.99 51.78
N PRO B 125 7.10 -9.65 51.89
CA PRO B 125 6.03 -10.62 52.08
C PRO B 125 5.76 -11.39 50.79
N GLU B 126 4.85 -12.35 50.84
CA GLU B 126 4.55 -13.17 49.68
C GLU B 126 3.21 -12.82 49.07
N ILE B 127 2.97 -13.35 47.87
CA ILE B 127 1.79 -12.98 47.10
C ILE B 127 0.72 -14.07 47.14
N ASP B 128 -0.45 -13.73 47.69
CA ASP B 128 -1.58 -14.65 47.68
C ASP B 128 -2.08 -14.80 46.25
N ARG B 129 -3.19 -14.14 45.94
CA ARG B 129 -3.71 -14.13 44.58
C ARG B 129 -3.18 -12.90 43.84
N THR B 130 -3.86 -12.53 42.76
CA THR B 130 -3.42 -11.41 41.92
C THR B 130 -4.51 -11.08 40.90
N GLU B 131 -5.54 -10.37 41.35
CA GLU B 131 -6.71 -10.10 40.52
C GLU B 131 -6.53 -8.97 39.51
N LEU B 132 -7.48 -8.88 38.58
CA LEU B 132 -7.51 -7.82 37.57
C LEU B 132 -8.91 -7.23 37.47
N VAL B 133 -9.05 -5.96 37.86
CA VAL B 133 -10.33 -5.27 37.75
C VAL B 133 -10.39 -4.47 36.47
N GLU B 134 -11.27 -4.90 35.55
CA GLU B 134 -11.35 -4.30 34.22
C GLU B 134 -12.22 -3.04 34.18
N LEU B 135 -12.82 -2.69 35.31
CA LEU B 135 -13.61 -1.47 35.39
C LEU B 135 -12.74 -0.31 35.83
N THR B 136 -12.50 -0.22 37.13
CA THR B 136 -11.48 0.70 37.65
C THR B 136 -10.13 0.12 37.27
N GLU B 137 -9.74 0.34 36.02
CA GLU B 137 -8.57 -0.30 35.42
C GLU B 137 -7.38 -0.46 36.37
N TYR B 138 -7.50 -1.42 37.28
CA TYR B 138 -6.42 -1.73 38.23
C TYR B 138 -5.86 -3.13 37.99
N LEU B 139 -4.58 -3.30 38.28
CA LEU B 139 -4.01 -4.62 38.48
C LEU B 139 -3.84 -4.79 39.98
N VAL B 140 -4.70 -5.61 40.58
CA VAL B 140 -4.73 -5.76 42.03
C VAL B 140 -3.80 -6.87 42.52
N VAL B 141 -2.93 -6.54 43.46
CA VAL B 141 -2.03 -7.53 44.05
C VAL B 141 -2.42 -7.81 45.51
N HIS B 142 -2.88 -9.03 45.76
CA HIS B 142 -3.22 -9.44 47.13
C HIS B 142 -2.03 -10.13 47.79
N LEU B 143 -1.79 -9.77 49.05
CA LEU B 143 -0.60 -10.26 49.75
C LEU B 143 -0.92 -11.08 50.97
N LYS B 144 -0.14 -12.15 51.18
CA LYS B 144 -0.07 -12.82 52.46
C LYS B 144 0.98 -12.10 53.28
N GLY B 145 0.55 -11.39 54.31
CA GLY B 145 1.44 -10.56 55.10
C GLY B 145 1.18 -9.09 54.85
N SER B 146 2.15 -8.24 55.17
CA SER B 146 2.01 -6.80 54.99
C SER B 146 3.35 -6.15 54.70
N LEU B 147 3.33 -4.85 54.44
CA LEU B 147 4.56 -4.10 54.18
C LEU B 147 4.52 -2.72 54.84
N GLN B 148 5.68 -2.26 55.29
CA GLN B 148 5.76 -1.03 56.09
C GLN B 148 6.59 0.09 55.45
N PRO B 149 6.37 1.33 55.91
CA PRO B 149 6.99 2.56 55.40
C PRO B 149 8.52 2.48 55.31
N GLY B 150 9.11 3.40 54.57
CA GLY B 150 10.55 3.51 54.46
C GLY B 150 11.16 2.54 53.47
N HIS B 151 10.76 1.27 53.58
CA HIS B 151 11.28 0.23 52.70
C HIS B 151 10.65 0.34 51.32
N MET B 152 11.49 0.44 50.30
CA MET B 152 11.01 0.46 48.92
C MET B 152 10.91 -0.98 48.42
N TYR B 153 9.97 -1.23 47.51
CA TYR B 153 9.84 -2.56 46.92
C TYR B 153 9.80 -2.46 45.40
N GLU B 154 10.29 -3.50 44.73
CA GLU B 154 10.32 -3.52 43.27
C GLU B 154 9.36 -4.57 42.72
N MET B 155 8.58 -4.17 41.72
CA MET B 155 7.64 -5.09 41.09
C MET B 155 7.97 -5.31 39.62
N GLU B 156 8.29 -6.57 39.28
CA GLU B 156 8.62 -6.94 37.92
C GLU B 156 7.43 -7.58 37.24
N SER B 157 7.24 -7.26 35.97
CA SER B 157 6.11 -7.79 35.21
C SER B 157 6.39 -7.70 33.71
N GLU B 158 6.14 -8.81 33.01
CA GLU B 158 6.23 -8.79 31.55
C GLU B 158 4.86 -9.15 30.96
N PHE B 159 4.58 -8.57 29.79
CA PHE B 159 3.24 -8.52 29.27
C PHE B 159 3.23 -8.28 27.77
N GLN B 160 2.03 -8.05 27.25
CA GLN B 160 1.85 -7.66 25.86
C GLN B 160 0.39 -7.26 25.64
N GLY B 161 0.16 -6.36 24.69
CA GLY B 161 -1.16 -5.87 24.43
C GLY B 161 -1.38 -5.57 22.97
N GLU B 162 -2.62 -5.27 22.59
CA GLU B 162 -2.96 -5.01 21.20
C GLU B 162 -2.47 -3.64 20.77
N LEU B 163 -1.64 -3.64 19.73
CA LEU B 163 -1.10 -2.41 19.18
C LEU B 163 -2.09 -1.85 18.16
N ALA B 164 -3.34 -1.72 18.59
CA ALA B 164 -4.44 -1.31 17.72
C ALA B 164 -4.26 0.09 17.15
N ASP B 165 -5.19 0.50 16.30
CA ASP B 165 -5.21 1.86 15.80
C ASP B 165 -6.40 2.62 16.38
N ASP B 166 -6.36 2.86 17.68
CA ASP B 166 -7.38 3.63 18.38
C ASP B 166 -6.84 4.99 18.77
N LEU B 167 -5.64 5.31 18.30
CA LEU B 167 -4.98 6.57 18.63
C LEU B 167 -5.05 6.81 20.12
N ALA B 168 -4.71 5.79 20.89
CA ALA B 168 -4.79 5.83 22.34
C ALA B 168 -3.81 4.83 22.96
N GLY B 169 -3.06 5.28 23.96
CA GLY B 169 -2.06 4.45 24.61
C GLY B 169 -0.91 4.17 23.67
N PHE B 170 -0.40 2.94 23.71
CA PHE B 170 0.55 2.50 22.71
C PHE B 170 -0.25 1.97 21.55
N TYR B 171 -0.17 2.65 20.40
CA TYR B 171 -0.98 2.27 19.25
C TYR B 171 -0.21 2.39 17.94
N ARG B 172 -0.86 1.96 16.85
CA ARG B 172 -0.27 2.07 15.53
C ARG B 172 -1.04 3.07 14.69
N SER B 173 -0.35 3.71 13.75
CA SER B 173 -0.98 4.60 12.81
C SER B 173 -0.57 4.24 11.40
N GLU B 174 -1.53 3.70 10.65
CA GLU B 174 -1.28 3.36 9.25
C GLU B 174 -1.39 4.64 8.42
N TYR B 175 -0.47 4.80 7.48
CA TYR B 175 -0.53 5.96 6.58
C TYR B 175 -0.09 5.58 5.17
N MET B 176 -0.82 6.10 4.19
CA MET B 176 -0.58 5.76 2.79
C MET B 176 0.62 6.55 2.24
N GLU B 177 1.65 5.82 1.82
CA GLU B 177 2.86 6.44 1.29
C GLU B 177 3.27 5.79 -0.03
N GLY B 178 3.01 6.50 -1.13
CA GLY B 178 3.34 6.00 -2.44
C GLY B 178 2.61 4.73 -2.79
N ASN B 179 1.29 4.73 -2.57
CA ASN B 179 0.45 3.58 -2.87
C ASN B 179 0.72 2.41 -1.91
N VAL B 180 1.61 2.65 -0.95
CA VAL B 180 1.98 1.63 0.03
C VAL B 180 1.37 1.96 1.39
N LYS B 181 0.96 0.94 2.13
CA LYS B 181 0.47 1.15 3.49
C LYS B 181 1.60 1.03 4.50
N LYS B 182 2.15 2.18 4.90
CA LYS B 182 3.18 2.22 5.92
C LYS B 182 2.53 2.15 7.28
N VAL B 183 3.27 1.71 8.29
CA VAL B 183 2.74 1.62 9.63
C VAL B 183 3.81 1.89 10.69
N LEU B 184 3.52 2.83 11.59
CA LEU B 184 4.46 3.21 12.63
C LEU B 184 3.83 3.05 14.02
N ALA B 185 4.66 3.05 15.05
CA ALA B 185 4.17 2.92 16.42
C ALA B 185 4.34 4.23 17.18
N THR B 186 3.24 4.74 17.73
CA THR B 186 3.26 6.00 18.47
C THR B 186 2.46 5.88 19.76
N THR B 187 2.58 6.89 20.61
CA THR B 187 1.88 6.91 21.88
C THR B 187 0.87 8.04 21.94
N GLN B 188 -0.10 7.90 22.85
CA GLN B 188 -1.02 8.98 23.16
C GLN B 188 -1.69 8.69 24.49
N MET B 189 -0.88 8.60 25.53
CA MET B 189 -1.39 8.49 26.89
C MET B 189 -1.80 9.90 27.36
N GLN B 190 -3.00 10.31 26.98
CA GLN B 190 -3.54 11.61 27.40
C GLN B 190 -4.81 11.39 28.23
N SER B 191 -4.97 12.19 29.27
CA SER B 191 -5.60 11.73 30.50
C SER B 191 -5.01 10.33 30.76
N THR B 192 -5.84 9.30 30.83
CA THR B 192 -5.28 7.97 31.07
C THR B 192 -4.60 7.38 29.83
N ASP B 193 -4.57 6.05 29.76
CA ASP B 193 -4.03 5.31 28.61
C ASP B 193 -2.51 5.09 28.66
N ALA B 194 -1.94 5.09 29.85
CA ALA B 194 -0.56 4.65 30.02
C ALA B 194 -0.63 3.19 30.44
N ARG B 195 -1.64 2.89 31.22
CA ARG B 195 -2.00 1.53 31.60
C ARG B 195 -2.17 0.67 30.36
N LYS B 196 -2.66 1.30 29.29
CA LYS B 196 -2.86 0.61 28.02
C LYS B 196 -1.52 0.36 27.34
N SER B 197 -0.44 0.55 28.08
CA SER B 197 0.91 0.37 27.54
C SER B 197 1.82 -0.38 28.50
N PHE B 198 1.56 -0.24 29.80
CA PHE B 198 2.31 -0.93 30.83
C PHE B 198 1.76 -0.60 32.21
N PRO B 199 1.84 -1.55 33.15
CA PRO B 199 1.32 -1.36 34.51
C PRO B 199 2.05 -0.24 35.25
N CYS B 200 1.31 0.76 35.71
CA CYS B 200 1.90 1.92 36.37
C CYS B 200 0.88 2.70 37.19
N PHE B 201 1.36 3.64 37.98
CA PHE B 201 0.49 4.52 38.76
C PHE B 201 0.06 5.70 37.91
N ASP B 202 -1.02 5.54 37.16
CA ASP B 202 -1.41 6.51 36.14
C ASP B 202 -2.29 7.66 36.66
N GLU B 203 -1.73 8.45 37.57
CA GLU B 203 -2.33 9.72 37.97
C GLU B 203 -1.27 10.82 37.84
N PRO B 204 -1.70 12.01 37.39
CA PRO B 204 -0.78 13.09 37.05
C PRO B 204 0.05 13.56 38.25
N ALA B 205 -0.41 13.24 39.46
CA ALA B 205 0.29 13.64 40.67
C ALA B 205 1.54 12.79 40.90
N MET B 206 1.34 11.48 40.95
CA MET B 206 2.42 10.54 41.27
C MET B 206 3.53 10.57 40.23
N LYS B 207 4.26 11.67 40.17
CA LYS B 207 5.39 11.79 39.25
C LYS B 207 6.47 10.76 39.58
N ALA B 208 7.25 10.38 38.57
CA ALA B 208 8.33 9.42 38.75
C ALA B 208 9.38 9.58 37.65
N THR B 209 10.46 8.79 37.76
CA THR B 209 11.52 8.80 36.75
C THR B 209 11.40 7.55 35.88
N PHE B 210 11.80 7.65 34.63
CA PHE B 210 11.58 6.56 33.67
C PHE B 210 12.80 6.18 32.82
N ASN B 211 13.21 4.92 32.95
CA ASN B 211 14.23 4.35 32.07
C ASN B 211 13.54 3.60 30.93
N ILE B 212 13.65 4.13 29.70
CA ILE B 212 12.89 3.61 28.57
C ILE B 212 13.75 2.94 27.50
N THR B 213 13.29 1.80 27.01
CA THR B 213 13.94 1.11 25.91
C THR B 213 12.92 0.59 24.88
N LEU B 214 13.32 0.62 23.61
CA LEU B 214 12.48 0.11 22.54
C LEU B 214 13.24 -0.92 21.70
N ILE B 215 12.70 -2.13 21.63
CA ILE B 215 13.22 -3.13 20.69
C ILE B 215 12.43 -3.03 19.39
N HIS B 216 13.12 -2.67 18.32
CA HIS B 216 12.45 -2.32 17.08
C HIS B 216 13.18 -2.87 15.87
N PRO B 217 12.48 -2.96 14.73
CA PRO B 217 13.09 -3.39 13.47
C PRO B 217 14.33 -2.56 13.10
N ASN B 218 15.40 -3.26 12.75
CA ASN B 218 16.72 -2.70 12.50
C ASN B 218 16.81 -1.33 11.79
N ASN B 219 15.96 -1.13 10.79
CA ASN B 219 16.04 0.06 9.93
C ASN B 219 15.25 1.27 10.45
N LEU B 220 14.33 1.03 11.37
CA LEU B 220 13.46 2.08 11.90
C LEU B 220 14.12 2.91 13.00
N THR B 221 13.62 4.14 13.21
CA THR B 221 14.20 5.06 14.18
C THR B 221 13.37 5.16 15.47
N ALA B 222 14.01 4.94 16.60
CA ALA B 222 13.34 4.99 17.89
C ALA B 222 13.42 6.37 18.53
N LEU B 223 12.27 6.87 19.01
CA LEU B 223 12.18 8.20 19.61
C LEU B 223 11.49 8.13 20.98
N SER B 224 11.90 9.00 21.89
CA SER B 224 11.21 9.11 23.17
C SER B 224 11.43 10.48 23.83
N ASN B 225 11.04 10.58 25.10
CA ASN B 225 11.15 11.83 25.83
C ASN B 225 12.60 12.32 25.90
N MET B 226 13.51 11.41 26.23
CA MET B 226 14.91 11.74 26.40
C MET B 226 15.74 11.22 25.24
N PRO B 227 16.92 11.82 25.01
CA PRO B 227 17.84 11.34 23.98
C PRO B 227 18.20 9.87 24.18
N PRO B 228 18.64 9.19 23.11
CA PRO B 228 19.08 7.80 23.22
C PRO B 228 20.34 7.74 24.07
N LYS B 229 20.43 6.72 24.93
CA LYS B 229 21.57 6.58 25.82
C LYS B 229 22.85 6.53 25.00
N GLY B 230 23.00 5.47 24.20
CA GLY B 230 24.11 5.36 23.28
C GLY B 230 23.59 5.23 21.86
N SER B 231 24.27 4.41 21.07
CA SER B 231 23.79 4.07 19.74
C SER B 231 22.94 2.81 19.86
N SER B 232 22.11 2.56 18.86
CA SER B 232 21.26 1.36 18.88
C SER B 232 22.07 0.08 18.68
N THR B 233 21.85 -0.90 19.56
CA THR B 233 22.61 -2.14 19.52
C THR B 233 21.79 -3.34 19.06
N PRO B 234 22.37 -4.17 18.20
CA PRO B 234 21.78 -5.42 17.72
C PRO B 234 21.24 -6.28 18.87
N LEU B 235 19.99 -6.73 18.75
CA LEU B 235 19.38 -7.61 19.75
C LEU B 235 19.99 -9.01 19.74
N ALA B 236 20.04 -9.64 20.91
CA ALA B 236 20.68 -10.94 21.07
C ALA B 236 20.26 -11.92 19.99
N GLU B 237 18.96 -12.20 19.95
CA GLU B 237 18.39 -13.08 18.92
C GLU B 237 17.76 -12.23 17.82
N ASP B 238 17.55 -12.82 16.66
CA ASP B 238 16.84 -12.14 15.58
C ASP B 238 17.56 -10.87 15.17
N PRO B 239 18.86 -10.96 14.83
CA PRO B 239 19.70 -9.79 14.56
C PRO B 239 19.13 -8.85 13.49
N ASN B 240 17.83 -8.94 13.22
CA ASN B 240 17.16 -7.96 12.38
C ASN B 240 16.48 -6.92 13.25
N TRP B 241 16.66 -7.06 14.55
CA TRP B 241 16.15 -6.12 15.53
C TRP B 241 17.30 -5.35 16.17
N SER B 242 17.09 -4.07 16.40
CA SER B 242 18.04 -3.27 17.17
C SER B 242 17.43 -2.90 18.51
N VAL B 243 18.27 -2.46 19.43
CA VAL B 243 17.81 -2.01 20.73
C VAL B 243 18.26 -0.58 21.00
N THR B 244 17.30 0.32 21.19
CA THR B 244 17.61 1.72 21.47
C THR B 244 17.24 2.10 22.90
N GLU B 245 18.25 2.36 23.72
CA GLU B 245 18.07 2.69 25.13
C GLU B 245 18.11 4.21 25.34
N PHE B 246 17.18 4.73 26.13
CA PHE B 246 17.09 6.16 26.34
C PHE B 246 17.59 6.62 27.70
N GLU B 247 18.11 7.84 27.76
CA GLU B 247 18.57 8.43 29.01
C GLU B 247 17.39 8.60 29.96
N THR B 248 17.67 8.55 31.26
CA THR B 248 16.61 8.64 32.26
C THR B 248 15.94 10.01 32.27
N THR B 249 14.62 10.01 32.22
CA THR B 249 13.84 11.24 32.21
C THR B 249 13.92 11.97 33.54
N PRO B 250 13.52 13.25 33.55
CA PRO B 250 13.26 13.94 34.81
C PRO B 250 12.07 13.28 35.49
N VAL B 251 11.56 13.92 36.54
CA VAL B 251 10.41 13.36 37.25
C VAL B 251 9.12 13.84 36.61
N MET B 252 8.57 13.03 35.73
CA MET B 252 7.33 13.37 35.04
C MET B 252 6.18 12.52 35.56
N SER B 253 5.01 12.63 34.93
CA SER B 253 3.79 12.06 35.47
C SER B 253 3.07 11.15 34.49
N THR B 254 3.77 10.16 33.96
CA THR B 254 3.22 9.33 32.89
C THR B 254 2.64 10.30 31.87
N TYR B 255 1.48 9.95 31.31
CA TYR B 255 0.71 10.84 30.44
C TYR B 255 1.48 11.90 29.65
N LEU B 256 2.71 12.20 30.05
CA LEU B 256 3.61 13.02 29.23
C LEU B 256 4.62 12.11 28.53
N LEU B 257 4.45 10.82 28.72
CA LEU B 257 5.35 9.83 28.11
C LEU B 257 5.09 9.66 26.62
N ALA B 258 6.16 9.41 25.88
CA ALA B 258 6.07 9.24 24.44
C ALA B 258 7.18 8.35 23.92
N TYR B 259 6.80 7.38 23.10
CA TYR B 259 7.78 6.58 22.36
C TYR B 259 7.26 6.33 20.96
N ILE B 260 8.15 6.41 19.97
CA ILE B 260 7.75 6.29 18.57
C ILE B 260 8.76 5.51 17.72
N VAL B 261 8.29 4.40 17.14
CA VAL B 261 9.09 3.65 16.17
C VAL B 261 8.54 3.91 14.77
N SER B 262 9.32 4.56 13.93
CA SER B 262 8.83 4.98 12.63
C SER B 262 9.91 5.01 11.56
N GLU B 263 9.50 5.32 10.34
CA GLU B 263 10.38 5.37 9.19
C GLU B 263 10.74 6.82 8.91
N PHE B 264 10.57 7.67 9.92
CA PHE B 264 10.67 9.12 9.74
C PHE B 264 12.09 9.66 9.67
N GLN B 265 12.20 10.91 9.23
CA GLN B 265 13.48 11.65 9.24
C GLN B 265 13.27 13.03 9.84
N SER B 266 14.31 13.85 9.89
CA SER B 266 14.21 15.13 10.58
C SER B 266 15.04 16.25 9.97
N VAL B 267 14.65 17.48 10.30
CA VAL B 267 15.47 18.67 10.04
C VAL B 267 15.83 19.25 11.41
N ASN B 268 17.04 19.75 11.56
CA ASN B 268 17.47 20.17 12.89
C ASN B 268 18.40 21.39 12.94
N GLU B 269 18.26 22.16 14.02
CA GLU B 269 19.18 23.24 14.32
C GLU B 269 19.61 23.11 15.77
N THR B 270 20.69 23.80 16.13
CA THR B 270 21.18 23.81 17.51
C THR B 270 21.25 25.24 18.02
N ALA B 271 20.41 25.55 19.01
CA ALA B 271 20.34 26.90 19.56
C ALA B 271 21.58 27.26 20.38
N GLN B 272 22.00 28.53 20.29
CA GLN B 272 23.17 28.98 21.02
C GLN B 272 23.02 28.80 22.53
N ASN B 273 22.90 27.56 22.95
CA ASN B 273 22.90 27.22 24.37
C ASN B 273 22.99 25.71 24.59
N GLY B 274 23.18 24.97 23.51
CA GLY B 274 23.42 23.55 23.59
C GLY B 274 22.22 22.65 23.35
N VAL B 275 21.02 23.22 23.41
CA VAL B 275 19.80 22.44 23.23
C VAL B 275 19.56 22.09 21.76
N LEU B 276 19.22 20.82 21.51
CA LEU B 276 19.02 20.32 20.16
C LEU B 276 17.56 20.33 19.76
N ILE B 277 17.27 20.95 18.61
CA ILE B 277 15.90 21.07 18.12
C ILE B 277 15.73 20.28 16.82
N ARG B 278 14.73 19.42 16.78
CA ARG B 278 14.53 18.54 15.63
C ARG B 278 13.07 18.42 15.22
N ILE B 279 12.80 18.67 13.94
CA ILE B 279 11.46 18.53 13.38
C ILE B 279 11.32 17.23 12.60
N TRP B 280 10.53 16.30 13.14
CA TRP B 280 10.37 14.98 12.52
C TRP B 280 9.10 14.89 11.68
N ALA B 281 9.27 14.52 10.41
CA ALA B 281 8.14 14.29 9.53
C ALA B 281 8.46 13.12 8.59
N ARG B 282 7.49 12.70 7.79
CA ARG B 282 7.73 11.64 6.81
C ARG B 282 8.86 12.05 5.89
N PRO B 283 9.68 11.08 5.46
CA PRO B 283 10.89 11.32 4.67
C PRO B 283 10.66 12.30 3.52
N ASN B 284 9.56 12.13 2.79
CA ASN B 284 9.24 13.03 1.69
C ASN B 284 8.99 14.44 2.19
N ALA B 285 8.11 14.56 3.18
CA ALA B 285 7.77 15.86 3.75
C ALA B 285 9.02 16.62 4.16
N ILE B 286 10.06 15.89 4.58
CA ILE B 286 11.31 16.49 4.96
C ILE B 286 12.09 16.98 3.74
N ALA B 287 12.01 16.21 2.65
CA ALA B 287 12.71 16.55 1.41
C ALA B 287 12.49 18.00 1.01
N GLU B 288 11.24 18.36 0.73
CA GLU B 288 10.90 19.77 0.53
C GLU B 288 10.75 20.42 1.89
N GLY B 289 11.24 21.65 2.04
CA GLY B 289 11.20 22.33 3.31
C GLY B 289 9.80 22.45 3.89
N HIS B 290 9.09 21.33 3.98
CA HIS B 290 7.74 21.32 4.53
C HIS B 290 7.78 21.59 6.03
N GLY B 291 8.82 21.10 6.68
CA GLY B 291 8.97 21.29 8.11
C GLY B 291 9.89 22.44 8.45
N MET B 292 10.29 23.19 7.42
CA MET B 292 11.23 24.29 7.60
C MET B 292 10.66 25.39 8.50
N TYR B 293 9.46 25.87 8.17
CA TYR B 293 8.82 26.91 8.96
C TYR B 293 8.70 26.49 10.42
N ALA B 294 8.25 25.27 10.65
CA ALA B 294 8.07 24.74 11.99
C ALA B 294 9.40 24.50 12.70
N LEU B 295 10.49 24.91 12.05
CA LEU B 295 11.82 24.87 12.65
C LEU B 295 12.30 26.29 12.79
N ASN B 296 12.10 27.06 11.73
CA ASN B 296 12.36 28.49 11.74
C ASN B 296 11.94 29.16 13.05
N VAL B 297 10.75 28.82 13.53
CA VAL B 297 10.14 29.53 14.66
C VAL B 297 10.24 28.79 15.99
N THR B 298 10.52 27.50 15.94
CA THR B 298 10.62 26.70 17.17
C THR B 298 11.71 27.22 18.11
N GLY B 299 12.84 27.63 17.54
CA GLY B 299 13.93 28.19 18.33
C GLY B 299 13.52 29.44 19.09
N PRO B 300 13.19 30.50 18.37
CA PRO B 300 12.73 31.78 18.93
C PRO B 300 11.68 31.60 20.01
N ILE B 301 10.67 30.78 19.74
CA ILE B 301 9.63 30.51 20.73
C ILE B 301 10.22 29.87 21.98
N LEU B 302 11.11 28.91 21.77
CA LEU B 302 11.73 28.19 22.88
C LEU B 302 12.53 29.15 23.77
N ASN B 303 13.15 30.16 23.15
CA ASN B 303 13.84 31.20 23.90
C ASN B 303 12.86 32.04 24.70
N PHE B 304 11.92 32.65 24.01
CA PHE B 304 10.90 33.48 24.63
C PHE B 304 10.38 32.87 25.93
N PHE B 305 9.93 31.64 25.86
CA PHE B 305 9.37 30.97 27.03
C PHE B 305 10.41 30.77 28.14
N ALA B 306 11.66 30.54 27.76
CA ALA B 306 12.73 30.43 28.75
C ALA B 306 12.81 31.73 29.55
N ASN B 307 12.80 32.85 28.84
CA ASN B 307 12.83 34.16 29.47
C ASN B 307 11.54 34.48 30.23
N HIS B 308 10.41 34.28 29.57
CA HIS B 308 9.10 34.59 30.15
C HIS B 308 8.81 33.76 31.39
N TYR B 309 9.62 32.73 31.62
CA TYR B 309 9.43 31.85 32.76
C TYR B 309 10.56 32.03 33.77
N ASN B 310 11.52 32.89 33.42
CA ASN B 310 12.78 32.95 34.14
C ASN B 310 13.26 31.56 34.54
N THR B 311 13.05 30.62 33.63
CA THR B 311 13.47 29.24 33.84
C THR B 311 14.07 28.70 32.54
N SER B 312 15.18 27.98 32.65
CA SER B 312 15.80 27.40 31.46
C SER B 312 15.02 26.16 31.03
N TYR B 313 15.02 25.91 29.72
CA TYR B 313 14.36 24.74 29.17
C TYR B 313 14.93 23.47 29.81
N PRO B 314 14.05 22.71 30.48
CA PRO B 314 14.41 21.59 31.37
C PRO B 314 14.86 20.28 30.70
N LEU B 315 15.04 20.25 29.38
CA LEU B 315 15.46 19.01 28.71
C LEU B 315 16.57 19.22 27.67
N PRO B 316 17.31 18.15 27.36
CA PRO B 316 18.48 18.20 26.46
C PRO B 316 18.11 18.55 25.04
N LYS B 317 16.98 18.03 24.57
CA LYS B 317 16.54 18.28 23.20
C LYS B 317 15.04 18.50 23.15
N SER B 318 14.56 18.93 21.98
CA SER B 318 13.13 19.12 21.75
C SER B 318 12.72 18.62 20.39
N ASP B 319 12.16 17.41 20.35
CA ASP B 319 11.65 16.84 19.11
C ASP B 319 10.16 17.17 18.96
N GLN B 320 9.78 17.65 17.78
CA GLN B 320 8.38 17.78 17.43
C GLN B 320 8.10 16.97 16.17
N ILE B 321 7.24 15.96 16.29
CA ILE B 321 6.98 15.05 15.17
C ILE B 321 5.64 15.33 14.50
N ALA B 322 5.60 15.15 13.18
CA ALA B 322 4.37 15.36 12.41
C ALA B 322 3.74 14.04 11.98
N LEU B 323 2.67 13.66 12.66
CA LEU B 323 1.92 12.46 12.32
C LEU B 323 0.80 12.80 11.33
N PRO B 324 0.54 11.90 10.38
CA PRO B 324 -0.37 12.16 9.25
C PRO B 324 -1.85 12.23 9.62
N ASP B 325 -2.29 11.41 10.59
CA ASP B 325 -3.71 11.33 10.94
C ASP B 325 -4.01 11.97 12.30
N PHE B 326 -3.23 11.60 13.30
CA PHE B 326 -3.35 12.14 14.66
C PHE B 326 -4.52 13.10 14.90
N ASN B 327 -5.55 12.61 15.58
CA ASN B 327 -6.76 13.40 15.82
C ASN B 327 -6.52 14.67 16.64
N ALA B 328 -6.56 14.54 17.96
CA ALA B 328 -6.37 15.68 18.85
C ALA B 328 -5.19 16.53 18.40
N GLY B 329 -5.50 17.65 17.74
CA GLY B 329 -4.49 18.56 17.21
C GLY B 329 -3.06 18.18 17.53
N ALA B 330 -2.64 18.45 18.77
CA ALA B 330 -1.31 18.08 19.22
C ALA B 330 -1.36 17.54 20.65
N MET B 331 -0.23 17.02 21.11
CA MET B 331 -0.12 16.47 22.45
C MET B 331 1.25 16.76 23.05
N GLU B 332 1.28 17.64 24.05
CA GLU B 332 2.52 18.21 24.57
C GLU B 332 3.43 17.26 25.35
N ASN B 333 3.58 16.04 24.89
CA ASN B 333 4.52 15.10 25.52
C ASN B 333 5.86 15.80 25.75
N TRP B 334 6.46 15.56 26.91
CA TRP B 334 7.65 16.28 27.33
C TRP B 334 8.88 15.91 26.50
N GLY B 335 9.31 16.81 25.63
CA GLY B 335 10.51 16.61 24.85
C GLY B 335 10.27 15.96 23.51
N LEU B 336 9.07 15.44 23.33
CA LEU B 336 8.67 14.80 22.08
C LEU B 336 7.20 15.08 21.81
N VAL B 337 6.91 16.24 21.24
CA VAL B 337 5.53 16.68 21.10
C VAL B 337 4.94 16.31 19.74
N THR B 338 3.76 15.68 19.77
CA THR B 338 3.11 15.19 18.57
C THR B 338 2.08 16.17 18.01
N TYR B 339 2.23 16.50 16.74
CA TYR B 339 1.27 17.37 16.05
C TYR B 339 0.61 16.59 14.91
N ARG B 340 -0.59 17.01 14.52
CA ARG B 340 -1.16 16.54 13.28
C ARG B 340 -0.47 17.31 12.17
N GLU B 341 -0.25 16.65 11.02
CA GLU B 341 0.57 17.24 9.96
C GLU B 341 0.14 18.64 9.51
N ASN B 342 -1.15 18.85 9.31
CA ASN B 342 -1.66 20.14 8.87
C ASN B 342 -1.30 21.26 9.85
N ALA B 343 -1.02 20.87 11.10
CA ALA B 343 -0.78 21.83 12.16
C ALA B 343 0.70 22.17 12.28
N LEU B 344 1.57 21.25 11.87
CA LEU B 344 3.00 21.45 12.03
C LEU B 344 3.71 21.80 10.72
N LEU B 345 3.31 21.13 9.64
CA LEU B 345 3.97 21.33 8.36
C LEU B 345 3.32 22.47 7.56
N PHE B 346 4.12 23.10 6.71
CA PHE B 346 3.63 24.20 5.87
C PHE B 346 4.31 24.22 4.50
N ASP B 347 3.50 24.15 3.46
CA ASP B 347 4.01 24.17 2.09
C ASP B 347 3.77 25.52 1.43
N PRO B 348 4.84 26.28 1.21
CA PRO B 348 4.75 27.64 0.65
C PRO B 348 4.22 27.61 -0.78
N GLN B 349 4.07 26.43 -1.34
CA GLN B 349 3.64 26.29 -2.73
C GLN B 349 2.13 26.11 -2.85
N SER B 350 1.50 25.62 -1.79
CA SER B 350 0.08 25.28 -1.87
C SER B 350 -0.67 25.52 -0.55
N SER B 351 -0.11 26.36 0.31
CA SER B 351 -0.76 26.68 1.58
C SER B 351 -1.04 28.17 1.70
N SER B 352 -2.07 28.51 2.46
CA SER B 352 -2.46 29.90 2.66
C SER B 352 -1.77 30.48 3.90
N ILE B 353 -1.79 31.81 4.01
CA ILE B 353 -1.25 32.46 5.19
C ILE B 353 -1.96 31.94 6.43
N SER B 354 -3.26 31.70 6.28
CA SER B 354 -4.05 31.11 7.33
C SER B 354 -3.34 29.90 7.92
N ASN B 355 -2.71 29.11 7.05
CA ASN B 355 -2.00 27.91 7.48
C ASN B 355 -0.75 28.23 8.30
N LYS B 356 -0.13 29.37 8.02
CA LYS B 356 1.05 29.78 8.77
C LYS B 356 0.72 30.08 10.22
N GLU B 357 -0.33 30.86 10.44
CA GLU B 357 -0.74 31.21 11.80
C GLU B 357 -1.01 29.95 12.62
N ARG B 358 -1.68 28.98 12.01
CA ARG B 358 -2.04 27.75 12.68
C ARG B 358 -0.80 27.03 13.21
N VAL B 359 0.30 27.08 12.45
CA VAL B 359 1.53 26.40 12.83
C VAL B 359 2.24 27.10 13.98
N VAL B 360 2.41 28.41 13.86
CA VAL B 360 3.09 29.18 14.88
C VAL B 360 2.36 29.13 16.23
N THR B 361 1.04 29.25 16.20
CA THR B 361 0.27 29.35 17.43
C THR B 361 0.02 28.01 18.11
N VAL B 362 0.35 26.91 17.43
CA VAL B 362 0.16 25.60 18.01
C VAL B 362 1.48 25.04 18.55
N ILE B 363 2.57 25.41 17.89
CA ILE B 363 3.89 25.12 18.42
C ILE B 363 4.04 25.93 19.71
N ALA B 364 3.57 27.16 19.68
CA ALA B 364 3.61 28.03 20.85
C ALA B 364 2.85 27.42 22.01
N HIS B 365 1.58 27.08 21.78
CA HIS B 365 0.77 26.49 22.84
C HIS B 365 1.45 25.27 23.43
N GLU B 366 2.01 24.43 22.56
CA GLU B 366 2.53 23.16 23.01
C GLU B 366 3.90 23.27 23.69
N LEU B 367 4.76 24.12 23.14
CA LEU B 367 6.04 24.39 23.79
C LEU B 367 5.82 25.09 25.12
N ALA B 368 4.75 25.87 25.21
CA ALA B 368 4.38 26.53 26.46
C ALA B 368 4.21 25.52 27.59
N HIS B 369 3.54 24.42 27.28
CA HIS B 369 3.30 23.37 28.26
C HIS B 369 4.59 22.76 28.79
N GLN B 370 5.68 22.94 28.05
CA GLN B 370 6.96 22.31 28.42
C GLN B 370 7.48 22.78 29.78
N TRP B 371 7.01 23.94 30.22
CA TRP B 371 7.28 24.42 31.57
C TRP B 371 6.00 24.29 32.39
N PHE B 372 5.01 25.12 32.05
CA PHE B 372 3.76 25.17 32.78
C PHE B 372 2.84 24.01 32.37
N GLY B 373 2.91 22.93 33.13
CA GLY B 373 2.10 21.75 32.89
C GLY B 373 2.88 20.47 33.07
N ASN B 374 4.13 20.48 32.61
CA ASN B 374 4.99 19.31 32.69
C ASN B 374 6.09 19.46 33.74
N LEU B 375 6.66 20.65 33.85
CA LEU B 375 7.65 20.94 34.87
C LEU B 375 6.95 21.15 36.20
N VAL B 376 5.81 21.81 36.14
CA VAL B 376 4.94 21.99 37.31
C VAL B 376 3.54 21.56 36.92
N THR B 377 3.18 20.34 37.32
CA THR B 377 1.93 19.71 36.88
C THR B 377 0.80 19.93 37.89
N LEU B 378 -0.39 20.27 37.39
CA LEU B 378 -1.54 20.43 38.27
C LEU B 378 -1.92 19.08 38.88
N ALA B 379 -2.48 19.15 40.08
CA ALA B 379 -2.71 17.96 40.90
C ALA B 379 -3.69 16.96 40.28
N TRP B 380 -4.85 17.45 39.87
CA TRP B 380 -5.87 16.58 39.30
C TRP B 380 -6.51 17.24 38.08
N TRP B 381 -7.35 16.49 37.37
CA TRP B 381 -7.92 16.97 36.12
C TRP B 381 -8.98 18.05 36.33
N ASN B 382 -9.42 18.23 37.57
CA ASN B 382 -10.42 19.25 37.87
C ASN B 382 -9.86 20.66 37.65
N ASP B 383 -8.54 20.78 37.76
CA ASP B 383 -7.89 22.06 37.57
C ASP B 383 -7.27 22.18 36.18
N LEU B 384 -7.69 21.30 35.27
CA LEU B 384 -7.21 21.34 33.89
C LEU B 384 -7.34 22.73 33.30
N TRP B 385 -8.42 23.41 33.66
CA TRP B 385 -8.68 24.73 33.11
C TRP B 385 -7.48 25.66 33.20
N LEU B 386 -6.77 25.61 34.33
CA LEU B 386 -5.60 26.46 34.50
C LEU B 386 -4.52 26.08 33.48
N ASN B 387 -4.15 24.81 33.46
CA ASN B 387 -3.13 24.31 32.54
C ASN B 387 -3.39 24.71 31.09
N GLU B 388 -4.48 24.21 30.52
CA GLU B 388 -4.81 24.51 29.12
C GLU B 388 -5.16 25.97 28.90
N GLY B 389 -5.93 26.53 29.82
CA GLY B 389 -6.29 27.94 29.76
C GLY B 389 -5.08 28.84 29.70
N PHE B 390 -4.08 28.53 30.53
CA PHE B 390 -2.85 29.32 30.54
C PHE B 390 -2.15 29.24 29.19
N ALA B 391 -1.87 28.02 28.76
CA ALA B 391 -1.20 27.81 27.48
C ALA B 391 -2.01 28.42 26.33
N SER B 392 -3.33 28.42 26.49
CA SER B 392 -4.22 28.99 25.48
C SER B 392 -4.07 30.50 25.41
N TYR B 393 -3.52 31.09 26.47
CA TYR B 393 -3.25 32.54 26.48
C TYR B 393 -1.84 32.84 25.95
N VAL B 394 -0.84 32.14 26.49
CA VAL B 394 0.54 32.39 26.10
C VAL B 394 0.84 31.96 24.66
N GLU B 395 -0.06 31.18 24.06
CA GLU B 395 0.01 30.86 22.64
C GLU B 395 0.45 32.09 21.87
N TYR B 396 -0.36 33.14 21.99
CA TYR B 396 -0.15 34.38 21.27
C TYR B 396 1.16 35.03 21.70
N LEU B 397 1.45 35.00 22.99
CA LEU B 397 2.67 35.61 23.50
C LEU B 397 3.90 35.04 22.80
N GLY B 398 4.07 33.73 22.87
CA GLY B 398 5.16 33.07 22.19
C GLY B 398 5.10 33.34 20.70
N ALA B 399 3.95 33.03 20.10
CA ALA B 399 3.71 33.26 18.70
C ALA B 399 4.16 34.65 18.28
N ASP B 400 3.68 35.67 18.99
CA ASP B 400 3.99 37.06 18.69
C ASP B 400 5.48 37.32 18.63
N HIS B 401 6.25 36.64 19.48
CA HIS B 401 7.69 36.84 19.50
C HIS B 401 8.33 36.30 18.23
N ALA B 402 7.74 35.24 17.68
CA ALA B 402 8.25 34.64 16.45
C ALA B 402 7.94 35.51 15.24
N GLU B 403 6.71 36.00 15.19
CA GLU B 403 6.28 36.89 14.11
C GLU B 403 5.87 38.25 14.68
N PRO B 404 6.87 39.06 15.08
CA PRO B 404 6.65 40.35 15.74
C PRO B 404 5.73 41.27 14.95
N THR B 405 5.76 41.12 13.63
CA THR B 405 5.08 42.05 12.74
C THR B 405 3.59 41.76 12.52
N TRP B 406 3.13 40.62 13.03
CA TRP B 406 1.75 40.18 12.74
C TRP B 406 0.70 40.72 13.70
N ASN B 407 1.11 41.07 14.92
CA ASN B 407 0.18 41.53 15.94
C ASN B 407 -0.81 40.44 16.32
N LEU B 408 -0.31 39.26 16.69
CA LEU B 408 -1.19 38.17 17.11
C LEU B 408 -1.98 38.59 18.35
N LYS B 409 -1.29 38.64 19.48
CA LYS B 409 -1.82 39.15 20.74
C LYS B 409 -3.30 39.55 20.69
N ASP B 410 -3.66 40.37 19.70
CA ASP B 410 -5.03 40.84 19.52
C ASP B 410 -6.01 39.70 19.27
N LEU B 411 -5.61 38.77 18.39
CA LEU B 411 -6.49 37.69 17.94
C LEU B 411 -7.15 36.91 19.07
N ILE B 412 -6.58 36.96 20.26
CA ILE B 412 -7.18 36.30 21.41
C ILE B 412 -8.63 36.75 21.59
N VAL B 413 -8.87 38.03 21.30
CA VAL B 413 -10.19 38.61 21.53
C VAL B 413 -11.31 37.90 20.77
N PRO B 414 -11.23 37.91 19.42
CA PRO B 414 -12.30 37.29 18.63
C PRO B 414 -12.16 35.76 18.56
N GLY B 415 -10.92 35.27 18.53
CA GLY B 415 -10.68 33.84 18.46
C GLY B 415 -10.86 33.09 19.76
N ASP B 416 -10.95 33.81 20.87
CA ASP B 416 -11.02 33.15 22.19
C ASP B 416 -12.01 33.77 23.15
N VAL B 417 -11.94 35.08 23.34
CA VAL B 417 -12.80 35.77 24.29
C VAL B 417 -14.27 35.74 23.87
N TYR B 418 -14.58 36.44 22.78
CA TYR B 418 -15.94 36.49 22.29
C TYR B 418 -16.45 35.11 21.90
N ARG B 419 -15.53 34.25 21.47
CA ARG B 419 -15.87 32.88 21.12
C ARG B 419 -16.51 32.18 22.32
N VAL B 420 -15.79 32.13 23.43
CA VAL B 420 -16.28 31.44 24.62
C VAL B 420 -17.46 32.18 25.26
N MET B 421 -17.51 33.50 25.09
CA MET B 421 -18.62 34.29 25.63
C MET B 421 -19.97 33.84 25.09
N ALA B 422 -19.98 33.31 23.87
CA ALA B 422 -21.21 32.86 23.25
C ALA B 422 -21.82 31.68 23.98
N VAL B 423 -20.98 30.85 24.59
CA VAL B 423 -21.45 29.66 25.28
C VAL B 423 -21.51 29.86 26.80
N ASP B 424 -20.83 30.89 27.29
CA ASP B 424 -20.82 31.18 28.72
C ASP B 424 -21.99 32.08 29.08
N ALA B 425 -22.77 32.45 28.07
CA ALA B 425 -23.87 33.39 28.27
C ALA B 425 -25.23 32.70 28.25
N LEU B 426 -25.25 31.41 28.52
CA LEU B 426 -26.49 30.67 28.66
C LEU B 426 -26.52 29.93 29.99
N ALA B 427 -27.73 29.67 30.50
CA ALA B 427 -27.88 28.99 31.79
C ALA B 427 -27.25 27.61 31.78
N SER B 428 -27.01 27.08 30.57
CA SER B 428 -26.44 25.76 30.40
C SER B 428 -24.99 25.69 30.84
N SER B 429 -24.36 26.86 30.96
CA SER B 429 -22.92 26.92 31.20
C SER B 429 -22.51 26.48 32.61
N HIS B 430 -21.20 26.42 32.84
CA HIS B 430 -20.65 26.02 34.13
C HIS B 430 -19.38 26.81 34.48
N PRO B 431 -18.98 26.78 35.77
CA PRO B 431 -17.77 27.50 36.18
C PRO B 431 -16.52 26.64 36.00
N LEU B 432 -15.37 27.30 35.87
CA LEU B 432 -14.10 26.62 35.62
C LEU B 432 -13.71 25.70 36.77
N THR B 433 -13.71 26.22 37.99
CA THR B 433 -13.36 25.43 39.16
C THR B 433 -14.47 24.45 39.51
N THR B 434 -14.19 23.17 39.29
CA THR B 434 -15.08 22.11 39.76
C THR B 434 -14.35 21.28 40.81
N PRO B 435 -15.03 20.99 41.93
CA PRO B 435 -14.42 20.28 43.05
C PRO B 435 -13.84 18.93 42.65
N ALA B 436 -12.70 18.58 43.22
CA ALA B 436 -11.99 17.35 42.86
C ALA B 436 -12.83 16.10 43.08
N GLU B 437 -13.56 16.05 44.18
CA GLU B 437 -14.35 14.88 44.53
C GLU B 437 -15.34 14.53 43.42
N GLU B 438 -15.56 15.46 42.50
CA GLU B 438 -16.54 15.27 41.43
C GLU B 438 -15.91 14.86 40.10
N VAL B 439 -14.64 14.47 40.13
CA VAL B 439 -13.96 14.00 38.93
C VAL B 439 -13.24 12.69 39.20
N ASN B 440 -13.75 11.61 38.61
CA ASN B 440 -13.21 10.28 38.87
C ASN B 440 -13.12 9.39 37.63
N THR B 441 -14.27 9.07 37.04
CA THR B 441 -14.31 8.21 35.87
C THR B 441 -13.56 8.86 34.71
N PRO B 442 -12.80 8.05 33.95
CA PRO B 442 -12.04 8.55 32.79
C PRO B 442 -12.93 9.39 31.88
N ALA B 443 -14.23 9.17 31.96
CA ALA B 443 -15.20 9.94 31.21
C ALA B 443 -15.32 11.35 31.77
N GLN B 444 -15.50 11.43 33.10
CA GLN B 444 -15.58 12.73 33.78
C GLN B 444 -14.32 13.56 33.55
N ILE B 445 -13.18 12.88 33.50
CA ILE B 445 -11.91 13.54 33.24
C ILE B 445 -11.92 14.17 31.85
N SER B 446 -12.44 13.44 30.87
CA SER B 446 -12.46 13.93 29.49
C SER B 446 -13.36 15.15 29.36
N GLU B 447 -14.51 15.14 30.03
CA GLU B 447 -15.42 16.29 29.95
C GLU B 447 -14.82 17.53 30.61
N MET B 448 -13.59 17.41 31.10
CA MET B 448 -12.89 18.57 31.64
C MET B 448 -12.25 19.39 30.53
N PHE B 449 -12.46 18.96 29.28
CA PHE B 449 -11.89 19.65 28.13
C PHE B 449 -12.96 20.42 27.36
N ASP B 450 -13.63 21.34 28.03
CA ASP B 450 -14.62 22.20 27.38
C ASP B 450 -13.92 23.30 26.59
N SER B 451 -14.70 24.16 25.98
CA SER B 451 -14.16 25.35 25.34
C SER B 451 -13.99 26.42 26.41
N ILE B 452 -14.65 26.21 27.54
CA ILE B 452 -14.56 27.12 28.67
C ILE B 452 -13.21 26.98 29.37
N SER B 453 -12.92 25.77 29.82
CA SER B 453 -11.65 25.49 30.48
C SER B 453 -10.48 25.68 29.53
N TYR B 454 -10.71 26.43 28.45
CA TYR B 454 -9.72 26.66 27.42
C TYR B 454 -9.72 28.13 27.06
N SER B 455 -10.86 28.61 26.55
CA SER B 455 -11.00 29.99 26.13
C SER B 455 -11.31 30.92 27.30
N LYS B 456 -12.31 30.55 28.10
CA LYS B 456 -12.56 31.28 29.34
C LYS B 456 -11.25 31.28 30.13
N GLY B 457 -10.72 30.09 30.38
CA GLY B 457 -9.45 29.94 31.06
C GLY B 457 -8.44 30.95 30.58
N ALA B 458 -8.30 31.09 29.27
CA ALA B 458 -7.34 32.01 28.69
C ALA B 458 -7.75 33.46 28.93
N SER B 459 -9.02 33.77 28.70
CA SER B 459 -9.53 35.12 28.91
C SER B 459 -9.29 35.55 30.35
N VAL B 460 -9.86 34.79 31.28
CA VAL B 460 -9.66 34.98 32.71
C VAL B 460 -8.20 35.28 33.02
N ILE B 461 -7.33 34.34 32.67
CA ILE B 461 -5.91 34.46 32.98
C ILE B 461 -5.24 35.63 32.26
N ARG B 462 -5.72 35.96 31.07
CA ARG B 462 -5.21 37.11 30.35
C ARG B 462 -5.54 38.39 31.11
N MET B 463 -6.76 38.47 31.61
CA MET B 463 -7.21 39.66 32.35
C MET B 463 -6.42 39.81 33.64
N LEU B 464 -6.09 38.66 34.24
CA LEU B 464 -5.32 38.63 35.48
C LEU B 464 -3.94 39.22 35.25
N SER B 465 -3.23 38.66 34.27
CA SER B 465 -1.90 39.15 33.91
C SER B 465 -1.94 40.62 33.53
N ASN B 466 -3.14 41.14 33.27
CA ASN B 466 -3.29 42.51 32.79
C ASN B 466 -3.50 43.53 33.91
N PHE B 467 -4.24 43.15 34.95
CA PHE B 467 -4.47 44.06 36.07
C PHE B 467 -3.40 43.97 37.16
N LEU B 468 -2.44 43.07 36.97
CA LEU B 468 -1.29 42.97 37.85
C LEU B 468 -0.06 43.51 37.14
N THR B 469 -0.27 44.21 36.02
CA THR B 469 0.83 44.69 35.19
C THR B 469 1.84 43.58 34.90
N GLU B 470 1.71 42.97 33.73
CA GLU B 470 2.62 41.92 33.26
C GLU B 470 3.78 41.60 34.19
N ASP B 471 4.85 42.38 34.06
CA ASP B 471 6.06 42.22 34.89
C ASP B 471 5.83 41.56 36.24
N LEU B 472 4.84 42.07 36.97
CA LEU B 472 4.49 41.51 38.28
C LEU B 472 3.98 40.07 38.15
N PHE B 473 3.12 39.83 37.17
CA PHE B 473 2.57 38.51 36.90
C PHE B 473 3.66 37.48 36.64
N LYS B 474 4.65 37.87 35.84
CA LYS B 474 5.78 37.01 35.53
C LYS B 474 6.61 36.68 36.78
N GLU B 475 6.69 37.63 37.70
CA GLU B 475 7.43 37.42 38.93
C GLU B 475 6.80 36.32 39.76
N GLY B 476 5.48 36.42 39.97
CA GLY B 476 4.76 35.39 40.67
C GLY B 476 4.80 34.11 39.87
N LEU B 477 4.65 34.24 38.56
CA LEU B 477 4.72 33.11 37.65
C LEU B 477 6.00 32.33 37.88
N ALA B 478 7.11 33.05 37.96
CA ALA B 478 8.43 32.42 38.12
C ALA B 478 8.62 31.81 39.50
N SER B 479 8.28 32.56 40.54
CA SER B 479 8.41 32.05 41.90
C SER B 479 7.57 30.79 42.06
N TYR B 480 6.47 30.73 41.31
CA TYR B 480 5.61 29.56 41.30
C TYR B 480 6.33 28.35 40.70
N LEU B 481 6.98 28.56 39.57
CA LEU B 481 7.70 27.49 38.88
C LEU B 481 8.83 26.92 39.73
N HIS B 482 9.77 27.77 40.10
CA HIS B 482 10.91 27.35 40.90
C HIS B 482 10.45 26.63 42.15
N ALA B 483 9.38 27.14 42.76
CA ALA B 483 8.86 26.58 44.00
C ALA B 483 8.38 25.14 43.84
N PHE B 484 7.68 24.86 42.75
CA PHE B 484 7.03 23.57 42.58
C PHE B 484 7.60 22.72 41.46
N ALA B 485 8.76 23.11 40.95
CA ALA B 485 9.42 22.33 39.92
C ALA B 485 9.45 20.85 40.32
N TYR B 486 8.93 20.00 39.43
CA TYR B 486 8.98 18.53 39.61
C TYR B 486 8.05 18.01 40.69
N GLN B 487 6.90 18.68 40.85
CA GLN B 487 5.92 18.28 41.86
C GLN B 487 4.53 18.82 41.53
N ASN B 488 3.51 18.26 42.17
CA ASN B 488 2.12 18.65 41.91
C ASN B 488 1.71 19.97 42.56
N THR B 489 0.67 20.59 42.03
CA THR B 489 0.13 21.83 42.58
C THR B 489 -1.37 21.96 42.33
N THR B 490 -2.03 22.78 43.13
CA THR B 490 -3.39 23.20 42.87
C THR B 490 -3.33 24.62 42.30
N TYR B 491 -4.45 25.14 41.84
CA TYR B 491 -4.47 26.47 41.24
C TYR B 491 -4.32 27.55 42.30
N LEU B 492 -4.61 27.21 43.55
CA LEU B 492 -4.48 28.15 44.65
C LEU B 492 -3.03 28.50 44.88
N ASP B 493 -2.14 27.58 44.53
CA ASP B 493 -0.71 27.75 44.71
C ASP B 493 -0.15 28.85 43.81
N LEU B 494 -0.76 29.02 42.64
CA LEU B 494 -0.37 30.11 41.75
C LEU B 494 -0.95 31.44 42.23
N TRP B 495 -2.20 31.39 42.70
CA TRP B 495 -2.84 32.57 43.26
C TRP B 495 -1.98 33.11 44.39
N GLU B 496 -1.48 32.20 45.22
CA GLU B 496 -0.64 32.57 46.35
C GLU B 496 0.60 33.31 45.85
N HIS B 497 1.40 32.65 45.04
CA HIS B 497 2.67 33.22 44.56
C HIS B 497 2.50 34.54 43.81
N LEU B 498 1.30 34.83 43.35
CA LEU B 498 1.03 36.11 42.70
C LEU B 498 0.79 37.16 43.77
N GLN B 499 0.20 36.73 44.89
CA GLN B 499 0.06 37.59 46.05
C GLN B 499 1.45 37.88 46.62
N LYS B 500 2.16 36.81 46.98
CA LYS B 500 3.53 36.93 47.45
C LYS B 500 4.30 38.01 46.70
N ALA B 501 3.86 38.28 45.46
CA ALA B 501 4.56 39.23 44.60
C ALA B 501 3.93 40.63 44.65
N VAL B 502 2.62 40.69 44.74
CA VAL B 502 1.94 41.98 44.88
C VAL B 502 2.16 42.52 46.29
N ASP B 503 2.21 41.61 47.26
CA ASP B 503 2.47 41.98 48.65
C ASP B 503 3.86 42.61 48.78
N ALA B 504 4.81 42.11 48.00
CA ALA B 504 6.19 42.59 48.07
C ALA B 504 6.41 43.87 47.27
N GLN B 505 5.32 44.53 46.90
CA GLN B 505 5.40 45.69 46.02
C GLN B 505 4.34 46.73 46.39
N THR B 506 4.67 48.00 46.19
CA THR B 506 3.81 49.09 46.63
C THR B 506 3.25 49.89 45.47
N SER B 507 3.71 49.59 44.26
CA SER B 507 3.37 50.39 43.08
C SER B 507 1.92 50.25 42.61
N ILE B 508 1.54 49.05 42.21
CA ILE B 508 0.16 48.81 41.76
C ILE B 508 -0.65 48.19 42.88
N ARG B 509 -1.97 48.22 42.76
CA ARG B 509 -2.83 47.77 43.84
C ARG B 509 -4.17 47.27 43.33
N LEU B 510 -4.74 46.32 44.06
CA LEU B 510 -6.05 45.77 43.76
C LEU B 510 -6.97 46.07 44.92
N PRO B 511 -8.28 45.90 44.72
CA PRO B 511 -9.23 46.05 45.83
C PRO B 511 -9.01 44.98 46.89
N ASP B 512 -9.42 43.75 46.59
CA ASP B 512 -9.29 42.65 47.53
C ASP B 512 -8.03 41.83 47.23
N THR B 513 -7.92 40.66 47.85
CA THR B 513 -6.80 39.77 47.61
C THR B 513 -6.90 39.19 46.20
N VAL B 514 -5.80 38.65 45.69
CA VAL B 514 -5.80 38.05 44.36
C VAL B 514 -6.81 36.90 44.28
N ARG B 515 -6.76 35.99 45.24
CA ARG B 515 -7.70 34.88 45.26
C ARG B 515 -9.15 35.36 45.38
N ALA B 516 -9.36 36.44 46.12
CA ALA B 516 -10.70 36.98 46.30
C ALA B 516 -11.26 37.49 44.98
N ILE B 517 -10.42 38.19 44.23
CA ILE B 517 -10.81 38.74 42.94
C ILE B 517 -11.05 37.63 41.93
N MET B 518 -10.15 36.65 41.91
CA MET B 518 -10.23 35.55 40.96
C MET B 518 -11.46 34.67 41.18
N ASP B 519 -11.79 34.42 42.44
CA ASP B 519 -12.92 33.56 42.77
C ASP B 519 -14.24 34.03 42.14
N ARG B 520 -14.41 35.34 42.00
CA ARG B 520 -15.60 35.88 41.35
C ARG B 520 -15.71 35.32 39.94
N TRP B 521 -14.55 35.05 39.33
CA TRP B 521 -14.48 34.64 37.93
C TRP B 521 -14.30 33.14 37.75
N THR B 522 -13.73 32.47 38.74
CA THR B 522 -13.43 31.03 38.61
C THR B 522 -14.47 30.14 39.27
N LEU B 523 -15.22 30.70 40.21
CA LEU B 523 -16.11 29.88 41.03
C LEU B 523 -17.58 29.91 40.59
N GLN B 524 -17.93 30.86 39.72
CA GLN B 524 -19.29 30.94 39.21
C GLN B 524 -19.31 31.13 37.70
N MET B 525 -20.31 30.57 37.05
CA MET B 525 -20.42 30.64 35.60
C MET B 525 -20.76 32.04 35.12
N GLY B 526 -20.65 32.24 33.81
CA GLY B 526 -21.10 33.47 33.18
C GLY B 526 -20.20 34.67 33.42
N PHE B 527 -20.69 35.83 32.96
CA PHE B 527 -19.98 37.09 33.10
C PHE B 527 -20.99 38.22 33.12
N PRO B 528 -20.55 39.43 33.51
CA PRO B 528 -21.51 40.53 33.64
C PRO B 528 -21.60 41.39 32.39
N VAL B 529 -22.70 42.14 32.29
CA VAL B 529 -22.81 43.19 31.31
C VAL B 529 -22.77 44.53 32.06
N ILE B 530 -21.68 45.26 31.87
CA ILE B 530 -21.48 46.54 32.54
C ILE B 530 -22.23 47.65 31.80
N THR B 531 -23.19 48.26 32.48
CA THR B 531 -24.03 49.30 31.87
C THR B 531 -23.66 50.67 32.41
N VAL B 532 -23.65 51.67 31.53
CA VAL B 532 -23.19 53.01 31.90
C VAL B 532 -24.12 54.11 31.44
N ASP B 533 -24.66 54.87 32.39
CA ASP B 533 -25.47 56.04 32.08
C ASP B 533 -24.57 57.28 32.12
N THR B 534 -23.94 57.59 30.99
CA THR B 534 -22.95 58.65 30.94
C THR B 534 -23.47 60.03 31.35
N LYS B 535 -24.78 60.19 31.40
CA LYS B 535 -25.35 61.46 31.82
C LYS B 535 -25.15 61.68 33.32
N THR B 536 -25.41 60.64 34.10
CA THR B 536 -25.24 60.72 35.55
C THR B 536 -23.83 60.28 35.97
N GLY B 537 -23.39 59.14 35.45
CA GLY B 537 -22.13 58.56 35.85
C GLY B 537 -22.38 57.24 36.58
N ASN B 538 -23.65 56.90 36.74
CA ASN B 538 -24.04 55.65 37.38
C ASN B 538 -23.48 54.44 36.65
N ILE B 539 -23.46 53.30 37.34
CA ILE B 539 -22.93 52.07 36.76
C ILE B 539 -23.67 50.84 37.25
N SER B 540 -24.00 49.94 36.32
CA SER B 540 -24.70 48.72 36.66
C SER B 540 -23.83 47.51 36.34
N GLN B 541 -24.14 46.39 36.98
CA GLN B 541 -23.50 45.12 36.63
C GLN B 541 -24.53 44.00 36.78
N LYS B 542 -24.62 43.14 35.76
CA LYS B 542 -25.65 42.12 35.74
C LYS B 542 -25.22 40.87 34.98
N HIS B 543 -25.65 39.72 35.48
CA HIS B 543 -25.40 38.45 34.80
C HIS B 543 -25.96 38.51 33.38
N PHE B 544 -25.11 38.28 32.40
CA PHE B 544 -25.52 38.44 31.01
C PHE B 544 -25.86 37.14 30.28
N LEU B 545 -27.16 36.87 30.17
CA LEU B 545 -27.65 35.83 29.27
C LEU B 545 -28.21 36.55 28.04
N LEU B 546 -28.19 35.92 26.89
CA LEU B 546 -28.77 36.54 25.69
C LEU B 546 -30.20 36.10 25.43
N ASP B 547 -30.69 35.15 26.22
CA ASP B 547 -32.08 34.73 26.13
C ASP B 547 -32.90 35.43 27.21
N SER B 548 -33.13 36.73 27.03
CA SER B 548 -33.84 37.58 28.00
C SER B 548 -34.65 36.81 29.04
N GLU B 549 -35.39 35.82 28.58
CA GLU B 549 -36.22 35.00 29.45
C GLU B 549 -35.60 33.64 29.70
N SER B 550 -34.96 33.47 30.86
CA SER B 550 -34.22 32.25 31.15
C SER B 550 -34.37 31.78 32.59
N ASN B 551 -34.42 30.46 32.76
CA ASN B 551 -34.50 29.85 34.08
C ASN B 551 -33.12 29.57 34.64
N VAL B 552 -32.32 30.60 34.84
CA VAL B 552 -31.02 30.41 35.48
C VAL B 552 -31.23 29.78 36.84
N THR B 553 -30.68 28.58 37.02
CA THR B 553 -30.95 27.80 38.23
C THR B 553 -29.70 27.45 39.01
N ARG B 554 -28.56 27.39 38.32
CA ARG B 554 -27.30 27.13 38.98
C ARG B 554 -27.07 28.17 40.08
N SER B 555 -27.39 27.79 41.31
CA SER B 555 -27.24 28.69 42.45
C SER B 555 -25.77 29.08 42.59
N SER B 556 -25.55 30.35 42.95
CA SER B 556 -24.22 30.89 42.98
C SER B 556 -23.92 31.62 44.28
N ALA B 557 -22.86 31.21 44.95
CA ALA B 557 -22.29 32.04 46.00
C ALA B 557 -21.82 33.29 45.28
N PHE B 558 -22.10 34.45 45.86
CA PHE B 558 -21.74 35.76 45.29
C PHE B 558 -22.92 36.44 44.59
N ASP B 559 -24.00 35.70 44.36
CA ASP B 559 -25.20 36.23 43.71
C ASP B 559 -24.91 36.82 42.32
N TYR B 560 -24.06 36.12 41.56
CA TYR B 560 -23.65 36.59 40.24
C TYR B 560 -23.24 38.06 40.23
N LEU B 561 -22.28 38.39 41.09
CA LEU B 561 -21.66 39.70 41.06
C LEU B 561 -20.15 39.50 40.92
N TRP B 562 -19.49 40.44 40.28
CA TRP B 562 -18.06 40.33 40.01
C TRP B 562 -17.26 41.53 40.49
N ILE B 563 -16.01 41.29 40.83
CA ILE B 563 -15.05 42.38 41.04
C ILE B 563 -14.41 42.65 39.69
N VAL B 564 -14.82 43.74 39.05
CA VAL B 564 -14.49 43.98 37.65
C VAL B 564 -13.46 45.08 37.45
N PRO B 565 -12.30 44.72 36.88
CA PRO B 565 -11.28 45.69 36.48
C PRO B 565 -11.71 46.44 35.23
N ILE B 566 -11.91 47.74 35.35
CA ILE B 566 -12.46 48.51 34.24
C ILE B 566 -11.56 49.64 33.76
N SER B 567 -10.77 49.36 32.73
CA SER B 567 -10.04 50.41 32.04
C SER B 567 -11.08 51.22 31.26
N SER B 568 -10.68 52.39 30.78
CA SER B 568 -11.60 53.21 30.00
C SER B 568 -10.87 54.30 29.23
N ILE B 569 -11.58 54.88 28.27
CA ILE B 569 -11.02 55.92 27.44
C ILE B 569 -12.05 57.02 27.25
N LYS B 570 -11.61 58.27 27.36
CA LYS B 570 -12.49 59.40 27.13
C LYS B 570 -11.87 60.28 26.04
N ASN B 571 -12.53 60.32 24.89
CA ASN B 571 -12.02 61.09 23.75
C ASN B 571 -10.61 60.68 23.34
N GLY B 572 -10.34 59.38 23.36
CA GLY B 572 -9.06 58.87 22.93
C GLY B 572 -8.01 58.92 24.02
N VAL B 573 -8.19 59.81 24.99
CA VAL B 573 -7.28 59.88 26.13
C VAL B 573 -7.63 58.77 27.11
N MET B 574 -6.63 58.04 27.56
CA MET B 574 -6.88 56.97 28.53
C MET B 574 -7.18 57.56 29.91
N GLN B 575 -8.32 57.18 30.46
CA GLN B 575 -8.70 57.62 31.80
C GLN B 575 -7.82 56.94 32.84
N ASP B 576 -8.21 57.01 34.10
CA ASP B 576 -7.37 56.50 35.17
C ASP B 576 -7.49 54.99 35.33
N HIS B 577 -8.62 54.55 35.88
CA HIS B 577 -8.90 53.14 36.13
C HIS B 577 -9.90 53.04 37.27
N TYR B 578 -10.70 51.99 37.24
CA TYR B 578 -11.72 51.81 38.27
C TYR B 578 -11.91 50.32 38.55
N TRP B 579 -12.53 50.02 39.68
CA TRP B 579 -12.89 48.65 40.03
C TRP B 579 -14.34 48.58 40.48
N LEU B 580 -15.13 47.79 39.77
CA LEU B 580 -16.48 47.51 40.22
C LEU B 580 -16.37 46.51 41.36
N ARG B 581 -16.88 46.87 42.53
CA ARG B 581 -16.87 45.94 43.65
C ARG B 581 -18.02 44.95 43.50
N ASP B 582 -17.95 43.83 44.21
CA ASP B 582 -19.01 42.83 44.15
C ASP B 582 -20.34 43.42 44.61
N VAL B 583 -20.74 44.50 43.98
CA VAL B 583 -21.98 45.20 44.29
C VAL B 583 -22.74 45.51 43.00
N SER B 584 -24.07 45.53 43.09
CA SER B 584 -24.91 45.74 41.92
C SER B 584 -24.74 47.11 41.26
N GLN B 585 -24.83 48.17 42.05
CA GLN B 585 -24.75 49.52 41.51
C GLN B 585 -23.59 50.33 42.08
N ALA B 586 -23.22 51.39 41.37
CA ALA B 586 -22.13 52.26 41.78
C ALA B 586 -22.11 53.53 40.95
N GLN B 587 -21.05 54.32 41.11
CA GLN B 587 -20.92 55.59 40.40
C GLN B 587 -19.48 56.12 40.45
N ASN B 588 -19.12 56.88 39.43
CA ASN B 588 -17.85 57.61 39.41
C ASN B 588 -17.82 58.61 38.26
N ASP B 589 -17.14 59.74 38.48
CA ASP B 589 -17.12 60.80 37.49
C ASP B 589 -16.19 60.48 36.32
N LEU B 590 -15.63 59.27 36.33
CA LEU B 590 -14.89 58.76 35.18
C LEU B 590 -15.87 58.49 34.05
N PHE B 591 -17.08 58.08 34.43
CA PHE B 591 -18.09 57.66 33.48
C PHE B 591 -19.17 58.72 33.32
N LYS B 592 -18.76 59.98 33.38
CA LYS B 592 -19.68 61.09 33.13
C LYS B 592 -19.16 61.92 31.97
N THR B 593 -20.07 62.45 31.17
CA THR B 593 -19.69 63.17 29.95
C THR B 593 -20.36 64.53 29.85
N ALA B 594 -19.84 65.36 28.94
CA ALA B 594 -20.45 66.65 28.64
C ALA B 594 -21.42 66.48 27.48
N SER B 595 -21.75 67.58 26.82
CA SER B 595 -22.60 67.54 25.64
C SER B 595 -21.90 66.70 24.57
N ASP B 596 -20.79 67.23 24.06
CA ASP B 596 -19.98 66.51 23.10
C ASP B 596 -18.79 65.85 23.80
N ASP B 597 -18.97 64.58 24.17
CA ASP B 597 -17.92 63.80 24.81
C ASP B 597 -18.37 62.35 24.95
N TRP B 598 -17.47 61.42 24.63
CA TRP B 598 -17.81 60.01 24.73
C TRP B 598 -16.83 59.26 25.63
N VAL B 599 -17.38 58.33 26.41
CA VAL B 599 -16.54 57.38 27.14
C VAL B 599 -16.64 56.05 26.45
N LEU B 600 -15.77 55.13 26.82
CA LEU B 600 -15.75 53.81 26.25
C LEU B 600 -14.93 52.89 27.15
N LEU B 601 -15.56 51.84 27.66
CA LEU B 601 -14.91 50.97 28.63
C LEU B 601 -14.22 49.76 28.00
N ASN B 602 -13.55 48.98 28.85
CA ASN B 602 -12.86 47.77 28.45
C ASN B 602 -11.99 47.94 27.19
N VAL B 603 -10.91 48.71 27.33
CA VAL B 603 -9.97 48.89 26.23
C VAL B 603 -9.28 47.58 25.90
N ASN B 604 -9.12 47.29 24.61
CA ASN B 604 -8.52 46.04 24.15
C ASN B 604 -9.22 44.81 24.73
N VAL B 605 -10.46 45.01 25.19
CA VAL B 605 -11.26 43.94 25.78
C VAL B 605 -10.43 43.00 26.64
N THR B 606 -9.60 43.58 27.52
CA THR B 606 -8.81 42.79 28.46
C THR B 606 -9.67 42.38 29.65
N GLY B 607 -10.95 42.73 29.59
CA GLY B 607 -11.87 42.42 30.67
C GLY B 607 -12.99 41.49 30.25
N TYR B 608 -13.03 40.31 30.86
CA TYR B 608 -14.04 39.33 30.52
C TYR B 608 -15.43 39.86 30.87
N PHE B 609 -15.88 40.86 30.13
CA PHE B 609 -17.22 41.41 30.31
C PHE B 609 -17.61 42.25 29.09
N GLN B 610 -18.91 42.48 28.95
CA GLN B 610 -19.41 43.28 27.83
C GLN B 610 -19.96 44.60 28.34
N VAL B 611 -19.67 45.68 27.62
CA VAL B 611 -20.11 47.00 28.02
C VAL B 611 -21.30 47.48 27.19
N ASN B 612 -22.31 48.00 27.88
CA ASN B 612 -23.43 48.67 27.24
C ASN B 612 -23.50 50.11 27.73
N TYR B 613 -23.83 51.04 26.84
CA TYR B 613 -23.94 52.44 27.21
C TYR B 613 -25.37 52.95 27.04
N ASP B 614 -25.60 54.19 27.44
CA ASP B 614 -26.87 54.84 27.20
C ASP B 614 -26.97 55.23 25.73
N GLU B 615 -28.19 55.41 25.24
CA GLU B 615 -28.44 55.56 23.82
C GLU B 615 -27.82 56.82 23.22
N ASP B 616 -27.15 57.61 24.06
CA ASP B 616 -26.52 58.83 23.58
C ASP B 616 -25.02 58.66 23.39
N ASN B 617 -24.39 57.95 24.33
CA ASN B 617 -22.96 57.71 24.22
C ASN B 617 -22.65 56.85 22.99
N TRP B 618 -23.43 55.80 22.80
CA TRP B 618 -23.33 55.00 21.59
C TRP B 618 -23.25 55.96 20.42
N ARG B 619 -24.30 56.77 20.26
CA ARG B 619 -24.41 57.69 19.13
C ARG B 619 -23.20 58.60 19.03
N MET B 620 -22.59 58.90 20.17
CA MET B 620 -21.39 59.74 20.18
C MET B 620 -20.19 58.94 19.70
N ILE B 621 -20.11 57.67 20.12
CA ILE B 621 -19.05 56.77 19.69
C ILE B 621 -19.18 56.50 18.20
N GLN B 622 -20.43 56.40 17.74
CA GLN B 622 -20.71 56.20 16.32
C GLN B 622 -20.16 57.36 15.51
N HIS B 623 -20.45 58.58 15.94
CA HIS B 623 -19.99 59.77 15.23
C HIS B 623 -18.47 59.87 15.23
N GLN B 624 -17.85 59.46 16.34
CA GLN B 624 -16.40 59.41 16.41
C GLN B 624 -15.89 58.44 15.37
N LEU B 625 -16.46 57.24 15.35
CA LEU B 625 -16.11 56.20 14.40
C LEU B 625 -16.28 56.66 12.96
N GLN B 626 -17.26 57.52 12.73
CA GLN B 626 -17.54 58.03 11.39
C GLN B 626 -16.41 58.93 10.88
N THR B 627 -16.04 59.92 11.69
CA THR B 627 -14.98 60.84 11.31
C THR B 627 -13.61 60.18 11.46
N ASN B 628 -12.83 60.66 12.42
CA ASN B 628 -11.52 60.10 12.69
C ASN B 628 -11.64 58.85 13.56
N LEU B 629 -11.72 57.68 12.93
CA LEU B 629 -11.90 56.43 13.64
C LEU B 629 -10.58 55.90 14.19
N SER B 630 -9.48 56.55 13.84
CA SER B 630 -8.17 56.13 14.32
C SER B 630 -8.05 56.33 15.82
N VAL B 631 -8.95 57.14 16.36
CA VAL B 631 -8.95 57.47 17.79
C VAL B 631 -9.21 56.26 18.67
N ILE B 632 -10.20 55.45 18.31
CA ILE B 632 -10.53 54.25 19.06
C ILE B 632 -9.66 53.09 18.60
N PRO B 633 -9.01 52.40 19.55
CA PRO B 633 -8.13 51.26 19.23
C PRO B 633 -8.88 50.17 18.46
N VAL B 634 -8.18 49.49 17.56
CA VAL B 634 -8.81 48.58 16.61
C VAL B 634 -9.59 47.43 17.26
N ILE B 635 -9.12 46.96 18.42
CA ILE B 635 -9.80 45.88 19.11
C ILE B 635 -11.13 46.34 19.70
N ASN B 636 -11.24 47.64 19.95
CA ASN B 636 -12.47 48.21 20.49
C ASN B 636 -13.47 48.49 19.37
N ARG B 637 -12.95 48.92 18.23
CA ARG B 637 -13.76 49.07 17.02
C ARG B 637 -14.46 47.75 16.76
N ALA B 638 -13.77 46.65 17.06
CA ALA B 638 -14.36 45.33 16.97
C ALA B 638 -15.39 45.19 18.08
N GLN B 639 -14.96 45.45 19.31
CA GLN B 639 -15.80 45.31 20.49
C GLN B 639 -17.17 45.97 20.34
N VAL B 640 -17.18 47.21 19.90
CA VAL B 640 -18.42 47.97 19.79
C VAL B 640 -19.43 47.24 18.90
N ILE B 641 -18.93 46.55 17.87
CA ILE B 641 -19.79 45.78 16.98
C ILE B 641 -20.21 44.46 17.61
N TYR B 642 -19.25 43.70 18.13
CA TYR B 642 -19.54 42.45 18.81
C TYR B 642 -20.58 42.62 19.92
N ASP B 643 -20.36 43.64 20.76
CA ASP B 643 -21.17 43.85 21.95
C ASP B 643 -22.60 44.28 21.64
N SER B 644 -22.75 45.30 20.79
CA SER B 644 -24.06 45.83 20.46
C SER B 644 -24.99 44.78 19.87
N PHE B 645 -24.44 43.86 19.09
CA PHE B 645 -25.22 42.77 18.51
C PHE B 645 -25.67 41.77 19.57
N ASN B 646 -24.74 41.37 20.44
CA ASN B 646 -25.09 40.49 21.55
C ASN B 646 -26.11 41.15 22.46
N LEU B 647 -25.98 42.46 22.63
CA LEU B 647 -26.94 43.23 23.40
C LEU B 647 -28.30 43.22 22.70
N ALA B 648 -28.28 43.49 21.40
CA ALA B 648 -29.49 43.47 20.59
C ALA B 648 -30.18 42.11 20.69
N THR B 649 -29.39 41.05 20.78
CA THR B 649 -29.94 39.71 20.93
C THR B 649 -30.65 39.58 22.26
N ALA B 650 -30.08 40.20 23.29
CA ALA B 650 -30.61 40.12 24.65
C ALA B 650 -31.72 41.15 24.90
N HIS B 651 -32.02 41.95 23.89
CA HIS B 651 -33.09 42.94 23.99
C HIS B 651 -32.71 44.14 24.85
N MET B 652 -31.40 44.31 25.10
CA MET B 652 -30.92 45.43 25.90
C MET B 652 -30.74 46.69 25.04
N VAL B 653 -30.63 46.49 23.74
CA VAL B 653 -30.62 47.59 22.79
C VAL B 653 -31.45 47.19 21.58
N PRO B 654 -31.98 48.18 20.84
CA PRO B 654 -32.75 47.87 19.64
C PRO B 654 -31.87 47.25 18.56
N VAL B 655 -32.42 46.30 17.81
CA VAL B 655 -31.69 45.62 16.75
C VAL B 655 -31.09 46.63 15.79
N THR B 656 -31.80 47.73 15.60
CA THR B 656 -31.36 48.79 14.70
C THR B 656 -30.07 49.44 15.20
N LEU B 657 -29.90 49.52 16.52
CA LEU B 657 -28.70 50.13 17.10
C LEU B 657 -27.42 49.40 16.70
N ALA B 658 -27.38 48.09 16.93
CA ALA B 658 -26.23 47.29 16.53
C ALA B 658 -25.92 47.53 15.06
N LEU B 659 -26.96 47.78 14.28
CA LEU B 659 -26.81 48.04 12.86
C LEU B 659 -26.04 49.34 12.57
N ASP B 660 -26.38 50.41 13.28
CA ASP B 660 -25.71 51.70 13.09
C ASP B 660 -24.23 51.61 13.45
N ASN B 661 -23.87 50.60 14.23
CA ASN B 661 -22.48 50.37 14.63
C ASN B 661 -21.65 49.74 13.52
N THR B 662 -22.24 49.65 12.34
CA THR B 662 -21.55 49.08 11.18
C THR B 662 -21.38 50.12 10.08
N LEU B 663 -22.04 51.26 10.26
CA LEU B 663 -22.02 52.33 9.26
C LEU B 663 -20.63 52.94 9.10
N PHE B 664 -19.78 52.74 10.10
CA PHE B 664 -18.44 53.33 10.09
C PHE B 664 -17.45 52.52 9.26
N LEU B 665 -17.91 51.37 8.75
CA LEU B 665 -17.05 50.42 8.06
C LEU B 665 -16.61 50.85 6.66
N ASN B 666 -17.29 51.83 6.08
CA ASN B 666 -16.90 52.33 4.76
C ASN B 666 -15.51 52.93 4.76
N GLY B 667 -15.01 53.27 5.94
CA GLY B 667 -13.67 53.82 6.08
C GLY B 667 -12.72 52.88 6.80
N GLU B 668 -13.23 51.69 7.13
CA GLU B 668 -12.45 50.70 7.85
C GLU B 668 -11.60 49.86 6.89
N LYS B 669 -10.36 49.58 7.27
CA LYS B 669 -9.46 48.81 6.42
C LYS B 669 -8.84 47.61 7.15
N GLU B 670 -9.24 47.41 8.41
CA GLU B 670 -8.58 46.40 9.23
C GLU B 670 -9.46 45.20 9.53
N TYR B 671 -8.82 44.03 9.56
CA TYR B 671 -9.52 42.74 9.67
C TYR B 671 -10.56 42.66 10.79
N MET B 672 -10.18 43.05 12.00
CA MET B 672 -10.97 42.73 13.18
C MET B 672 -12.36 43.38 13.26
N PRO B 673 -12.47 44.68 12.97
CA PRO B 673 -13.82 45.27 13.01
C PRO B 673 -14.73 44.64 11.97
N TRP B 674 -14.22 44.48 10.74
CA TRP B 674 -14.99 43.84 9.67
C TRP B 674 -15.39 42.42 10.05
N GLN B 675 -14.43 41.63 10.53
CA GLN B 675 -14.72 40.27 10.93
C GLN B 675 -15.84 40.23 11.96
N ALA B 676 -15.88 41.25 12.82
CA ALA B 676 -16.91 41.36 13.84
C ALA B 676 -18.27 41.54 13.20
N ALA B 677 -18.34 42.45 12.24
CA ALA B 677 -19.59 42.76 11.54
C ALA B 677 -20.13 41.52 10.83
N LEU B 678 -19.25 40.85 10.09
CA LEU B 678 -19.65 39.66 9.34
C LEU B 678 -20.22 38.58 10.26
N SER B 679 -19.42 38.13 11.22
CA SER B 679 -19.85 37.12 12.19
C SER B 679 -21.28 37.39 12.68
N SER B 680 -21.45 38.56 13.29
CA SER B 680 -22.74 38.91 13.88
C SER B 680 -23.82 39.14 12.83
N LEU B 681 -23.41 39.46 11.60
CA LEU B 681 -24.35 39.76 10.53
C LEU B 681 -24.86 38.52 9.80
N SER B 682 -24.08 37.45 9.82
CA SER B 682 -24.37 36.27 9.00
C SER B 682 -25.59 35.47 9.45
N TYR B 683 -26.10 35.75 10.64
CA TYR B 683 -27.36 35.15 11.06
C TYR B 683 -28.51 35.88 10.37
N PHE B 684 -28.33 37.18 10.14
CA PHE B 684 -29.27 37.95 9.35
C PHE B 684 -29.25 37.44 7.92
N SER B 685 -28.05 37.26 7.39
CA SER B 685 -27.85 36.81 6.01
C SER B 685 -28.17 35.34 5.86
N LEU B 686 -29.18 34.90 6.59
CA LEU B 686 -29.50 33.49 6.69
C LEU B 686 -30.97 33.37 7.06
N MET B 687 -31.48 34.37 7.76
CA MET B 687 -32.90 34.44 8.07
C MET B 687 -33.61 35.16 6.94
N PHE B 688 -32.94 36.15 6.38
CA PHE B 688 -33.54 37.03 5.40
C PHE B 688 -33.03 36.79 3.97
N ASP B 689 -32.18 35.78 3.78
CA ASP B 689 -31.52 35.63 2.48
C ASP B 689 -32.41 34.99 1.41
N ARG B 690 -33.61 34.58 1.80
CA ARG B 690 -34.61 34.13 0.85
C ARG B 690 -35.79 35.08 0.91
N SER B 691 -35.55 36.29 1.42
CA SER B 691 -36.62 37.19 1.77
C SER B 691 -36.54 38.57 1.11
N GLU B 692 -37.56 39.38 1.41
CA GLU B 692 -37.72 40.71 0.87
C GLU B 692 -36.59 41.65 1.30
N VAL B 693 -35.87 41.27 2.34
CA VAL B 693 -34.85 42.14 2.90
C VAL B 693 -33.45 41.85 2.34
N TYR B 694 -33.27 40.68 1.75
CA TYR B 694 -31.95 40.37 1.19
C TYR B 694 -31.57 41.36 0.11
N GLY B 695 -32.58 41.94 -0.53
CA GLY B 695 -32.37 42.93 -1.57
C GLY B 695 -31.50 44.08 -1.10
N PRO B 696 -32.05 44.94 -0.23
CA PRO B 696 -31.33 46.11 0.31
C PRO B 696 -30.10 45.71 1.12
N MET B 697 -30.23 44.67 1.93
CA MET B 697 -29.11 44.20 2.73
C MET B 697 -27.90 43.92 1.84
N LYS B 698 -28.11 43.15 0.77
CA LYS B 698 -27.06 42.85 -0.19
C LYS B 698 -26.51 44.13 -0.79
N LYS B 699 -27.40 45.11 -0.99
CA LYS B 699 -27.00 46.39 -1.55
C LYS B 699 -26.15 47.16 -0.55
N TYR B 700 -26.62 47.20 0.70
CA TYR B 700 -25.91 47.91 1.76
C TYR B 700 -24.48 47.41 1.91
N LEU B 701 -24.31 46.09 1.95
CA LEU B 701 -22.98 45.51 2.13
C LEU B 701 -22.06 45.78 0.95
N ARG B 702 -22.62 45.90 -0.24
CA ARG B 702 -21.83 46.25 -1.40
C ARG B 702 -21.29 47.67 -1.18
N LYS B 703 -22.15 48.53 -0.65
CA LYS B 703 -21.83 49.93 -0.41
C LYS B 703 -20.69 50.09 0.58
N GLN B 704 -20.73 49.29 1.64
CA GLN B 704 -19.72 49.37 2.69
C GLN B 704 -18.36 48.81 2.25
N VAL B 705 -18.39 47.83 1.36
CA VAL B 705 -17.18 47.12 0.99
C VAL B 705 -16.40 47.77 -0.15
N GLU B 706 -17.10 48.31 -1.13
CA GLU B 706 -16.45 48.82 -2.33
C GLU B 706 -15.15 49.59 -2.06
N PRO B 707 -15.17 50.54 -1.10
CA PRO B 707 -13.99 51.36 -0.85
C PRO B 707 -12.84 50.51 -0.30
N LEU B 708 -13.18 49.48 0.46
CA LEU B 708 -12.19 48.55 0.96
C LEU B 708 -11.65 47.71 -0.20
N PHE B 709 -12.54 47.22 -1.05
CA PHE B 709 -12.14 46.48 -2.23
C PHE B 709 -11.23 47.34 -3.10
N GLN B 710 -11.61 48.61 -3.24
CA GLN B 710 -10.82 49.57 -4.00
C GLN B 710 -9.43 49.73 -3.40
N HIS B 711 -9.39 49.92 -2.08
CA HIS B 711 -8.13 50.08 -1.38
C HIS B 711 -7.19 48.93 -1.67
N PHE B 712 -7.68 47.71 -1.49
CA PHE B 712 -6.87 46.53 -1.71
C PHE B 712 -6.48 46.36 -3.18
N GLU B 713 -7.42 46.66 -4.08
CA GLU B 713 -7.14 46.63 -5.51
C GLU B 713 -5.92 47.48 -5.84
N THR B 714 -5.77 48.60 -5.13
CA THR B 714 -4.68 49.53 -5.38
C THR B 714 -3.42 49.13 -4.61
N LEU B 715 -3.60 48.90 -3.31
CA LEU B 715 -2.50 48.51 -2.44
C LEU B 715 -1.83 47.24 -2.96
N THR B 716 -2.63 46.37 -3.57
CA THR B 716 -2.15 45.07 -4.01
C THR B 716 -1.77 45.04 -5.49
N LYS B 717 -1.85 46.20 -6.14
CA LYS B 717 -1.50 46.33 -7.56
C LYS B 717 -2.34 45.46 -8.48
N ASN B 718 -3.66 45.61 -8.38
CA ASN B 718 -4.58 44.82 -9.18
C ASN B 718 -4.49 43.33 -8.88
N TRP B 719 -4.15 43.02 -7.62
CA TRP B 719 -4.18 41.66 -7.10
C TRP B 719 -2.99 40.84 -7.57
N THR B 720 -1.81 41.45 -7.49
CA THR B 720 -0.57 40.83 -7.96
C THR B 720 0.52 40.79 -6.90
N GLU B 721 0.22 41.35 -5.73
CA GLU B 721 1.03 41.14 -4.53
C GLU B 721 0.13 41.17 -3.31
N ARG B 722 0.09 40.08 -2.56
CA ARG B 722 -0.61 40.10 -1.30
C ARG B 722 0.03 41.15 -0.37
N PRO B 723 -0.77 41.75 0.52
CA PRO B 723 -0.16 42.51 1.61
C PRO B 723 0.74 41.62 2.47
N GLU B 724 1.52 42.22 3.36
CA GLU B 724 2.54 41.50 4.12
C GLU B 724 2.05 41.15 5.52
N ASN B 725 1.49 42.14 6.21
CA ASN B 725 0.94 41.94 7.54
C ASN B 725 -0.17 40.88 7.55
N LEU B 726 0.02 39.84 8.34
CA LEU B 726 -0.96 38.76 8.44
C LEU B 726 -2.39 39.28 8.50
N MET B 727 -2.63 40.20 9.43
CA MET B 727 -3.98 40.73 9.63
C MET B 727 -4.47 41.52 8.42
N ASP B 728 -3.54 42.12 7.67
CA ASP B 728 -3.89 42.81 6.44
C ASP B 728 -4.27 41.80 5.37
N GLN B 729 -3.53 40.70 5.29
CA GLN B 729 -3.88 39.61 4.40
C GLN B 729 -5.26 39.08 4.75
N TYR B 730 -5.47 38.80 6.03
CA TYR B 730 -6.76 38.36 6.52
C TYR B 730 -7.88 39.32 6.08
N SER B 731 -7.55 40.60 5.97
CA SER B 731 -8.55 41.60 5.58
C SER B 731 -8.87 41.51 4.10
N GLU B 732 -7.83 41.40 3.27
CA GLU B 732 -8.03 41.24 1.84
C GLU B 732 -8.91 40.02 1.55
N ILE B 733 -8.66 38.93 2.26
CA ILE B 733 -9.48 37.73 2.14
C ILE B 733 -10.95 38.07 2.31
N ASN B 734 -11.29 38.66 3.45
CA ASN B 734 -12.68 39.02 3.74
C ASN B 734 -13.19 40.15 2.84
N ALA B 735 -12.29 41.05 2.47
CA ALA B 735 -12.63 42.13 1.56
C ALA B 735 -13.24 41.55 0.29
N ILE B 736 -12.46 40.72 -0.41
CA ILE B 736 -12.93 40.04 -1.62
C ILE B 736 -14.17 39.19 -1.36
N SER B 737 -14.03 38.17 -0.51
CA SER B 737 -15.13 37.27 -0.19
C SER B 737 -16.46 38.01 -0.06
N THR B 738 -16.44 39.13 0.67
CA THR B 738 -17.66 39.90 0.89
C THR B 738 -18.07 40.62 -0.40
N ALA B 739 -17.11 41.23 -1.07
CA ALA B 739 -17.39 41.95 -2.31
C ALA B 739 -18.05 41.04 -3.35
N CYS B 740 -17.56 39.80 -3.44
CA CYS B 740 -18.11 38.85 -4.40
C CYS B 740 -19.48 38.35 -4.00
N SER B 741 -19.58 37.81 -2.80
CA SER B 741 -20.84 37.23 -2.33
C SER B 741 -21.97 38.27 -2.25
N ASN B 742 -21.63 39.54 -2.44
CA ASN B 742 -22.64 40.59 -2.43
C ASN B 742 -22.82 41.27 -3.78
N GLY B 743 -22.16 40.73 -4.80
CA GLY B 743 -22.42 41.15 -6.17
C GLY B 743 -21.70 42.40 -6.61
N LEU B 744 -20.45 42.55 -6.19
CA LEU B 744 -19.65 43.67 -6.65
C LEU B 744 -18.96 43.29 -7.97
N PRO B 745 -19.33 43.99 -9.06
CA PRO B 745 -18.85 43.73 -10.42
C PRO B 745 -17.37 43.35 -10.52
N GLN B 746 -16.48 44.29 -10.22
CA GLN B 746 -15.05 44.07 -10.40
C GLN B 746 -14.58 42.82 -9.68
N CYS B 747 -15.23 42.49 -8.56
CA CYS B 747 -14.88 41.29 -7.82
C CYS B 747 -15.26 40.05 -8.64
N GLU B 748 -16.53 39.98 -9.03
CA GLU B 748 -17.00 38.92 -9.92
C GLU B 748 -16.10 38.85 -11.14
N ASN B 749 -15.77 40.02 -11.68
CA ASN B 749 -14.81 40.13 -12.76
C ASN B 749 -13.51 39.40 -12.41
N LEU B 750 -12.82 39.89 -11.37
CA LEU B 750 -11.59 39.28 -10.91
C LEU B 750 -11.68 37.76 -10.82
N ALA B 751 -12.71 37.28 -10.13
CA ALA B 751 -12.88 35.84 -9.91
C ALA B 751 -12.97 35.09 -11.24
N LYS B 752 -13.80 35.59 -12.15
CA LYS B 752 -13.96 34.96 -13.45
C LYS B 752 -12.64 34.98 -14.21
N THR B 753 -12.11 36.18 -14.46
CA THR B 753 -10.87 36.35 -15.19
C THR B 753 -9.78 35.38 -14.70
N LEU B 754 -9.65 35.26 -13.38
CA LEU B 754 -8.66 34.38 -12.79
C LEU B 754 -8.94 32.91 -13.10
N PHE B 755 -10.19 32.51 -12.91
CA PHE B 755 -10.57 31.12 -13.15
C PHE B 755 -10.36 30.76 -14.63
N ASP B 756 -10.82 31.64 -15.51
CA ASP B 756 -10.59 31.49 -16.94
C ASP B 756 -9.12 31.21 -17.20
N GLN B 757 -8.27 32.09 -16.67
CA GLN B 757 -6.83 31.94 -16.81
C GLN B 757 -6.39 30.55 -16.37
N TRP B 758 -7.01 30.03 -15.32
CA TRP B 758 -6.64 28.72 -14.80
C TRP B 758 -6.98 27.58 -15.76
N MET B 759 -8.21 27.55 -16.27
CA MET B 759 -8.59 26.51 -17.22
C MET B 759 -7.85 26.71 -18.55
N SER B 760 -7.49 27.95 -18.84
CA SER B 760 -6.71 28.25 -20.04
C SER B 760 -5.37 27.56 -19.97
N ASP B 761 -4.97 27.18 -18.77
CA ASP B 761 -3.72 26.45 -18.54
C ASP B 761 -3.70 25.82 -17.15
N PRO B 762 -4.36 24.67 -17.01
CA PRO B 762 -4.40 23.97 -15.71
C PRO B 762 -2.99 23.59 -15.28
N GLU B 763 -2.87 22.68 -14.33
CA GLU B 763 -1.57 22.24 -13.83
C GLU B 763 -0.60 23.41 -13.52
N ASN B 764 -1.05 24.62 -13.82
CA ASN B 764 -0.34 25.84 -13.44
C ASN B 764 -1.32 26.85 -12.89
N ASN B 765 -1.65 26.70 -11.61
CA ASN B 765 -2.68 27.52 -10.97
C ASN B 765 -2.18 28.93 -10.69
N PRO B 766 -2.88 29.94 -11.24
CA PRO B 766 -2.50 31.34 -11.11
C PRO B 766 -3.08 32.00 -9.87
N ILE B 767 -3.99 31.31 -9.19
CA ILE B 767 -4.70 31.88 -8.04
C ILE B 767 -3.97 31.63 -6.72
N HIS B 768 -3.67 32.71 -6.00
CA HIS B 768 -2.98 32.62 -4.72
C HIS B 768 -3.85 31.90 -3.70
N PRO B 769 -3.27 30.92 -2.97
CA PRO B 769 -4.01 30.07 -2.03
C PRO B 769 -4.90 30.87 -1.10
N ASN B 770 -4.48 32.09 -0.77
CA ASN B 770 -5.28 32.99 0.04
C ASN B 770 -6.66 33.24 -0.55
N LEU B 771 -6.71 33.33 -1.88
CA LEU B 771 -7.92 33.75 -2.58
C LEU B 771 -8.73 32.59 -3.15
N ARG B 772 -8.12 31.42 -3.23
CA ARG B 772 -8.74 30.28 -3.90
C ARG B 772 -10.17 30.00 -3.45
N SER B 773 -10.40 29.96 -2.14
CA SER B 773 -11.72 29.66 -1.62
C SER B 773 -12.79 30.55 -2.25
N THR B 774 -12.55 31.87 -2.24
CA THR B 774 -13.51 32.83 -2.77
C THR B 774 -13.60 32.84 -4.29
N ILE B 775 -12.45 32.81 -4.96
CA ILE B 775 -12.42 32.80 -6.42
C ILE B 775 -13.18 31.61 -7.01
N TYR B 776 -12.85 30.41 -6.53
CA TYR B 776 -13.57 29.20 -6.93
C TYR B 776 -15.07 29.37 -6.70
N CYS B 777 -15.44 29.58 -5.44
CA CYS B 777 -16.84 29.62 -5.04
C CYS B 777 -17.60 30.81 -5.63
N ASN B 778 -17.07 31.35 -6.73
CA ASN B 778 -17.71 32.45 -7.41
C ASN B 778 -17.67 32.24 -8.91
N ALA B 779 -16.49 31.93 -9.42
CA ALA B 779 -16.31 31.57 -10.81
C ALA B 779 -17.32 30.48 -11.19
N ILE B 780 -17.43 29.47 -10.33
CA ILE B 780 -18.36 28.38 -10.55
C ILE B 780 -19.81 28.87 -10.50
N ALA B 781 -20.10 29.75 -9.56
CA ALA B 781 -21.44 30.31 -9.44
C ALA B 781 -21.75 31.20 -10.63
N GLN B 782 -20.71 31.80 -11.19
CA GLN B 782 -20.85 32.77 -12.25
C GLN B 782 -20.83 32.10 -13.64
N GLY B 783 -20.69 30.79 -13.67
CA GLY B 783 -20.57 30.07 -14.92
C GLY B 783 -21.43 28.82 -14.99
N GLY B 784 -21.13 27.97 -15.98
CA GLY B 784 -21.93 26.78 -16.22
C GLY B 784 -21.19 25.50 -15.92
N GLN B 785 -21.41 24.48 -16.74
CA GLN B 785 -20.81 23.17 -16.51
C GLN B 785 -19.35 23.12 -16.93
N ASP B 786 -18.99 23.99 -17.87
CA ASP B 786 -17.60 24.06 -18.33
C ASP B 786 -16.67 24.15 -17.11
N GLN B 787 -16.97 25.11 -16.24
CA GLN B 787 -16.18 25.37 -15.04
C GLN B 787 -16.41 24.29 -13.98
N TRP B 788 -17.68 23.98 -13.71
CA TRP B 788 -18.01 22.96 -12.73
C TRP B 788 -17.30 21.64 -13.05
N ASP B 789 -17.52 21.13 -14.26
CA ASP B 789 -16.89 19.89 -14.70
C ASP B 789 -15.38 19.97 -14.57
N PHE B 790 -14.82 21.15 -14.84
CA PHE B 790 -13.39 21.37 -14.68
C PHE B 790 -12.97 21.23 -13.23
N ALA B 791 -13.60 22.01 -12.37
CA ALA B 791 -13.33 21.95 -10.94
C ALA B 791 -13.44 20.52 -10.44
N TRP B 792 -14.48 19.82 -10.89
CA TRP B 792 -14.70 18.43 -10.51
C TRP B 792 -13.52 17.56 -10.94
N GLY B 793 -12.93 17.91 -12.09
CA GLY B 793 -11.76 17.20 -12.56
C GLY B 793 -10.59 17.46 -11.67
N GLN B 794 -10.33 18.74 -11.39
CA GLN B 794 -9.24 19.12 -10.50
C GLN B 794 -9.40 18.49 -9.13
N LEU B 795 -10.65 18.40 -8.67
CA LEU B 795 -10.94 17.81 -7.37
C LEU B 795 -10.44 16.38 -7.30
N GLN B 796 -10.88 15.55 -8.25
CA GLN B 796 -10.52 14.15 -8.27
C GLN B 796 -9.01 13.94 -8.47
N GLN B 797 -8.36 14.88 -9.15
CA GLN B 797 -6.93 14.83 -9.36
C GLN B 797 -6.17 15.26 -8.12
N ALA B 798 -6.78 16.16 -7.34
CA ALA B 798 -6.14 16.74 -6.16
C ALA B 798 -5.77 15.68 -5.13
N GLN B 799 -4.57 15.79 -4.57
CA GLN B 799 -4.09 14.85 -3.57
C GLN B 799 -3.75 15.52 -2.24
N LEU B 800 -3.86 16.86 -2.22
CA LEU B 800 -3.65 17.62 -1.00
C LEU B 800 -5.00 18.03 -0.41
N VAL B 801 -5.19 17.74 0.87
CA VAL B 801 -6.49 17.89 1.50
C VAL B 801 -7.01 19.32 1.50
N ASN B 802 -6.11 20.29 1.59
CA ASN B 802 -6.51 21.69 1.58
C ASN B 802 -7.33 21.99 0.33
N GLU B 803 -6.68 21.89 -0.83
CA GLU B 803 -7.33 22.16 -2.10
C GLU B 803 -8.66 21.41 -2.20
N ALA B 804 -8.58 20.08 -2.16
CA ALA B 804 -9.75 19.23 -2.17
C ALA B 804 -10.92 19.86 -1.45
N ASP B 805 -10.65 20.33 -0.23
CA ASP B 805 -11.68 20.94 0.61
C ASP B 805 -12.22 22.25 0.03
N LYS B 806 -11.34 23.04 -0.58
CA LYS B 806 -11.75 24.30 -1.19
C LYS B 806 -12.62 24.06 -2.42
N LEU B 807 -12.17 23.15 -3.28
CA LEU B 807 -12.94 22.77 -4.46
C LEU B 807 -14.29 22.22 -4.05
N ARG B 808 -14.26 21.15 -3.27
CA ARG B 808 -15.47 20.46 -2.84
C ARG B 808 -16.56 21.43 -2.38
N SER B 809 -16.16 22.50 -1.70
CA SER B 809 -17.12 23.49 -1.24
C SER B 809 -17.54 24.41 -2.39
N ALA B 810 -16.58 24.81 -3.21
CA ALA B 810 -16.84 25.69 -4.35
C ALA B 810 -17.87 25.05 -5.28
N LEU B 811 -17.73 23.76 -5.51
CA LEU B 811 -18.63 23.01 -6.37
C LEU B 811 -20.09 23.21 -5.96
N ALA B 812 -20.33 23.50 -4.69
CA ALA B 812 -21.68 23.65 -4.17
C ALA B 812 -22.26 25.04 -4.40
N CYS B 813 -21.51 25.89 -5.10
CA CYS B 813 -21.93 27.27 -5.31
C CYS B 813 -22.60 27.53 -6.65
N SER B 814 -22.60 26.54 -7.55
CA SER B 814 -23.23 26.70 -8.84
C SER B 814 -24.70 27.07 -8.66
N ASN B 815 -25.17 28.04 -9.45
CA ASN B 815 -26.57 28.44 -9.39
C ASN B 815 -27.44 27.61 -10.34
N GLU B 816 -26.84 26.59 -10.93
CA GLU B 816 -27.56 25.68 -11.80
C GLU B 816 -28.17 24.56 -10.97
N VAL B 817 -29.51 24.55 -10.90
CA VAL B 817 -30.22 23.56 -10.11
C VAL B 817 -29.78 22.14 -10.44
N TRP B 818 -29.77 21.82 -11.73
CA TRP B 818 -29.45 20.47 -12.16
C TRP B 818 -28.05 20.03 -11.74
N LEU B 819 -27.11 20.96 -11.76
CA LEU B 819 -25.74 20.66 -11.33
C LEU B 819 -25.67 20.35 -9.83
N LEU B 820 -26.48 21.05 -9.04
CA LEU B 820 -26.54 20.78 -7.61
C LEU B 820 -27.11 19.40 -7.32
N ASN B 821 -28.29 19.12 -7.85
CA ASN B 821 -28.92 17.81 -7.70
C ASN B 821 -28.01 16.66 -8.14
N ARG B 822 -27.22 16.91 -9.19
CA ARG B 822 -26.28 15.93 -9.68
C ARG B 822 -25.19 15.74 -8.63
N TYR B 823 -24.73 16.85 -8.08
CA TYR B 823 -23.73 16.86 -7.03
C TYR B 823 -24.24 16.14 -5.77
N LEU B 824 -25.52 16.36 -5.46
CA LEU B 824 -26.16 15.66 -4.35
C LEU B 824 -26.11 14.15 -4.55
N GLY B 825 -26.23 13.73 -5.81
CA GLY B 825 -26.17 12.32 -6.14
C GLY B 825 -24.80 11.76 -5.84
N TYR B 826 -23.78 12.40 -6.41
CA TYR B 826 -22.39 12.01 -6.18
C TYR B 826 -22.09 11.86 -4.69
N THR B 827 -22.79 12.64 -3.89
CA THR B 827 -22.55 12.70 -2.45
C THR B 827 -22.62 11.35 -1.75
N LEU B 828 -23.46 10.44 -2.24
CA LEU B 828 -23.64 9.14 -1.60
C LEU B 828 -22.79 8.04 -2.21
N ASN B 829 -21.87 8.42 -3.09
CA ASN B 829 -21.03 7.46 -3.79
C ASN B 829 -19.58 7.52 -3.31
N PRO B 830 -19.23 6.65 -2.34
CA PRO B 830 -17.90 6.62 -1.72
C PRO B 830 -16.77 6.49 -2.74
N ASP B 831 -17.11 6.07 -3.95
CA ASP B 831 -16.14 6.01 -5.04
C ASP B 831 -15.70 7.41 -5.45
N LEU B 832 -16.60 8.39 -5.33
CA LEU B 832 -16.27 9.75 -5.75
C LEU B 832 -16.09 10.70 -4.58
N ILE B 833 -17.02 10.68 -3.62
CA ILE B 833 -16.81 11.47 -2.41
C ILE B 833 -16.73 10.62 -1.15
N ARG B 834 -15.80 11.00 -0.28
CA ARG B 834 -15.54 10.27 0.94
C ARG B 834 -16.65 10.37 1.95
N LYS B 835 -17.09 9.23 2.47
CA LYS B 835 -18.24 9.23 3.37
C LYS B 835 -18.06 10.21 4.53
N GLN B 836 -16.82 10.39 4.97
CA GLN B 836 -16.52 11.35 6.04
C GLN B 836 -16.86 12.77 5.60
N ASP B 837 -16.63 13.07 4.32
CA ASP B 837 -16.82 14.42 3.81
C ASP B 837 -18.18 14.57 3.15
N ALA B 838 -18.97 13.51 3.23
CA ALA B 838 -20.29 13.48 2.60
C ALA B 838 -21.24 14.48 3.25
N THR B 839 -21.42 14.34 4.57
CA THR B 839 -22.30 15.23 5.32
C THR B 839 -21.86 16.69 5.17
N SER B 840 -20.54 16.89 5.18
CA SER B 840 -19.98 18.21 4.97
C SER B 840 -20.45 18.77 3.62
N THR B 841 -20.30 17.97 2.58
CA THR B 841 -20.66 18.37 1.22
C THR B 841 -22.15 18.68 1.11
N ILE B 842 -22.98 17.78 1.60
CA ILE B 842 -24.43 17.94 1.49
C ILE B 842 -24.93 19.30 1.98
N ASN B 843 -24.71 19.62 3.25
CA ASN B 843 -25.21 20.88 3.78
C ASN B 843 -24.35 22.06 3.37
N SER B 844 -23.23 21.77 2.72
CA SER B 844 -22.46 22.82 2.05
C SER B 844 -23.24 23.20 0.79
N ILE B 845 -24.04 22.25 0.29
CA ILE B 845 -24.94 22.52 -0.81
C ILE B 845 -26.17 23.25 -0.30
N ALA B 846 -26.58 22.93 0.92
CA ALA B 846 -27.73 23.56 1.54
C ALA B 846 -27.45 25.04 1.86
N SER B 847 -26.17 25.36 2.01
CA SER B 847 -25.77 26.75 2.22
C SER B 847 -26.19 27.59 1.03
N ASN B 848 -26.06 27.00 -0.16
CA ASN B 848 -26.55 27.64 -1.37
C ASN B 848 -28.05 27.83 -1.30
N VAL B 849 -28.49 29.08 -1.35
CA VAL B 849 -29.91 29.39 -1.21
C VAL B 849 -30.72 28.60 -2.26
N ILE B 850 -30.12 28.36 -3.42
CA ILE B 850 -30.75 27.58 -4.47
C ILE B 850 -30.70 26.10 -4.14
N GLY B 851 -29.62 25.68 -3.49
CA GLY B 851 -29.45 24.30 -3.09
C GLY B 851 -30.11 23.97 -1.77
N GLN B 852 -30.83 24.93 -1.20
CA GLN B 852 -31.52 24.71 0.07
C GLN B 852 -32.62 23.65 -0.01
N PRO B 853 -33.61 23.85 -0.90
CA PRO B 853 -34.71 22.89 -0.93
C PRO B 853 -34.23 21.57 -1.53
N LEU B 854 -33.27 21.67 -2.44
CA LEU B 854 -32.65 20.49 -3.04
C LEU B 854 -32.13 19.57 -1.95
N ALA B 855 -31.21 20.09 -1.14
CA ALA B 855 -30.61 19.32 -0.06
C ALA B 855 -31.64 18.84 0.97
N TRP B 856 -32.60 19.69 1.30
CA TRP B 856 -33.64 19.32 2.25
C TRP B 856 -34.44 18.11 1.76
N ASP B 857 -34.92 18.19 0.52
CA ASP B 857 -35.66 17.07 -0.07
C ASP B 857 -34.77 15.83 -0.14
N PHE B 858 -33.56 16.00 -0.67
CA PHE B 858 -32.59 14.92 -0.76
C PHE B 858 -32.43 14.22 0.60
N VAL B 859 -31.95 14.96 1.58
CA VAL B 859 -31.77 14.44 2.94
C VAL B 859 -32.99 13.65 3.43
N GLN B 860 -34.18 14.24 3.34
CA GLN B 860 -35.36 13.60 3.91
C GLN B 860 -35.96 12.54 2.98
N SER B 861 -35.41 12.44 1.78
CA SER B 861 -35.81 11.39 0.85
C SER B 861 -34.92 10.17 1.02
N ASN B 862 -33.61 10.42 1.16
CA ASN B 862 -32.62 9.36 1.27
C ASN B 862 -32.34 8.93 2.71
N TRP B 863 -33.17 9.37 3.64
CA TRP B 863 -32.96 9.10 5.07
C TRP B 863 -32.83 7.61 5.37
N LYS B 864 -33.81 6.83 4.90
CA LYS B 864 -33.79 5.39 5.07
C LYS B 864 -32.43 4.82 4.67
N LYS B 865 -32.26 4.63 3.37
CA LYS B 865 -30.97 4.20 2.80
C LYS B 865 -29.81 4.59 3.69
N LEU B 866 -29.77 5.84 4.10
CA LEU B 866 -28.69 6.37 4.94
C LEU B 866 -28.48 5.51 6.19
N PHE B 867 -29.25 5.82 7.23
CA PHE B 867 -29.26 5.03 8.46
C PHE B 867 -29.05 3.54 8.15
N GLN B 868 -30.02 2.98 7.42
CA GLN B 868 -30.07 1.55 7.09
C GLN B 868 -28.74 1.01 6.56
N ASP B 869 -27.89 1.90 6.06
CA ASP B 869 -26.57 1.51 5.59
C ASP B 869 -25.50 2.30 6.35
N TYR B 870 -25.23 3.52 5.88
CA TYR B 870 -24.23 4.39 6.50
C TYR B 870 -24.49 4.74 7.97
N GLY B 871 -25.43 4.04 8.61
CA GLY B 871 -25.82 4.33 9.98
C GLY B 871 -24.94 3.67 11.03
N SER B 874 -19.64 5.80 12.69
CA SER B 874 -19.60 7.26 12.80
C SER B 874 -19.95 7.93 11.48
N PHE B 875 -21.08 8.64 11.47
CA PHE B 875 -21.55 9.31 10.25
C PHE B 875 -21.85 10.79 10.52
N SER B 876 -22.01 11.15 11.79
CA SER B 876 -22.30 12.53 12.15
C SER B 876 -23.72 12.89 11.70
N PHE B 877 -24.61 11.91 11.77
CA PHE B 877 -26.02 12.08 11.41
C PHE B 877 -26.63 13.38 11.93
N SER B 878 -25.95 14.02 12.87
CA SER B 878 -26.50 15.20 13.53
C SER B 878 -25.94 16.51 12.97
N ASN B 879 -24.67 16.50 12.59
CA ASN B 879 -24.08 17.68 11.97
C ASN B 879 -24.77 17.97 10.64
N LEU B 880 -25.45 16.96 10.12
CA LEU B 880 -26.20 17.09 8.87
C LEU B 880 -27.52 17.82 9.11
N ILE B 881 -28.42 17.14 9.82
CA ILE B 881 -29.76 17.66 10.08
C ILE B 881 -29.75 19.09 10.64
N GLN B 882 -28.74 19.42 11.43
CA GLN B 882 -28.59 20.78 11.91
C GLN B 882 -28.35 21.75 10.76
N GLY B 883 -27.29 21.47 9.99
CA GLY B 883 -26.86 22.34 8.91
C GLY B 883 -27.84 22.45 7.76
N VAL B 884 -28.78 21.52 7.67
CA VAL B 884 -29.79 21.55 6.63
C VAL B 884 -30.99 22.38 7.05
N THR B 885 -31.50 22.09 8.25
CA THR B 885 -32.64 22.82 8.82
C THR B 885 -32.20 24.15 9.43
N ARG B 886 -30.94 24.49 9.22
CA ARG B 886 -30.35 25.68 9.81
C ARG B 886 -31.11 26.97 9.47
N ARG B 887 -31.86 26.93 8.38
CA ARG B 887 -32.54 28.12 7.88
C ARG B 887 -34.00 28.22 8.32
N PHE B 888 -34.59 27.08 8.67
CA PHE B 888 -36.01 27.03 9.00
C PHE B 888 -36.42 28.15 9.95
N SER B 889 -37.32 29.02 9.50
CA SER B 889 -37.74 30.17 10.28
C SER B 889 -39.16 30.61 9.94
N SER B 890 -39.97 29.66 9.47
CA SER B 890 -41.36 29.92 9.15
C SER B 890 -42.23 28.82 9.73
N GLU B 891 -43.44 29.19 10.13
CA GLU B 891 -44.36 28.20 10.69
C GLU B 891 -44.48 26.99 9.79
N PHE B 892 -44.44 27.22 8.48
CA PHE B 892 -44.55 26.14 7.50
C PHE B 892 -43.34 25.21 7.52
N GLU B 893 -42.15 25.79 7.51
CA GLU B 893 -40.92 25.01 7.56
C GLU B 893 -40.86 24.16 8.82
N LEU B 894 -41.53 24.63 9.87
CA LEU B 894 -41.62 23.86 11.10
C LEU B 894 -42.51 22.64 10.89
N GLN B 895 -43.64 22.83 10.21
CA GLN B 895 -44.54 21.73 9.87
C GLN B 895 -43.79 20.64 9.13
N GLN B 896 -43.00 21.04 8.14
CA GLN B 896 -42.19 20.07 7.39
C GLN B 896 -41.23 19.33 8.33
N LEU B 897 -40.50 20.08 9.14
CA LEU B 897 -39.56 19.48 10.08
C LEU B 897 -40.30 18.55 11.05
N GLU B 898 -41.41 19.02 11.59
CA GLU B 898 -42.22 18.21 12.49
C GLU B 898 -42.61 16.91 11.81
N GLN B 899 -42.85 16.98 10.51
CA GLN B 899 -43.26 15.80 9.74
C GLN B 899 -42.12 14.80 9.61
N PHE B 900 -41.03 15.26 9.02
CA PHE B 900 -39.83 14.44 8.85
C PHE B 900 -39.56 13.62 10.10
N LYS B 901 -39.78 14.22 11.26
CA LYS B 901 -39.68 13.51 12.52
C LYS B 901 -40.68 12.36 12.55
N LYS B 902 -41.96 12.68 12.33
CA LYS B 902 -43.04 11.69 12.42
C LYS B 902 -42.87 10.60 11.36
N ASN B 903 -42.53 10.99 10.14
CA ASN B 903 -42.35 10.04 9.05
C ASN B 903 -41.27 9.02 9.36
N ASN B 904 -40.06 9.50 9.61
CA ASN B 904 -38.95 8.62 9.95
C ASN B 904 -38.83 8.44 11.46
N MET B 905 -39.92 8.01 12.08
CA MET B 905 -39.99 7.82 13.51
C MET B 905 -39.76 6.36 13.88
N ASP B 906 -40.50 5.48 13.22
CA ASP B 906 -40.39 4.04 13.45
C ASP B 906 -38.96 3.55 13.28
N VAL B 907 -38.17 4.32 12.53
CA VAL B 907 -36.74 4.11 12.46
C VAL B 907 -36.05 5.34 13.01
N GLY B 908 -35.90 5.39 14.33
CA GLY B 908 -35.38 6.56 15.03
C GLY B 908 -34.13 7.17 14.42
N PHE B 909 -33.51 8.09 15.13
CA PHE B 909 -32.35 8.79 14.60
C PHE B 909 -31.09 8.52 15.39
N GLY B 910 -31.22 8.43 16.71
CA GLY B 910 -30.08 8.25 17.58
C GLY B 910 -28.94 9.15 17.14
N SER B 911 -27.72 8.82 17.57
CA SER B 911 -26.52 9.58 17.16
C SER B 911 -26.74 11.09 17.05
N GLY B 912 -28.00 11.52 17.08
CA GLY B 912 -28.34 12.92 17.00
C GLY B 912 -29.64 13.24 17.72
N THR B 913 -30.70 12.50 17.39
CA THR B 913 -32.05 12.75 17.91
C THR B 913 -32.23 14.08 18.65
N ARG B 914 -31.44 14.30 19.69
CA ARG B 914 -31.45 15.58 20.38
C ARG B 914 -30.96 16.66 19.42
N ALA B 915 -30.45 16.23 18.27
CA ALA B 915 -30.03 17.14 17.22
C ALA B 915 -31.24 17.52 16.36
N LEU B 916 -32.17 16.58 16.23
CA LEU B 916 -33.43 16.83 15.54
C LEU B 916 -34.37 17.62 16.41
N GLU B 917 -34.55 17.17 17.65
CA GLU B 917 -35.39 17.86 18.62
C GLU B 917 -34.88 19.27 18.86
N GLN B 918 -33.56 19.42 18.90
CA GLN B 918 -32.93 20.73 19.11
C GLN B 918 -32.96 21.59 17.85
N ALA B 919 -33.02 20.95 16.69
CA ALA B 919 -33.24 21.67 15.45
C ALA B 919 -34.64 22.24 15.44
N LEU B 920 -35.59 21.44 15.94
CA LEU B 920 -36.97 21.90 16.12
C LEU B 920 -37.03 23.07 17.08
N GLU B 921 -36.11 23.12 18.02
CA GLU B 921 -36.02 24.23 18.95
C GLU B 921 -35.59 25.51 18.24
N LYS B 922 -34.41 25.46 17.62
CA LYS B 922 -33.83 26.63 16.97
C LYS B 922 -34.77 27.28 15.96
N THR B 923 -35.78 26.53 15.53
CA THR B 923 -36.76 27.04 14.58
C THR B 923 -37.75 27.98 15.27
N LYS B 924 -38.37 27.50 16.35
CA LYS B 924 -39.21 28.33 17.20
C LYS B 924 -38.55 29.67 17.40
N ALA B 925 -37.34 29.64 17.95
CA ALA B 925 -36.53 30.83 18.16
C ALA B 925 -36.50 31.70 16.90
N ASN B 926 -36.17 31.08 15.78
CA ASN B 926 -36.10 31.77 14.51
C ASN B 926 -37.44 32.38 14.10
N ILE B 927 -38.49 31.58 14.14
CA ILE B 927 -39.83 32.05 13.80
C ILE B 927 -40.16 33.32 14.57
N LYS B 928 -39.90 33.30 15.87
CA LYS B 928 -40.17 34.44 16.75
C LYS B 928 -39.30 35.64 16.41
N TRP B 929 -37.99 35.40 16.30
CA TRP B 929 -37.04 36.48 16.00
C TRP B 929 -37.36 37.19 14.69
N VAL B 930 -37.89 36.44 13.73
CA VAL B 930 -38.20 37.01 12.42
C VAL B 930 -39.46 37.87 12.47
N LYS B 931 -40.52 37.34 13.06
CA LYS B 931 -41.78 38.07 13.13
C LYS B 931 -41.58 39.40 13.85
N GLU B 932 -40.61 39.45 14.76
CA GLU B 932 -40.32 40.67 15.50
C GLU B 932 -39.38 41.59 14.73
N ASN B 933 -38.28 41.04 14.24
CA ASN B 933 -37.19 41.83 13.69
C ASN B 933 -37.33 42.24 12.22
N LYS B 934 -38.25 41.61 11.50
CA LYS B 934 -38.33 41.79 10.05
C LYS B 934 -38.55 43.23 9.62
N GLU B 935 -39.66 43.82 10.06
CA GLU B 935 -40.03 45.16 9.62
C GLU B 935 -38.94 46.20 9.89
N VAL B 936 -38.36 46.14 11.08
CA VAL B 936 -37.34 47.08 11.49
C VAL B 936 -36.06 46.92 10.66
N VAL B 937 -35.60 45.68 10.55
CA VAL B 937 -34.41 45.34 9.78
C VAL B 937 -34.54 45.75 8.33
N LEU B 938 -35.70 45.44 7.76
CA LEU B 938 -36.00 45.78 6.38
C LEU B 938 -35.83 47.28 6.16
N ASN B 939 -36.55 48.06 6.96
CA ASN B 939 -36.51 49.51 6.83
C ASN B 939 -35.12 50.09 7.02
N TRP B 940 -34.36 49.51 7.94
CA TRP B 940 -33.00 49.98 8.19
C TRP B 940 -32.11 49.78 6.96
N PHE B 941 -32.09 48.56 6.46
CA PHE B 941 -31.29 48.22 5.29
C PHE B 941 -31.74 49.02 4.06
N ILE B 942 -33.04 49.21 3.94
CA ILE B 942 -33.58 50.00 2.85
C ILE B 942 -33.03 51.41 2.89
N GLU B 943 -33.08 52.02 4.08
CA GLU B 943 -32.68 53.40 4.23
C GLU B 943 -31.19 53.63 4.00
N HIS B 944 -30.35 52.79 4.60
CA HIS B 944 -28.91 53.02 4.55
C HIS B 944 -28.23 52.46 3.31
N SER B 945 -29.02 52.19 2.28
CA SER B 945 -28.47 51.71 1.02
C SER B 945 -28.59 52.76 -0.07
N LEU B 946 -29.73 53.45 -0.05
CA LEU B 946 -30.04 54.47 -1.04
C LEU B 946 -28.88 55.45 -1.21
N VAL B 947 -28.32 55.47 -2.42
CA VAL B 947 -27.24 56.39 -2.75
C VAL B 947 -26.95 56.34 -4.24
N PRO C 283 41.26 25.52 -57.85
CA PRO C 283 41.32 24.35 -56.97
C PRO C 283 39.97 23.64 -56.87
N SER C 284 39.90 22.44 -57.43
CA SER C 284 38.67 21.65 -57.40
C SER C 284 38.20 21.36 -55.97
N PHE C 285 36.90 21.43 -55.76
CA PHE C 285 36.29 21.14 -54.45
C PHE C 285 35.96 19.67 -54.32
N LEU C 286 36.48 19.01 -53.28
CA LEU C 286 36.14 17.62 -53.01
C LEU C 286 35.16 17.53 -51.85
N THR C 287 34.42 16.42 -51.80
CA THR C 287 33.53 16.15 -50.68
C THR C 287 34.10 15.06 -49.79
N HIS C 288 34.32 15.40 -48.52
CA HIS C 288 34.86 14.46 -47.55
C HIS C 288 33.82 14.13 -46.49
N THR C 289 33.63 12.84 -46.23
CA THR C 289 32.69 12.41 -45.20
C THR C 289 33.44 11.86 -43.99
N ILE C 290 32.96 12.19 -42.80
CA ILE C 290 33.50 11.61 -41.59
C ILE C 290 32.50 10.59 -41.04
N VAL C 291 32.77 9.31 -41.30
CA VAL C 291 31.89 8.25 -40.81
C VAL C 291 32.04 8.10 -39.30
N ASN C 292 31.20 8.80 -38.56
CA ASN C 292 31.19 8.74 -37.10
C ASN C 292 30.45 7.48 -36.65
N ILE C 293 31.18 6.37 -36.58
CA ILE C 293 30.58 5.13 -36.08
C ILE C 293 30.81 5.02 -34.58
N THR C 294 29.72 4.92 -33.83
CA THR C 294 29.80 4.95 -32.38
C THR C 294 29.47 3.59 -31.77
N ILE C 295 30.46 3.00 -31.11
CA ILE C 295 30.26 1.72 -30.43
C ILE C 295 29.97 1.91 -28.95
N GLY C 296 28.78 1.48 -28.54
CA GLY C 296 28.40 1.53 -27.14
C GLY C 296 28.70 0.22 -26.45
N LEU C 297 29.92 0.08 -25.93
CA LEU C 297 30.34 -1.15 -25.29
C LEU C 297 29.48 -1.51 -24.08
N GLY C 298 29.48 -2.79 -23.75
CA GLY C 298 28.79 -3.30 -22.59
C GLY C 298 29.66 -4.37 -21.97
N MET C 299 29.88 -4.29 -20.67
CA MET C 299 30.74 -5.24 -20.00
C MET C 299 30.15 -5.67 -18.67
N LYS C 300 30.61 -6.81 -18.17
CA LYS C 300 30.14 -7.30 -16.88
C LYS C 300 31.20 -8.16 -16.18
N ARG C 301 31.18 -8.13 -14.86
CA ARG C 301 32.16 -8.82 -14.04
C ARG C 301 31.89 -10.33 -14.03
N SER C 302 32.87 -11.11 -14.45
CA SER C 302 32.69 -12.56 -14.57
C SER C 302 32.47 -13.20 -13.21
N GLY C 303 32.21 -14.50 -13.22
CA GLY C 303 32.02 -15.25 -11.98
C GLY C 303 33.29 -15.26 -11.16
N TYR C 304 34.42 -15.31 -11.85
CA TYR C 304 35.72 -15.31 -11.19
C TYR C 304 36.24 -13.89 -10.99
N GLY C 305 35.39 -12.91 -11.26
CA GLY C 305 35.73 -11.52 -11.05
C GLY C 305 36.47 -10.86 -12.20
N GLN C 306 36.57 -11.56 -13.32
CA GLN C 306 37.23 -11.00 -14.51
C GLN C 306 36.28 -10.06 -15.23
N PRO C 307 36.86 -9.14 -16.02
CA PRO C 307 36.07 -8.26 -16.89
C PRO C 307 35.87 -8.89 -18.26
N ILE C 308 34.68 -9.41 -18.52
CA ILE C 308 34.41 -10.00 -19.83
C ILE C 308 33.39 -9.16 -20.60
N ALA C 309 33.70 -8.91 -21.87
CA ALA C 309 32.88 -8.05 -22.71
C ALA C 309 31.67 -8.77 -23.27
N SER C 310 30.49 -8.28 -22.94
CA SER C 310 29.23 -8.87 -23.44
C SER C 310 29.05 -8.65 -24.93
N THR C 311 28.51 -9.64 -25.61
CA THR C 311 28.26 -9.53 -27.05
C THR C 311 27.02 -8.69 -27.34
N LEU C 312 26.39 -8.18 -26.29
CA LEU C 312 25.16 -7.40 -26.42
C LEU C 312 25.42 -5.91 -26.59
N SER C 313 26.69 -5.53 -26.76
CA SER C 313 27.05 -4.13 -26.91
C SER C 313 26.55 -3.58 -28.24
N ASN C 314 25.93 -2.41 -28.18
CA ASN C 314 25.37 -1.77 -29.36
C ASN C 314 26.45 -1.11 -30.20
N ILE C 315 26.21 -1.02 -31.50
CA ILE C 315 27.11 -0.32 -32.41
C ILE C 315 26.28 0.27 -33.53
N THR C 316 26.23 1.59 -33.60
CA THR C 316 25.33 2.28 -34.52
C THR C 316 26.07 3.11 -35.57
N LEU C 317 25.53 3.13 -36.79
CA LEU C 317 26.16 3.83 -37.90
C LEU C 317 25.41 5.11 -38.23
N PRO C 318 26.10 6.08 -38.86
CA PRO C 318 25.49 7.33 -39.31
C PRO C 318 24.21 7.08 -40.11
N MET C 319 23.17 7.85 -39.82
CA MET C 319 21.86 7.61 -40.41
C MET C 319 21.83 8.03 -41.87
N GLN C 320 21.24 7.19 -42.72
CA GLN C 320 21.21 7.45 -44.15
C GLN C 320 19.89 6.99 -44.77
N ASP C 321 19.31 7.84 -45.62
CA ASP C 321 18.05 7.56 -46.30
C ASP C 321 17.15 6.58 -45.55
N ASN C 322 17.61 5.36 -45.40
CA ASN C 322 16.96 4.39 -44.53
C ASN C 322 17.09 4.84 -43.07
N ASN C 323 17.21 3.89 -42.16
CA ASN C 323 17.71 4.15 -40.81
C ASN C 323 18.78 3.11 -40.50
N THR C 324 20.03 3.56 -40.43
CA THR C 324 21.15 2.74 -39.96
C THR C 324 21.14 1.28 -40.43
N ASP C 325 21.95 0.44 -39.78
CA ASP C 325 22.16 -0.95 -40.18
C ASP C 325 23.04 -1.04 -41.43
N VAL C 326 23.18 0.07 -42.14
CA VAL C 326 24.02 0.12 -43.34
C VAL C 326 24.38 1.54 -43.74
N TYR C 327 25.65 1.77 -44.06
CA TYR C 327 26.09 3.07 -44.53
C TYR C 327 27.06 2.93 -45.70
N CYS C 328 26.79 3.66 -46.77
CA CYS C 328 27.65 3.64 -47.96
C CYS C 328 28.28 5.00 -48.22
N VAL C 329 29.61 5.02 -48.29
CA VAL C 329 30.34 6.25 -48.55
C VAL C 329 30.01 6.77 -49.95
N ARG C 330 29.33 7.91 -50.01
CA ARG C 330 28.93 8.50 -51.29
C ARG C 330 29.56 9.86 -51.51
N SER C 331 30.86 9.95 -51.31
CA SER C 331 31.59 11.18 -51.57
C SER C 331 32.93 10.87 -52.19
N ASP C 332 33.76 11.91 -52.36
CA ASP C 332 35.07 11.75 -52.97
C ASP C 332 36.01 10.99 -52.05
N GLN C 333 36.00 11.36 -50.78
CA GLN C 333 36.88 10.72 -49.78
C GLN C 333 36.20 10.69 -48.42
N PHE C 334 36.72 9.86 -47.52
CA PHE C 334 36.13 9.73 -46.19
C PHE C 334 37.15 9.37 -45.12
N SER C 335 36.81 9.70 -43.88
CA SER C 335 37.64 9.39 -42.72
C SER C 335 36.78 8.63 -41.72
N VAL C 336 37.37 7.64 -41.05
CA VAL C 336 36.62 6.85 -40.09
C VAL C 336 37.00 7.21 -38.65
N TYR C 337 36.00 7.64 -37.89
CA TYR C 337 36.20 8.02 -36.49
C TYR C 337 35.35 7.16 -35.57
N VAL C 338 35.99 6.51 -34.60
CA VAL C 338 35.28 5.61 -33.69
C VAL C 338 34.98 6.27 -32.34
N HIS C 339 33.69 6.41 -32.03
CA HIS C 339 33.25 7.03 -30.79
C HIS C 339 32.82 5.97 -29.79
N SER C 340 33.67 5.70 -28.80
CA SER C 340 33.45 4.62 -27.86
C SER C 340 32.91 5.08 -26.51
N THR C 341 31.82 4.47 -26.07
CA THR C 341 31.32 4.65 -24.72
C THR C 341 31.62 3.37 -23.94
N CYS C 342 30.80 3.07 -22.95
CA CYS C 342 31.01 1.88 -22.12
C CYS C 342 30.08 1.88 -20.91
N LYS C 343 29.32 0.81 -20.74
CA LYS C 343 28.47 0.63 -19.57
C LYS C 343 28.58 -0.78 -19.03
N SER C 344 28.17 -0.98 -17.79
CA SER C 344 28.23 -2.32 -17.18
C SER C 344 26.85 -2.80 -16.75
N ALA C 345 26.74 -4.11 -16.53
CA ALA C 345 25.48 -4.69 -16.07
C ALA C 345 25.71 -5.96 -15.27
N LEU C 346 24.71 -6.34 -14.49
CA LEU C 346 24.74 -7.63 -13.78
C LEU C 346 24.04 -8.67 -14.65
N TRP C 347 23.78 -9.85 -14.08
CA TRP C 347 23.15 -10.92 -14.83
C TRP C 347 21.86 -10.48 -15.53
N ASP C 348 21.35 -9.31 -15.14
CA ASP C 348 20.09 -8.80 -15.67
C ASP C 348 20.27 -8.11 -17.02
N ASN C 349 21.47 -8.22 -17.60
CA ASN C 349 21.78 -7.62 -18.89
C ASN C 349 21.29 -6.17 -19.11
N VAL C 350 20.72 -5.55 -18.09
CA VAL C 350 20.38 -4.13 -18.15
C VAL C 350 21.62 -3.29 -17.83
N PHE C 351 21.99 -2.41 -18.74
CA PHE C 351 23.22 -1.64 -18.60
C PHE C 351 22.95 -0.19 -18.20
N LYS C 352 23.11 0.14 -16.92
CA LYS C 352 23.10 1.55 -16.53
C LYS C 352 24.44 2.08 -16.00
N ARG C 353 24.85 1.69 -14.79
CA ARG C 353 26.12 2.19 -14.25
C ARG C 353 27.26 2.00 -15.24
N ASN C 354 28.16 2.97 -15.29
CA ASN C 354 29.27 2.93 -16.24
C ASN C 354 30.43 2.10 -15.71
N CYS C 355 31.24 1.60 -16.63
CA CYS C 355 32.37 0.76 -16.25
C CYS C 355 33.29 1.50 -15.28
N THR C 356 33.17 1.19 -13.99
CA THR C 356 34.19 1.58 -13.03
C THR C 356 35.39 0.76 -13.46
N ASP C 357 36.09 0.07 -12.57
CA ASP C 357 37.10 -0.79 -13.18
C ASP C 357 37.64 -2.09 -12.61
N VAL C 358 38.78 -2.44 -13.20
CA VAL C 358 39.01 -3.69 -13.92
C VAL C 358 37.96 -3.85 -15.05
N LEU C 359 36.83 -3.15 -14.96
CA LEU C 359 35.79 -3.18 -15.99
C LEU C 359 35.95 -2.16 -17.12
N ASP C 360 36.66 -1.07 -16.87
CA ASP C 360 36.77 0.00 -17.86
C ASP C 360 37.44 -0.49 -19.14
N ALA C 361 36.82 -0.17 -20.28
CA ALA C 361 37.39 -0.50 -21.59
C ALA C 361 36.82 0.40 -22.69
N THR C 362 37.55 0.50 -23.79
CA THR C 362 37.09 1.29 -24.94
C THR C 362 37.16 0.49 -26.24
N ALA C 363 36.29 0.85 -27.18
CA ALA C 363 36.13 0.09 -28.41
C ALA C 363 37.27 0.29 -29.39
N VAL C 364 37.74 -0.82 -29.95
CA VAL C 364 38.74 -0.81 -31.00
C VAL C 364 38.21 -1.64 -32.17
N ILE C 365 38.47 -1.17 -33.39
CA ILE C 365 38.06 -1.90 -34.58
C ILE C 365 39.22 -2.72 -35.12
N LYS C 366 39.34 -3.96 -34.65
CA LYS C 366 40.44 -4.83 -35.04
C LYS C 366 40.41 -5.19 -36.52
N THR C 367 41.58 -5.53 -37.05
CA THR C 367 41.68 -6.03 -38.41
C THR C 367 41.07 -7.42 -38.46
N GLY C 368 39.92 -7.55 -39.10
CA GLY C 368 39.19 -8.80 -39.13
C GLY C 368 39.61 -9.75 -40.23
N THR C 369 38.75 -9.88 -41.24
CA THR C 369 39.01 -10.79 -42.35
C THR C 369 39.19 -10.01 -43.64
N CYS C 370 39.43 -8.71 -43.52
CA CYS C 370 39.64 -7.84 -44.67
C CYS C 370 41.13 -7.63 -44.95
N PRO C 371 41.48 -7.38 -46.21
CA PRO C 371 42.88 -7.19 -46.61
C PRO C 371 43.34 -5.76 -46.39
N PHE C 372 42.78 -5.10 -45.38
CA PHE C 372 43.11 -3.71 -45.10
C PHE C 372 42.52 -3.29 -43.76
N SER C 373 43.03 -2.20 -43.21
CA SER C 373 42.55 -1.71 -41.91
C SER C 373 42.59 -0.20 -41.83
N PHE C 374 41.88 0.34 -40.84
CA PHE C 374 41.84 1.77 -40.61
C PHE C 374 43.11 2.26 -39.94
N ASP C 375 43.62 1.48 -38.99
CA ASP C 375 44.84 1.82 -38.24
C ASP C 375 45.82 2.63 -39.07
N LYS C 376 46.11 3.85 -38.62
CA LYS C 376 46.96 4.80 -39.35
C LYS C 376 48.20 4.13 -39.93
N LEU C 377 48.57 4.55 -41.15
CA LEU C 377 49.71 3.97 -41.86
C LEU C 377 49.72 4.45 -43.31
N TYR C 380 45.77 4.99 -46.31
CA TYR C 380 45.56 5.65 -47.59
C TYR C 380 45.00 4.69 -48.64
N LEU C 381 43.99 3.93 -48.26
CA LEU C 381 43.35 3.01 -49.20
C LEU C 381 42.55 3.79 -50.23
N THR C 382 42.15 3.11 -51.30
CA THR C 382 41.31 3.71 -52.33
C THR C 382 40.33 2.68 -52.88
N PHE C 383 39.05 3.00 -52.85
CA PHE C 383 38.03 2.06 -53.29
C PHE C 383 37.17 2.67 -54.39
N ASN C 384 36.33 1.84 -55.01
CA ASN C 384 35.36 2.33 -55.99
C ASN C 384 33.98 2.25 -55.38
N LYS C 385 33.94 1.74 -54.15
CA LYS C 385 32.70 1.60 -53.39
C LYS C 385 33.02 1.07 -51.99
N PHE C 386 32.46 1.73 -50.96
CA PHE C 386 32.73 1.33 -49.58
C PHE C 386 31.49 1.46 -48.71
N CYS C 387 31.02 0.33 -48.17
CA CYS C 387 29.82 0.31 -47.35
C CYS C 387 30.02 -0.44 -46.04
N LEU C 388 29.58 0.16 -44.94
CA LEU C 388 29.60 -0.50 -43.64
C LEU C 388 28.21 -1.02 -43.30
N SER C 389 28.14 -2.26 -42.81
CA SER C 389 26.85 -2.87 -42.51
C SER C 389 26.88 -3.72 -41.25
N LEU C 390 25.76 -3.75 -40.54
CA LEU C 390 25.61 -4.58 -39.36
C LEU C 390 25.17 -5.97 -39.79
N SER C 391 24.46 -6.05 -40.90
CA SER C 391 24.03 -7.33 -41.45
C SER C 391 25.19 -8.02 -42.14
N PRO C 392 25.32 -9.34 -41.91
CA PRO C 392 26.35 -10.15 -42.56
C PRO C 392 25.90 -10.44 -43.98
N VAL C 393 24.75 -9.88 -44.32
CA VAL C 393 24.06 -10.19 -45.56
C VAL C 393 24.47 -9.24 -46.70
N GLY C 394 25.10 -9.81 -47.72
CA GLY C 394 25.64 -9.05 -48.84
C GLY C 394 27.05 -8.58 -48.58
N ALA C 395 27.86 -9.42 -47.91
CA ALA C 395 29.13 -8.95 -47.38
C ALA C 395 30.41 -9.59 -47.97
N ASN C 396 31.49 -8.80 -48.04
CA ASN C 396 32.83 -9.25 -48.43
C ASN C 396 33.56 -9.91 -47.30
N CYS C 397 34.01 -9.05 -46.40
CA CYS C 397 34.77 -9.41 -45.23
C CYS C 397 34.17 -8.64 -44.07
N LYS C 398 34.74 -8.81 -42.88
CA LYS C 398 34.24 -8.11 -41.70
C LYS C 398 35.38 -7.64 -40.81
N PHE C 399 35.14 -6.56 -40.07
CA PHE C 399 36.06 -6.11 -39.02
C PHE C 399 35.57 -6.60 -37.67
N ASP C 400 36.48 -6.78 -36.72
CA ASP C 400 36.12 -7.20 -35.38
C ASP C 400 36.15 -6.02 -34.41
N VAL C 401 34.98 -5.55 -34.00
CA VAL C 401 34.93 -4.52 -32.97
C VAL C 401 35.15 -5.22 -31.63
N ALA C 402 36.13 -4.76 -30.87
CA ALA C 402 36.50 -5.41 -29.62
C ALA C 402 36.65 -4.42 -28.48
N ALA C 403 36.47 -4.91 -27.26
CA ALA C 403 36.64 -4.09 -26.06
C ALA C 403 38.07 -4.20 -25.55
N ARG C 404 38.79 -3.08 -25.59
CA ARG C 404 40.17 -3.04 -25.13
C ARG C 404 40.24 -2.82 -23.63
N THR C 405 40.11 -3.91 -22.87
CA THR C 405 40.19 -3.81 -21.42
C THR C 405 41.64 -3.64 -20.99
N ARG C 406 41.88 -3.73 -19.70
CA ARG C 406 43.24 -3.63 -19.17
C ARG C 406 43.92 -5.00 -19.19
N THR C 407 44.68 -5.25 -20.25
CA THR C 407 45.43 -6.49 -20.45
C THR C 407 44.69 -7.48 -21.35
N ASN C 408 43.68 -7.00 -22.05
CA ASN C 408 42.79 -7.89 -22.78
C ASN C 408 42.13 -7.23 -23.98
N ASP C 409 41.95 -8.01 -25.04
CA ASP C 409 41.15 -7.59 -26.18
C ASP C 409 40.11 -8.66 -26.43
N GLN C 410 38.85 -8.32 -26.19
CA GLN C 410 37.76 -9.27 -26.38
C GLN C 410 36.87 -8.81 -27.53
N VAL C 411 36.72 -9.67 -28.53
CA VAL C 411 35.84 -9.36 -29.64
C VAL C 411 34.39 -9.40 -29.15
N VAL C 412 33.59 -8.44 -29.61
CA VAL C 412 32.22 -8.29 -29.11
C VAL C 412 31.19 -8.42 -30.22
N ARG C 413 31.45 -7.70 -31.32
CA ARG C 413 30.56 -7.71 -32.44
C ARG C 413 31.40 -7.67 -33.70
N SER C 414 30.77 -7.78 -34.85
CA SER C 414 31.49 -7.71 -36.11
C SER C 414 30.97 -6.57 -36.96
N LEU C 415 31.88 -5.89 -37.64
CA LEU C 415 31.52 -4.81 -38.55
C LEU C 415 31.71 -5.30 -39.98
N TYR C 416 30.60 -5.54 -40.68
CA TYR C 416 30.69 -6.02 -42.05
C TYR C 416 30.92 -4.88 -43.02
N VAL C 417 31.79 -5.10 -44.00
CA VAL C 417 32.09 -4.11 -45.00
C VAL C 417 31.83 -4.65 -46.41
N ILE C 418 31.08 -3.88 -47.18
CA ILE C 418 30.84 -4.19 -48.59
C ILE C 418 31.70 -3.27 -49.43
N TYR C 419 32.70 -3.84 -50.11
CA TYR C 419 33.62 -3.02 -50.89
C TYR C 419 33.85 -3.55 -52.29
N GLU C 420 33.91 -2.64 -53.25
CA GLU C 420 34.30 -2.96 -54.60
C GLU C 420 35.48 -2.07 -54.95
N GLU C 421 36.62 -2.68 -55.25
CA GLU C 421 37.88 -1.95 -55.39
C GLU C 421 37.98 -1.13 -56.67
N GLY C 422 38.56 0.07 -56.54
CA GLY C 422 38.70 0.97 -57.66
C GLY C 422 39.64 2.13 -57.35
N ASP C 423 39.27 3.33 -57.82
CA ASP C 423 40.16 4.48 -57.69
C ASP C 423 39.39 5.81 -57.69
N SER C 424 38.09 5.75 -57.42
CA SER C 424 37.28 6.97 -57.43
C SER C 424 37.07 7.57 -56.03
N ILE C 425 36.93 6.70 -55.04
CA ILE C 425 36.69 7.16 -53.67
C ILE C 425 37.83 6.79 -52.71
N VAL C 426 38.48 7.80 -52.14
CA VAL C 426 39.68 7.64 -51.32
C VAL C 426 39.35 7.45 -49.85
N LEU C 427 40.36 7.10 -49.06
CA LEU C 427 40.19 6.93 -47.62
C LEU C 427 41.34 7.60 -46.89
N VAL C 428 41.03 8.72 -46.24
CA VAL C 428 42.01 9.48 -45.48
C VAL C 428 42.00 9.10 -44.01
N PRO C 429 43.13 8.62 -43.48
CA PRO C 429 43.19 8.23 -42.06
C PRO C 429 43.15 9.44 -41.13
N ARG C 430 42.89 9.19 -39.84
CA ARG C 430 42.91 10.25 -38.83
C ARG C 430 41.70 11.17 -38.97
N PRO D 283 38.52 53.63 -30.73
CA PRO D 283 39.48 54.54 -30.10
C PRO D 283 40.44 55.14 -31.13
N SER D 284 40.01 55.21 -32.38
CA SER D 284 40.83 55.71 -33.48
C SER D 284 41.70 56.91 -33.09
N PHE D 285 41.52 57.40 -31.86
CA PHE D 285 42.34 58.47 -31.31
C PHE D 285 42.13 58.58 -29.81
N LEU D 286 40.89 58.36 -29.37
CA LEU D 286 40.52 58.47 -27.97
C LEU D 286 39.77 57.24 -27.47
N THR D 287 39.73 57.06 -26.15
CA THR D 287 39.05 55.90 -25.56
C THR D 287 37.54 56.12 -25.42
N HIS D 288 36.77 55.20 -26.00
CA HIS D 288 35.31 55.25 -25.95
C HIS D 288 34.74 53.98 -25.32
N THR D 289 33.92 54.16 -24.29
CA THR D 289 33.31 53.03 -23.58
C THR D 289 31.85 52.86 -23.97
N ILE D 290 31.44 51.61 -24.14
CA ILE D 290 30.02 51.31 -24.35
C ILE D 290 29.43 50.70 -23.08
N VAL D 291 28.73 51.52 -22.31
CA VAL D 291 28.13 51.05 -21.08
C VAL D 291 26.94 50.11 -21.34
N ASN D 292 27.24 48.83 -21.45
CA ASN D 292 26.22 47.83 -21.68
C ASN D 292 25.42 47.56 -20.42
N ILE D 293 24.40 48.38 -20.18
CA ILE D 293 23.52 48.18 -19.04
C ILE D 293 22.35 47.28 -19.44
N THR D 294 22.23 46.15 -18.78
CA THR D 294 21.22 45.17 -19.15
C THR D 294 20.14 45.05 -18.09
N ILE D 295 18.92 45.42 -18.46
CA ILE D 295 17.78 45.25 -17.58
C ILE D 295 17.13 43.91 -17.88
N GLY D 296 16.71 43.21 -16.83
CA GLY D 296 15.99 41.96 -16.98
C GLY D 296 14.58 42.12 -16.45
N LEU D 297 13.71 42.66 -17.28
CA LEU D 297 12.34 42.94 -16.86
C LEU D 297 11.66 41.71 -16.29
N GLY D 298 10.69 41.95 -15.41
CA GLY D 298 9.85 40.90 -14.88
C GLY D 298 8.42 41.37 -14.86
N MET D 299 7.52 40.59 -15.44
CA MET D 299 6.13 40.99 -15.54
C MET D 299 5.17 39.87 -15.18
N LYS D 300 3.92 40.23 -14.90
CA LYS D 300 2.91 39.26 -14.51
C LYS D 300 1.51 39.77 -14.84
N ARG D 301 0.61 38.83 -15.14
CA ARG D 301 -0.77 39.16 -15.44
C ARG D 301 -1.55 39.60 -14.21
N SER D 302 -2.18 40.78 -14.30
CA SER D 302 -2.95 41.29 -13.19
C SER D 302 -4.18 40.43 -12.96
N GLY D 303 -4.87 40.66 -11.85
CA GLY D 303 -6.09 39.94 -11.55
C GLY D 303 -7.16 40.20 -12.58
N TYR D 304 -7.17 41.42 -13.12
CA TYR D 304 -8.13 41.82 -14.13
C TYR D 304 -7.62 41.47 -15.53
N GLY D 305 -6.49 40.78 -15.58
CA GLY D 305 -5.93 40.35 -16.84
C GLY D 305 -5.00 41.36 -17.51
N GLN D 306 -4.70 42.44 -16.80
CA GLN D 306 -3.78 43.45 -17.32
C GLN D 306 -2.32 43.02 -17.13
N PRO D 307 -1.44 43.52 -18.00
CA PRO D 307 0.01 43.31 -17.83
C PRO D 307 0.60 44.38 -16.92
N ILE D 308 0.93 44.02 -15.70
CA ILE D 308 1.56 44.97 -14.80
C ILE D 308 3.01 44.57 -14.49
N ALA D 309 3.92 45.53 -14.59
CA ALA D 309 5.34 45.27 -14.45
C ALA D 309 5.77 45.18 -12.99
N SER D 310 6.36 44.04 -12.63
CA SER D 310 6.82 43.82 -11.27
C SER D 310 8.08 44.62 -10.96
N THR D 311 8.13 45.20 -9.77
CA THR D 311 9.28 45.99 -9.35
C THR D 311 10.46 45.11 -8.94
N LEU D 312 10.32 43.81 -9.14
CA LEU D 312 11.39 42.87 -8.79
C LEU D 312 12.31 42.60 -9.98
N SER D 313 12.13 43.34 -11.06
CA SER D 313 12.95 43.16 -12.25
C SER D 313 14.41 43.53 -11.99
N ASN D 314 15.32 42.69 -12.49
CA ASN D 314 16.74 42.92 -12.29
C ASN D 314 17.32 43.91 -13.27
N ILE D 315 18.34 44.64 -12.84
CA ILE D 315 19.04 45.59 -13.69
C ILE D 315 20.51 45.62 -13.28
N THR D 316 21.38 45.13 -14.16
CA THR D 316 22.79 44.96 -13.83
C THR D 316 23.68 45.88 -14.66
N LEU D 317 24.78 46.33 -14.05
CA LEU D 317 25.72 47.23 -14.71
C LEU D 317 27.03 46.51 -15.04
N PRO D 318 27.75 47.02 -16.05
CA PRO D 318 29.06 46.46 -16.43
C PRO D 318 29.98 46.30 -15.23
N MET D 319 30.53 45.11 -15.05
CA MET D 319 31.39 44.83 -13.90
C MET D 319 32.64 45.70 -13.91
N GLN D 320 32.90 46.36 -12.79
CA GLN D 320 34.05 47.27 -12.69
C GLN D 320 34.81 47.11 -11.37
N ASP D 325 25.11 48.47 -6.57
CA ASP D 325 26.29 48.35 -7.41
C ASP D 325 26.46 49.56 -8.34
N VAL D 326 27.65 49.73 -8.87
CA VAL D 326 28.05 51.01 -9.45
C VAL D 326 29.04 50.94 -10.63
N TYR D 327 28.91 51.90 -11.54
CA TYR D 327 29.86 52.05 -12.65
C TYR D 327 30.18 53.53 -12.88
N CYS D 328 31.45 53.83 -13.09
CA CYS D 328 31.88 55.19 -13.41
C CYS D 328 32.62 55.23 -14.74
N VAL D 329 32.17 56.09 -15.64
CA VAL D 329 32.80 56.23 -16.94
C VAL D 329 34.21 56.80 -16.81
N ARG D 330 35.20 55.99 -17.11
CA ARG D 330 36.60 56.40 -17.01
C ARG D 330 37.29 56.34 -18.35
N SER D 331 36.76 57.09 -19.31
CA SER D 331 37.38 57.22 -20.62
C SER D 331 37.07 58.59 -21.20
N ASP D 332 37.51 58.82 -22.43
CA ASP D 332 37.33 60.11 -23.08
C ASP D 332 35.86 60.35 -23.43
N GLN D 333 35.19 59.32 -23.93
CA GLN D 333 33.78 59.41 -24.25
C GLN D 333 33.09 58.07 -24.03
N PHE D 334 31.76 58.08 -24.02
CA PHE D 334 31.00 56.86 -23.78
C PHE D 334 29.63 56.86 -24.44
N SER D 335 29.12 55.67 -24.74
CA SER D 335 27.82 55.52 -25.35
C SER D 335 26.99 54.62 -24.45
N VAL D 336 25.68 54.86 -24.39
CA VAL D 336 24.82 54.04 -23.54
C VAL D 336 23.92 53.12 -24.36
N TYR D 337 24.09 51.82 -24.16
CA TYR D 337 23.29 50.81 -24.85
C TYR D 337 22.49 50.00 -23.84
N VAL D 338 21.18 49.91 -24.04
CA VAL D 338 20.32 49.18 -23.13
C VAL D 338 19.91 47.82 -23.68
N HIS D 339 20.28 46.77 -22.94
CA HIS D 339 19.99 45.40 -23.34
C HIS D 339 18.81 44.85 -22.53
N SER D 340 17.64 44.80 -23.16
CA SER D 340 16.41 44.41 -22.47
C SER D 340 16.00 42.96 -22.73
N THR D 341 15.72 42.23 -21.66
CA THR D 341 15.12 40.91 -21.75
C THR D 341 13.64 41.03 -21.40
N CYS D 342 13.12 40.05 -20.66
CA CYS D 342 11.71 40.03 -20.26
C CYS D 342 11.22 38.64 -19.88
N LYS D 343 10.86 38.46 -18.61
CA LYS D 343 10.27 37.20 -18.15
C LYS D 343 8.99 37.43 -17.36
N SER D 344 8.14 36.41 -17.29
CA SER D 344 6.89 36.51 -16.55
C SER D 344 6.85 35.51 -15.39
N ALA D 345 5.90 35.72 -14.48
CA ALA D 345 5.74 34.83 -13.33
C ALA D 345 4.35 34.90 -12.75
N LEU D 346 3.99 33.90 -11.95
CA LEU D 346 2.73 33.89 -11.24
C LEU D 346 2.96 34.40 -9.82
N TRP D 347 1.93 34.32 -8.98
CA TRP D 347 2.00 34.85 -7.63
C TRP D 347 3.32 34.54 -6.91
N ASP D 348 3.86 33.35 -7.14
CA ASP D 348 5.09 32.94 -6.46
C ASP D 348 6.33 33.71 -6.90
N ASN D 349 6.13 34.75 -7.71
CA ASN D 349 7.22 35.64 -8.13
C ASN D 349 8.47 34.93 -8.65
N VAL D 350 8.34 33.68 -9.06
CA VAL D 350 9.45 32.99 -9.70
C VAL D 350 9.31 33.10 -11.22
N PHE D 351 10.22 33.85 -11.84
CA PHE D 351 10.13 34.16 -13.26
C PHE D 351 10.85 33.14 -14.13
N LYS D 352 10.12 32.19 -14.70
CA LYS D 352 10.73 31.22 -15.59
C LYS D 352 10.36 31.39 -17.06
N ARG D 353 9.06 31.48 -17.36
CA ARG D 353 8.62 31.64 -18.74
C ARG D 353 8.79 33.06 -19.26
N ASN D 354 8.90 33.20 -20.58
CA ASN D 354 9.07 34.51 -21.20
C ASN D 354 7.73 35.19 -21.48
N CYS D 355 7.74 36.51 -21.50
CA CYS D 355 6.52 37.28 -21.73
C CYS D 355 5.91 36.95 -23.08
N THR D 356 4.67 36.44 -23.06
CA THR D 356 3.96 36.11 -24.28
C THR D 356 3.01 37.25 -24.65
N ASP D 357 1.94 36.89 -25.37
CA ASP D 357 0.92 37.84 -25.81
C ASP D 357 1.07 39.26 -25.25
N VAL D 358 0.16 39.65 -24.35
CA VAL D 358 0.10 41.03 -23.89
C VAL D 358 1.11 41.37 -22.80
N LEU D 359 1.77 40.34 -22.26
CA LEU D 359 2.80 40.56 -21.25
C LEU D 359 4.11 41.06 -21.85
N ASP D 360 4.29 40.87 -23.14
CA ASP D 360 5.54 41.24 -23.80
C ASP D 360 5.84 42.73 -23.67
N ALA D 361 7.03 43.03 -23.16
CA ALA D 361 7.48 44.41 -23.03
C ALA D 361 9.00 44.45 -23.01
N THR D 362 9.57 45.56 -23.47
CA THR D 362 11.01 45.77 -23.42
C THR D 362 11.27 47.03 -22.62
N ALA D 363 12.48 47.18 -22.10
CA ALA D 363 12.75 48.29 -21.18
C ALA D 363 13.24 49.56 -21.84
N VAL D 364 12.74 50.66 -21.30
CA VAL D 364 13.11 51.98 -21.74
C VAL D 364 13.67 52.72 -20.53
N ILE D 365 14.66 53.58 -20.76
CA ILE D 365 15.17 54.43 -19.68
C ILE D 365 14.59 55.84 -19.79
N LYS D 366 13.48 56.06 -19.10
CA LYS D 366 12.76 57.32 -19.16
C LYS D 366 13.56 58.48 -18.57
N THR D 367 13.27 59.68 -19.05
CA THR D 367 13.81 60.90 -18.45
C THR D 367 13.28 61.04 -17.03
N GLY D 368 14.12 60.77 -16.05
CA GLY D 368 13.70 60.81 -14.66
C GLY D 368 13.69 62.20 -14.08
N THR D 369 14.61 62.46 -13.15
CA THR D 369 14.71 63.75 -12.48
C THR D 369 16.01 64.46 -12.84
N CYS D 370 16.61 64.04 -13.96
CA CYS D 370 17.86 64.66 -14.43
C CYS D 370 17.57 65.66 -15.55
N PRO D 371 18.44 66.67 -15.68
CA PRO D 371 18.29 67.70 -16.71
C PRO D 371 18.87 67.27 -18.04
N PHE D 372 18.74 65.98 -18.36
CA PHE D 372 19.28 65.43 -19.61
C PHE D 372 18.82 63.99 -19.82
N SER D 373 18.95 63.50 -21.05
CA SER D 373 18.60 62.12 -21.35
C SER D 373 19.45 61.54 -22.47
N PHE D 374 19.46 60.21 -22.55
CA PHE D 374 20.25 59.52 -23.56
C PHE D 374 19.44 59.39 -24.84
N ASP D 375 19.10 60.53 -25.43
CA ASP D 375 18.33 60.58 -26.68
C ASP D 375 18.91 61.63 -27.64
N TYR D 380 24.94 67.26 -28.75
CA TYR D 380 26.06 66.82 -27.93
C TYR D 380 25.93 67.27 -26.48
N LEU D 381 26.65 66.57 -25.60
CA LEU D 381 26.58 66.81 -24.17
C LEU D 381 27.93 66.48 -23.56
N THR D 382 28.37 67.27 -22.59
CA THR D 382 29.71 67.08 -22.01
C THR D 382 29.68 67.07 -20.49
N PHE D 383 30.48 66.18 -19.90
CA PHE D 383 30.60 66.11 -18.45
C PHE D 383 32.04 66.18 -17.98
N ASN D 384 32.24 66.08 -16.66
CA ASN D 384 33.56 66.00 -16.07
C ASN D 384 33.63 64.75 -15.19
N LYS D 385 32.51 64.05 -15.13
CA LYS D 385 32.34 62.86 -14.30
C LYS D 385 30.95 62.29 -14.54
N PHE D 386 30.84 60.97 -14.69
CA PHE D 386 29.55 60.33 -14.91
C PHE D 386 29.53 58.92 -14.33
N CYS D 387 28.62 58.69 -13.37
CA CYS D 387 28.54 57.41 -12.70
C CYS D 387 27.12 56.88 -12.59
N LEU D 388 26.92 55.63 -12.98
CA LEU D 388 25.63 54.97 -12.83
C LEU D 388 25.65 54.11 -11.57
N SER D 389 24.61 54.24 -10.76
CA SER D 389 24.55 53.49 -9.50
C SER D 389 23.15 52.96 -9.20
N LEU D 390 23.09 51.83 -8.50
CA LEU D 390 21.81 51.21 -8.15
C LEU D 390 21.27 51.78 -6.84
N SER D 391 22.12 52.47 -6.10
CA SER D 391 21.71 53.09 -4.84
C SER D 391 21.58 54.60 -5.02
N PRO D 392 20.66 55.23 -4.27
CA PRO D 392 20.69 56.69 -4.21
C PRO D 392 21.72 57.14 -3.18
N VAL D 393 22.67 56.26 -2.85
CA VAL D 393 23.75 56.61 -1.93
C VAL D 393 24.42 57.87 -2.40
N GLY D 394 23.88 59.01 -1.97
CA GLY D 394 24.32 60.30 -2.44
C GLY D 394 23.72 60.58 -3.80
N ALA D 395 24.48 60.27 -4.86
CA ALA D 395 24.03 60.52 -6.22
C ALA D 395 23.53 61.95 -6.40
N ASN D 396 22.91 62.22 -7.54
CA ASN D 396 22.35 63.54 -7.80
C ASN D 396 20.89 63.47 -8.21
N CYS D 397 20.63 62.91 -9.39
CA CYS D 397 19.28 62.66 -9.86
C CYS D 397 19.15 61.19 -10.27
N LYS D 398 17.99 60.82 -10.80
CA LYS D 398 17.76 59.44 -11.18
C LYS D 398 16.95 59.31 -12.46
N PHE D 399 17.23 58.26 -13.22
CA PHE D 399 16.42 57.92 -14.38
C PHE D 399 15.40 56.88 -13.98
N ASP D 400 14.33 56.76 -14.76
CA ASP D 400 13.31 55.77 -14.50
C ASP D 400 13.35 54.65 -15.55
N VAL D 401 13.79 53.47 -15.13
CA VAL D 401 13.76 52.31 -16.02
C VAL D 401 12.35 51.74 -16.02
N ALA D 402 11.73 51.68 -17.18
CA ALA D 402 10.33 51.31 -17.28
C ALA D 402 10.09 50.20 -18.29
N ALA D 403 8.98 49.50 -18.13
CA ALA D 403 8.56 48.47 -19.08
C ALA D 403 7.61 49.07 -20.10
N ARG D 404 8.02 49.06 -21.36
CA ARG D 404 7.21 49.63 -22.44
C ARG D 404 6.31 48.58 -23.06
N THR D 405 5.04 48.60 -22.71
CA THR D 405 4.07 47.66 -23.28
C THR D 405 3.19 48.38 -24.31
N ARG D 406 2.54 47.60 -25.15
CA ARG D 406 1.77 48.14 -26.27
C ARG D 406 0.85 49.31 -25.90
N THR D 407 0.37 49.29 -24.66
CA THR D 407 -0.59 50.32 -24.22
C THR D 407 0.07 51.44 -23.43
N ASN D 408 0.83 51.08 -22.40
CA ASN D 408 1.44 52.08 -21.52
C ASN D 408 2.87 51.77 -21.13
N ASP D 409 3.49 52.72 -20.42
CA ASP D 409 4.82 52.53 -19.84
C ASP D 409 4.71 52.53 -18.32
N GLN D 410 5.22 51.48 -17.69
CA GLN D 410 5.22 51.39 -16.24
C GLN D 410 6.63 51.45 -15.68
N VAL D 411 6.84 52.34 -14.72
CA VAL D 411 8.12 52.46 -14.04
C VAL D 411 8.35 51.27 -13.11
N VAL D 412 9.54 50.68 -13.20
CA VAL D 412 9.84 49.46 -12.46
C VAL D 412 10.90 49.70 -11.40
N ARG D 413 11.99 50.36 -11.82
CA ARG D 413 13.11 50.62 -10.94
C ARG D 413 13.72 51.98 -11.27
N SER D 414 14.68 52.42 -10.47
CA SER D 414 15.32 53.72 -10.70
C SER D 414 16.82 53.59 -10.90
N LEU D 415 17.33 54.29 -11.91
CA LEU D 415 18.75 54.28 -12.22
C LEU D 415 19.35 55.60 -11.74
N TYR D 416 20.18 55.51 -10.70
CA TYR D 416 20.75 56.69 -10.08
C TYR D 416 22.06 57.09 -10.75
N VAL D 417 22.19 58.36 -11.07
CA VAL D 417 23.38 58.87 -11.76
C VAL D 417 24.12 59.90 -10.90
N ILE D 418 25.41 59.65 -10.70
CA ILE D 418 26.29 60.59 -10.03
C ILE D 418 27.08 61.36 -11.07
N TYR D 419 26.75 62.64 -11.27
CA TYR D 419 27.44 63.42 -12.29
C TYR D 419 27.97 64.75 -11.77
N GLU D 420 29.19 65.08 -12.20
CA GLU D 420 29.77 66.40 -11.96
C GLU D 420 30.10 67.01 -13.31
N GLU D 421 29.50 68.16 -13.60
CA GLU D 421 29.56 68.75 -14.93
C GLU D 421 30.87 69.45 -15.26
N GLY D 422 31.31 69.31 -16.51
CA GLY D 422 32.56 69.89 -16.97
C GLY D 422 32.70 69.83 -18.48
N ASP D 423 33.87 69.40 -18.95
CA ASP D 423 34.13 69.38 -20.39
C ASP D 423 35.23 68.39 -20.79
N SER D 424 35.51 67.40 -19.94
CA SER D 424 36.58 66.44 -20.21
C SER D 424 36.05 65.14 -20.81
N ILE D 425 34.88 64.71 -20.35
CA ILE D 425 34.30 63.43 -20.76
C ILE D 425 33.00 63.62 -21.52
N VAL D 426 32.97 63.15 -22.76
CA VAL D 426 31.85 63.40 -23.67
C VAL D 426 30.89 62.21 -23.76
N LEU D 427 29.69 62.48 -24.26
CA LEU D 427 28.67 61.45 -24.41
C LEU D 427 28.14 61.40 -25.84
N VAL D 428 28.44 60.31 -26.55
CA VAL D 428 27.96 60.11 -27.90
C VAL D 428 26.74 59.20 -27.91
N PRO D 429 25.64 59.65 -28.55
CA PRO D 429 24.40 58.87 -28.61
C PRO D 429 24.48 57.71 -29.60
#